data_4HZK
#
_entry.id   4HZK
#
_cell.length_a   89.820
_cell.length_b   89.820
_cell.length_c   316.200
_cell.angle_alpha   90.000
_cell.angle_beta   90.000
_cell.angle_gamma   120.000
#
_symmetry.space_group_name_H-M   'P 31'
#
_entity_poly.entity_id   1
_entity_poly.type   'polypeptide(L)'
_entity_poly.pdbx_seq_one_letter_code
;GAAASGSEFMPVSVEELDATVRAFYEGRGEQQKAAQAALNQFKEDPDAWLMVDEILSRATYEQTKFLALQVLDNVIMTRW
KVLPREQCQGIRNFVVQYILQCSSSEESLRTHRTLLNKLNLVLVSVLKQEWPHNWPTFINEIVSACHSSLSVCENNMIIL
RLLSEEVFDYSADQMTSTKTRNLKSTMCAEFSMIFQLCQEILNSATQPSLIKATLETLLRFCNWIPLGYIFETPLIDTLR
TRFLEVPEFRNVTLQCLTEIGGLQTGGPGQPHTYDEQLIKMFTEVLTTISNIIPLQMDLKATYPNSNSRDQEFIQNLALF
LTSFFTMHLPLIENLPNRDFLTHGHFYLIRISQIDDREIFKICLDYWLKLVQELYEEMQSLPLNDMSSMGLGMMSGGGAP
NPALLEHYPLRKHKYKEVLSNLRVVMIEKMVRPEEVLIVENDEGEIVREFVKDTDSVQLYKTIRECLVYLTHLDVVDMEQ
IMTEKLARQVDGSEWSWHNCNVLCWAIGSISMAMNEETEKRFLVTVIKDLLGLTEMKRGKDNKAVVASNIMYIVGQYPRF
LKAHWKFLKTVVNKLFEFMHESHEGVQDMACDTFIKIAKQCRRHFVALQPSENEPFIEEIIRNIGKITCDLTPQQVHTFY
EACGYMVSAQGNRNQQERLLAELMAIPNAAWDEIIKAATMNPGILHEPDTIKIIGNIMKTNVSACSSIGPYFFPQIGRLY
NDMLQMYAATSQLISEAVARDGEIATKMPKVRGLRTIKKEILKLVETFVEKAEDLQAVRSQMIPGLLDSVLVDYNRNVPG
ARDAEVLKAMTVIITRLQGLMEDQVPAIMENVFECTLDMINKDFAEYPEHRVEFFNLLRAINLYCFPALLKLDNRQFKFV
IDSCMWASKHDNRDVETAGLNMCLELINNIAEKTDVQTCNAFFNQFFIRILQDVFFVLTDTDHKAGFKTQSMLLMRLFYF
VHPADGSAPKIQGPIYQPDQAQPGTGNREFLANFVGTLLQNAFANLTPLQITTFVKDCFELNTQYDKFRVVLRDFLISLR
EFAGDNAELYQVEKEQQEREARAADLERRSKVGGLLKPSELEDEEL
;
_entity_poly.pdbx_strand_id   A,B
#
# COMPACT_ATOMS: atom_id res chain seq x y z
N GLU A 44 -3.86 -4.05 -24.17
CA GLU A 44 -3.91 -5.33 -23.45
C GLU A 44 -2.86 -6.30 -23.97
N ASP A 45 -1.60 -5.90 -23.78
CA ASP A 45 -0.42 -6.65 -24.22
C ASP A 45 -0.29 -7.06 -25.70
N PRO A 46 -0.86 -6.29 -26.66
CA PRO A 46 -0.46 -6.70 -28.01
C PRO A 46 0.99 -6.27 -28.19
N ASP A 47 1.28 -5.09 -27.64
CA ASP A 47 2.60 -4.47 -27.69
C ASP A 47 3.68 -5.29 -26.99
N ALA A 48 3.30 -6.24 -26.14
CA ALA A 48 4.28 -7.05 -25.41
C ALA A 48 4.97 -8.06 -26.35
N TRP A 49 4.17 -8.64 -27.24
CA TRP A 49 4.65 -9.61 -28.21
C TRP A 49 5.69 -8.94 -29.09
N LEU A 50 5.32 -7.78 -29.62
CA LEU A 50 6.22 -6.97 -30.42
C LEU A 50 7.40 -6.51 -29.57
N MET A 51 7.16 -6.31 -28.28
CA MET A 51 8.18 -5.83 -27.35
C MET A 51 9.34 -6.81 -27.24
N VAL A 52 9.04 -8.07 -26.98
CA VAL A 52 10.07 -9.07 -26.75
C VAL A 52 11.10 -9.14 -27.88
N ASP A 53 10.67 -8.86 -29.10
CA ASP A 53 11.54 -8.99 -30.28
C ASP A 53 12.05 -7.64 -30.82
N GLU A 54 11.12 -6.74 -31.16
CA GLU A 54 11.44 -5.48 -31.83
C GLU A 54 12.28 -4.49 -31.01
N ILE A 55 12.12 -4.53 -29.68
CA ILE A 55 12.82 -3.58 -28.81
C ILE A 55 14.33 -3.82 -28.80
N LEU A 56 15.07 -2.83 -28.31
CA LEU A 56 16.53 -2.90 -28.19
C LEU A 56 17.21 -3.15 -29.53
N GLU A 62 16.54 -3.84 -21.39
CA GLU A 62 15.72 -5.04 -21.32
C GLU A 62 14.82 -5.02 -20.09
N GLN A 63 14.97 -3.97 -19.28
CA GLN A 63 14.16 -3.83 -18.07
C GLN A 63 12.69 -3.65 -18.42
N THR A 64 12.43 -2.88 -19.47
CA THR A 64 11.08 -2.55 -19.89
C THR A 64 10.22 -3.75 -20.24
N LYS A 65 10.80 -4.74 -20.92
CA LYS A 65 10.04 -5.94 -21.27
C LYS A 65 9.70 -6.73 -20.00
N PHE A 66 10.61 -6.74 -19.03
CA PHE A 66 10.38 -7.43 -17.77
C PHE A 66 9.23 -6.72 -17.04
N LEU A 67 9.26 -5.40 -17.09
CA LEU A 67 8.25 -4.57 -16.46
C LEU A 67 6.91 -4.92 -17.08
N ALA A 68 6.91 -5.09 -18.40
CA ALA A 68 5.70 -5.42 -19.14
C ALA A 68 5.20 -6.78 -18.70
N LEU A 69 6.13 -7.69 -18.43
CA LEU A 69 5.78 -9.03 -17.99
C LEU A 69 5.08 -8.93 -16.64
N GLN A 70 5.62 -8.09 -15.76
CA GLN A 70 5.02 -7.90 -14.44
C GLN A 70 3.64 -7.27 -14.55
N VAL A 71 3.47 -6.36 -15.51
CA VAL A 71 2.14 -5.78 -15.76
C VAL A 71 1.18 -6.88 -16.21
N LEU A 72 1.68 -7.78 -17.05
CA LEU A 72 0.90 -8.90 -17.55
C LEU A 72 0.43 -9.81 -16.43
N ASP A 73 1.36 -10.15 -15.52
CA ASP A 73 1.06 -11.02 -14.41
C ASP A 73 0.05 -10.32 -13.48
N ASN A 74 0.33 -9.06 -13.18
CA ASN A 74 -0.51 -8.26 -12.30
C ASN A 74 -1.92 -8.16 -12.84
N VAL A 75 -2.04 -8.11 -14.17
CA VAL A 75 -3.33 -8.05 -14.83
C VAL A 75 -4.04 -9.40 -14.74
N ILE A 76 -3.31 -10.50 -14.96
CA ILE A 76 -3.91 -11.83 -14.93
C ILE A 76 -4.42 -12.13 -13.53
N MET A 77 -3.67 -11.68 -12.53
CA MET A 77 -4.12 -11.73 -11.14
C MET A 77 -5.34 -10.83 -10.98
N THR A 78 -5.27 -9.66 -11.60
CA THR A 78 -6.32 -8.66 -11.49
C THR A 78 -7.60 -9.11 -12.18
N ARG A 79 -7.45 -9.74 -13.33
CA ARG A 79 -8.62 -10.13 -14.13
C ARG A 79 -8.47 -11.52 -14.74
N TRP A 80 -9.59 -12.23 -14.82
CA TRP A 80 -9.60 -13.58 -15.36
C TRP A 80 -10.91 -13.81 -16.11
N LYS A 81 -11.97 -13.18 -15.62
CA LYS A 81 -13.30 -13.32 -16.20
C LYS A 81 -13.41 -12.66 -17.58
N VAL A 82 -12.74 -11.52 -17.72
CA VAL A 82 -12.86 -10.68 -18.91
C VAL A 82 -12.35 -11.34 -20.19
N LEU A 83 -11.27 -12.10 -20.10
CA LEU A 83 -10.69 -12.76 -21.26
C LEU A 83 -11.63 -13.70 -22.00
N PRO A 84 -11.66 -13.58 -23.34
CA PRO A 84 -12.30 -14.51 -24.28
C PRO A 84 -11.50 -15.81 -24.38
N ARG A 85 -12.20 -16.94 -24.45
CA ARG A 85 -11.60 -18.26 -24.37
C ARG A 85 -10.45 -18.44 -25.36
N GLU A 86 -10.65 -17.93 -26.57
CA GLU A 86 -9.66 -18.07 -27.63
C GLU A 86 -8.37 -17.35 -27.21
N GLN A 87 -8.52 -16.17 -26.61
CA GLN A 87 -7.38 -15.38 -26.17
C GLN A 87 -6.65 -16.01 -24.97
N CYS A 88 -7.40 -16.66 -24.08
CA CYS A 88 -6.78 -17.36 -22.96
C CYS A 88 -5.94 -18.55 -23.46
N GLN A 89 -6.58 -19.38 -24.29
CA GLN A 89 -5.88 -20.50 -24.92
C GLN A 89 -4.64 -20.00 -25.65
N GLY A 90 -4.81 -18.88 -26.36
CA GLY A 90 -3.74 -18.26 -27.11
C GLY A 90 -2.59 -17.78 -26.24
N ILE A 91 -2.90 -17.14 -25.12
CA ILE A 91 -1.87 -16.59 -24.25
C ILE A 91 -1.08 -17.72 -23.60
N ARG A 92 -1.78 -18.80 -23.23
CA ARG A 92 -1.11 -19.99 -22.74
C ARG A 92 -0.18 -20.57 -23.82
N ASN A 93 -0.72 -20.72 -25.04
CA ASN A 93 0.06 -21.21 -26.18
C ASN A 93 1.34 -20.43 -26.42
N PHE A 94 1.21 -19.11 -26.54
CA PHE A 94 2.35 -18.26 -26.85
C PHE A 94 3.35 -18.21 -25.70
N VAL A 95 2.88 -18.12 -24.46
CA VAL A 95 3.83 -18.13 -23.35
C VAL A 95 4.62 -19.44 -23.34
N VAL A 96 3.95 -20.56 -23.62
CA VAL A 96 4.64 -21.84 -23.74
C VAL A 96 5.70 -21.83 -24.86
N GLN A 97 5.34 -21.29 -26.02
CA GLN A 97 6.28 -21.21 -27.15
C GLN A 97 7.52 -20.38 -26.84
N TYR A 98 7.29 -19.20 -26.26
CA TYR A 98 8.37 -18.29 -25.92
C TYR A 98 9.27 -18.92 -24.86
N ILE A 99 8.67 -19.70 -23.97
CA ILE A 99 9.45 -20.52 -23.04
C ILE A 99 10.34 -21.49 -23.82
N LEU A 100 9.74 -22.18 -24.79
CA LEU A 100 10.43 -23.18 -25.59
C LEU A 100 11.65 -22.65 -26.35
N GLN A 101 11.56 -21.43 -26.87
CA GLN A 101 12.62 -20.88 -27.73
C GLN A 101 14.01 -20.82 -27.08
N CYS A 102 14.08 -20.37 -25.84
CA CYS A 102 15.35 -20.28 -25.11
C CYS A 102 15.85 -21.64 -24.60
N SER A 103 14.97 -22.63 -24.61
CA SER A 103 15.23 -23.88 -23.90
C SER A 103 16.30 -24.78 -24.51
N SER A 104 16.19 -25.08 -25.81
CA SER A 104 16.95 -26.17 -26.43
C SER A 104 18.47 -26.15 -26.20
N SER A 105 19.01 -25.01 -25.79
CA SER A 105 20.43 -24.90 -25.50
C SER A 105 20.69 -24.42 -24.07
N GLU A 106 21.54 -25.15 -23.36
CA GLU A 106 21.89 -24.83 -21.98
C GLU A 106 22.57 -23.47 -21.89
N GLU A 107 23.30 -23.10 -22.93
CA GLU A 107 23.95 -21.79 -22.99
C GLU A 107 22.88 -20.70 -22.95
N SER A 108 21.85 -20.86 -23.77
CA SER A 108 20.74 -19.93 -23.80
C SER A 108 20.02 -19.94 -22.46
N LEU A 109 19.95 -21.10 -21.84
CA LEU A 109 19.33 -21.24 -20.54
C LEU A 109 20.02 -20.37 -19.51
N ARG A 110 21.33 -20.56 -19.37
CA ARG A 110 22.11 -19.85 -18.36
C ARG A 110 22.11 -18.36 -18.67
N THR A 111 22.07 -18.04 -19.97
CA THR A 111 22.05 -16.65 -20.39
C THR A 111 20.76 -15.94 -20.01
N HIS A 112 19.64 -16.65 -20.13
CA HIS A 112 18.32 -16.05 -19.93
C HIS A 112 17.63 -16.45 -18.61
N ARG A 113 18.39 -16.83 -17.60
CA ARG A 113 17.83 -17.39 -16.36
C ARG A 113 16.77 -16.52 -15.68
N THR A 114 17.00 -15.21 -15.64
CA THR A 114 16.04 -14.29 -15.01
C THR A 114 14.75 -14.20 -15.79
N LEU A 115 14.87 -14.06 -17.11
CA LEU A 115 13.72 -14.02 -18.01
C LEU A 115 12.90 -15.29 -17.85
N LEU A 116 13.58 -16.43 -17.76
CA LEU A 116 12.93 -17.71 -17.57
C LEU A 116 12.20 -17.73 -16.22
N ASN A 117 12.84 -17.15 -15.22
CA ASN A 117 12.27 -17.09 -13.87
C ASN A 117 10.95 -16.32 -13.86
N LYS A 118 10.95 -15.16 -14.49
CA LYS A 118 9.74 -14.34 -14.56
C LYS A 118 8.66 -15.04 -15.38
N LEU A 119 9.10 -15.74 -16.43
CA LEU A 119 8.18 -16.48 -17.28
C LEU A 119 7.47 -17.53 -16.45
N ASN A 120 8.25 -18.28 -15.68
CA ASN A 120 7.71 -19.34 -14.84
C ASN A 120 6.78 -18.78 -13.78
N LEU A 121 7.11 -17.60 -13.25
CA LEU A 121 6.25 -16.98 -12.23
C LEU A 121 4.89 -16.65 -12.84
N VAL A 122 4.91 -16.09 -14.05
CA VAL A 122 3.68 -15.76 -14.74
C VAL A 122 2.89 -17.05 -14.99
N LEU A 123 3.61 -18.11 -15.32
CA LEU A 123 2.97 -19.38 -15.63
C LEU A 123 2.26 -19.92 -14.41
N VAL A 124 2.91 -19.92 -13.25
CA VAL A 124 2.28 -20.47 -12.06
C VAL A 124 1.08 -19.59 -11.68
N SER A 125 1.21 -18.30 -11.96
CA SER A 125 0.14 -17.35 -11.68
C SER A 125 -1.11 -17.71 -12.46
N VAL A 126 -0.95 -17.93 -13.77
CA VAL A 126 -2.07 -18.34 -14.62
C VAL A 126 -2.56 -19.74 -14.22
N LEU A 127 -1.61 -20.58 -13.83
CA LEU A 127 -1.84 -21.98 -13.52
C LEU A 127 -2.80 -22.15 -12.35
N LYS A 128 -2.64 -21.33 -11.32
CA LYS A 128 -3.52 -21.43 -10.16
C LYS A 128 -4.99 -21.28 -10.57
N GLN A 129 -5.27 -20.37 -11.48
CA GLN A 129 -6.64 -20.18 -11.96
C GLN A 129 -7.09 -21.25 -12.94
N GLU A 130 -6.25 -21.51 -13.95
CA GLU A 130 -6.68 -22.35 -15.07
C GLU A 130 -6.61 -23.85 -14.81
N TRP A 131 -5.50 -24.29 -14.21
CA TRP A 131 -5.23 -25.72 -14.04
C TRP A 131 -6.24 -26.56 -13.25
N PRO A 132 -6.75 -26.04 -12.11
CA PRO A 132 -7.77 -26.83 -11.41
C PRO A 132 -9.03 -27.08 -12.22
N HIS A 133 -9.38 -26.16 -13.11
CA HIS A 133 -10.58 -26.31 -13.92
C HIS A 133 -10.41 -27.51 -14.86
N ASN A 134 -9.50 -27.38 -15.82
CA ASN A 134 -9.23 -28.49 -16.74
C ASN A 134 -7.85 -28.45 -17.38
N TRP A 135 -6.88 -29.07 -16.72
CA TRP A 135 -5.59 -29.28 -17.35
C TRP A 135 -4.82 -30.49 -16.80
N PRO A 136 -5.24 -31.71 -17.18
CA PRO A 136 -4.48 -32.91 -16.85
C PRO A 136 -3.35 -33.07 -17.86
N THR A 137 -3.66 -32.75 -19.11
CA THR A 137 -2.76 -32.93 -20.24
C THR A 137 -1.40 -32.30 -20.01
N PHE A 138 -1.36 -31.15 -19.34
CA PHE A 138 -0.11 -30.44 -19.11
C PHE A 138 0.98 -31.32 -18.52
N ILE A 139 0.59 -32.19 -17.59
CA ILE A 139 1.54 -33.07 -16.93
C ILE A 139 2.17 -34.04 -17.91
N ASN A 140 1.33 -34.70 -18.71
CA ASN A 140 1.81 -35.63 -19.73
C ASN A 140 2.67 -34.92 -20.77
N GLU A 141 2.25 -33.70 -21.12
CA GLU A 141 2.98 -32.86 -22.06
C GLU A 141 4.37 -32.60 -21.52
N ILE A 142 4.44 -32.40 -20.20
CA ILE A 142 5.71 -32.19 -19.51
C ILE A 142 6.54 -33.47 -19.54
N VAL A 143 5.88 -34.61 -19.36
CA VAL A 143 6.56 -35.91 -19.43
C VAL A 143 7.23 -36.08 -20.79
N SER A 144 6.50 -35.78 -21.85
CA SER A 144 7.04 -35.87 -23.20
C SER A 144 8.10 -34.81 -23.44
N ALA A 145 7.98 -33.70 -22.72
CA ALA A 145 8.90 -32.57 -22.89
C ALA A 145 10.25 -32.85 -22.24
N CYS A 146 10.25 -33.61 -21.15
CA CYS A 146 11.49 -33.92 -20.46
C CYS A 146 12.22 -34.97 -21.28
N HIS A 147 11.43 -35.74 -22.02
CA HIS A 147 11.96 -36.73 -22.94
C HIS A 147 12.06 -36.11 -24.34
N SER A 148 12.81 -35.02 -24.40
CA SER A 148 13.03 -34.25 -25.62
C SER A 148 14.45 -33.73 -25.55
N SER A 149 14.72 -32.95 -24.51
CA SER A 149 16.08 -32.45 -24.25
C SER A 149 16.32 -32.34 -22.74
N LEU A 150 17.58 -32.24 -22.36
CA LEU A 150 17.97 -32.11 -20.97
C LEU A 150 17.42 -30.81 -20.39
N SER A 151 17.62 -29.75 -21.15
CA SER A 151 17.24 -28.40 -20.77
C SER A 151 15.75 -28.29 -20.48
N VAL A 152 14.96 -28.84 -21.39
CA VAL A 152 13.50 -28.80 -21.27
C VAL A 152 13.12 -29.49 -19.98
N CYS A 153 13.70 -30.66 -19.73
CA CYS A 153 13.45 -31.43 -18.52
C CYS A 153 13.73 -30.60 -17.27
N GLU A 154 14.88 -29.92 -17.28
CA GLU A 154 15.27 -29.05 -16.17
C GLU A 154 14.19 -28.00 -15.89
N ASN A 155 13.83 -27.25 -16.94
CA ASN A 155 12.81 -26.21 -16.81
C ASN A 155 11.52 -26.79 -16.26
N ASN A 156 11.14 -27.96 -16.77
CA ASN A 156 9.93 -28.64 -16.31
C ASN A 156 9.97 -28.90 -14.82
N MET A 157 11.13 -29.38 -14.36
CA MET A 157 11.32 -29.65 -12.94
C MET A 157 11.17 -28.36 -12.14
N ILE A 158 11.80 -27.29 -12.61
CA ILE A 158 11.72 -26.00 -11.92
C ILE A 158 10.25 -25.55 -11.80
N ILE A 159 9.52 -25.69 -12.90
CA ILE A 159 8.09 -25.34 -12.94
C ILE A 159 7.29 -26.13 -11.92
N LEU A 160 7.50 -27.44 -11.90
CA LEU A 160 6.78 -28.31 -10.98
C LEU A 160 7.09 -27.90 -9.55
N ARG A 161 8.35 -27.59 -9.28
CA ARG A 161 8.78 -27.18 -7.95
C ARG A 161 8.10 -25.87 -7.54
N LEU A 162 7.93 -24.97 -8.51
CA LEU A 162 7.28 -23.68 -8.25
C LEU A 162 5.79 -23.82 -7.96
N LEU A 163 5.08 -24.56 -8.81
CA LEU A 163 3.65 -24.77 -8.63
C LEU A 163 3.40 -25.48 -7.31
N SER A 164 4.27 -26.45 -7.04
CA SER A 164 4.20 -27.19 -5.79
C SER A 164 4.48 -26.27 -4.62
N GLU A 165 5.36 -25.29 -4.79
CA GLU A 165 5.62 -24.37 -3.69
C GLU A 165 4.41 -23.49 -3.40
N GLU A 166 3.75 -23.02 -4.48
CA GLU A 166 2.58 -22.16 -4.35
C GLU A 166 1.36 -22.87 -3.76
N VAL A 167 1.18 -24.13 -4.12
CA VAL A 167 0.04 -24.91 -3.60
C VAL A 167 0.35 -25.49 -2.22
N PHE A 168 1.50 -26.15 -2.10
CA PHE A 168 1.94 -26.78 -0.85
C PHE A 168 2.10 -25.76 0.28
N ASP A 169 2.52 -24.54 -0.04
CA ASP A 169 2.60 -23.52 1.01
C ASP A 169 1.20 -23.33 1.60
N TYR A 170 0.21 -23.24 0.71
CA TYR A 170 -1.19 -23.14 1.11
C TYR A 170 -1.70 -24.36 1.88
N SER A 171 -1.23 -25.55 1.53
CA SER A 171 -1.76 -26.79 2.11
C SER A 171 -0.93 -27.49 3.21
N ALA A 172 0.19 -26.90 3.61
CA ALA A 172 1.05 -27.53 4.63
C ALA A 172 0.69 -27.02 6.02
N ASP A 173 0.05 -25.85 6.05
CA ASP A 173 -0.49 -25.25 7.27
C ASP A 173 -1.78 -25.97 7.67
N GLN A 174 -2.33 -26.74 6.73
CA GLN A 174 -3.60 -27.44 6.91
C GLN A 174 -3.51 -28.60 7.90
N MET A 175 -2.29 -29.01 8.22
CA MET A 175 -2.02 -30.13 9.14
C MET A 175 -2.33 -31.48 8.49
N THR A 176 -2.80 -31.43 7.25
CA THR A 176 -3.06 -32.61 6.44
C THR A 176 -4.00 -33.58 7.13
N SER A 177 -5.03 -33.04 7.78
CA SER A 177 -6.07 -33.87 8.38
C SER A 177 -6.76 -34.71 7.31
N THR A 178 -7.79 -34.13 6.69
CA THR A 178 -8.54 -34.83 5.66
C THR A 178 -8.22 -34.36 4.23
N LYS A 179 -7.97 -33.07 4.07
CA LYS A 179 -7.84 -32.45 2.75
C LYS A 179 -6.63 -32.89 1.93
N THR A 180 -5.44 -32.82 2.53
CA THR A 180 -4.21 -33.11 1.81
C THR A 180 -4.18 -34.55 1.33
N ARG A 181 -4.75 -35.45 2.13
CA ARG A 181 -4.83 -36.87 1.76
C ARG A 181 -5.76 -37.09 0.57
N ASN A 182 -6.90 -36.40 0.58
CA ASN A 182 -7.85 -36.48 -0.53
C ASN A 182 -7.26 -35.95 -1.83
N LEU A 183 -6.61 -34.79 -1.74
CA LEU A 183 -5.94 -34.20 -2.89
C LEU A 183 -4.88 -35.17 -3.41
N LYS A 184 -4.15 -35.79 -2.49
CA LYS A 184 -3.14 -36.79 -2.82
C LYS A 184 -3.74 -37.96 -3.59
N SER A 185 -4.83 -38.50 -3.07
CA SER A 185 -5.49 -39.66 -3.68
C SER A 185 -6.05 -39.32 -5.05
N THR A 186 -6.60 -38.11 -5.19
CA THR A 186 -7.22 -37.70 -6.45
C THR A 186 -6.19 -37.59 -7.56
N MET A 187 -5.03 -37.02 -7.24
CA MET A 187 -3.99 -36.77 -8.23
C MET A 187 -2.94 -37.88 -8.22
N CYS A 188 -3.29 -39.01 -7.61
CA CYS A 188 -2.38 -40.14 -7.46
C CYS A 188 -1.86 -40.69 -8.79
N ALA A 189 -2.76 -40.80 -9.76
CA ALA A 189 -2.43 -41.38 -11.06
C ALA A 189 -1.38 -40.55 -11.77
N GLU A 190 -1.59 -39.24 -11.79
CA GLU A 190 -0.65 -38.30 -12.42
C GLU A 190 0.68 -38.34 -11.66
N PHE A 191 0.59 -38.38 -10.34
CA PHE A 191 1.75 -38.40 -9.46
C PHE A 191 2.63 -39.62 -9.69
N SER A 192 2.01 -40.74 -10.07
CA SER A 192 2.76 -41.94 -10.40
C SER A 192 3.66 -41.69 -11.61
N MET A 193 3.07 -41.06 -12.61
CA MET A 193 3.78 -40.67 -13.82
C MET A 193 4.94 -39.76 -13.45
N ILE A 194 4.66 -38.82 -12.54
CA ILE A 194 5.68 -37.92 -12.03
C ILE A 194 6.82 -38.71 -11.37
N PHE A 195 6.47 -39.78 -10.65
CA PHE A 195 7.49 -40.60 -10.01
C PHE A 195 8.37 -41.28 -11.03
N GLN A 196 7.75 -41.85 -12.07
CA GLN A 196 8.53 -42.52 -13.10
C GLN A 196 9.48 -41.52 -13.71
N LEU A 197 8.98 -40.29 -13.89
CA LEU A 197 9.81 -39.21 -14.40
C LEU A 197 11.01 -39.02 -13.50
N CYS A 198 10.77 -38.60 -12.26
CA CYS A 198 11.85 -38.29 -11.32
C CYS A 198 12.86 -39.42 -11.14
N GLN A 199 12.36 -40.64 -11.07
CA GLN A 199 13.20 -41.82 -10.89
C GLN A 199 14.12 -42.04 -12.10
N GLU A 200 13.52 -42.15 -13.29
CA GLU A 200 14.32 -42.41 -14.49
C GLU A 200 15.28 -41.25 -14.80
N ILE A 201 14.82 -40.03 -14.52
CA ILE A 201 15.62 -38.82 -14.64
C ILE A 201 16.83 -38.94 -13.73
N LEU A 202 16.58 -39.33 -12.49
CA LEU A 202 17.61 -39.51 -11.48
C LEU A 202 18.64 -40.52 -11.97
N ASN A 203 18.15 -41.55 -12.66
CA ASN A 203 19.01 -42.60 -13.21
C ASN A 203 19.87 -42.17 -14.40
N SER A 204 19.31 -41.35 -15.28
CA SER A 204 19.98 -40.93 -16.52
C SER A 204 20.91 -39.73 -16.39
N ALA A 205 20.60 -38.85 -15.44
CA ALA A 205 21.25 -37.54 -15.36
C ALA A 205 22.77 -37.60 -15.16
N THR A 206 23.47 -36.66 -15.78
CA THR A 206 24.91 -36.50 -15.62
C THR A 206 25.25 -35.04 -15.34
N GLN A 207 24.27 -34.18 -15.57
CA GLN A 207 24.41 -32.74 -15.36
C GLN A 207 24.00 -32.35 -13.95
N PRO A 208 24.87 -31.59 -13.27
CA PRO A 208 24.65 -31.20 -11.87
C PRO A 208 23.30 -30.51 -11.69
N SER A 209 23.04 -29.51 -12.52
CA SER A 209 21.81 -28.74 -12.42
C SER A 209 20.56 -29.62 -12.54
N LEU A 210 20.63 -30.62 -13.41
CA LEU A 210 19.51 -31.54 -13.62
C LEU A 210 19.25 -32.33 -12.35
N ILE A 211 20.31 -32.90 -11.80
CA ILE A 211 20.22 -33.72 -10.60
C ILE A 211 19.68 -32.91 -9.44
N LYS A 212 20.22 -31.70 -9.29
CA LYS A 212 19.84 -30.78 -8.23
C LYS A 212 18.37 -30.45 -8.30
N ALA A 213 17.92 -29.96 -9.46
CA ALA A 213 16.54 -29.57 -9.65
C ALA A 213 15.60 -30.75 -9.43
N THR A 214 16.01 -31.90 -9.96
CA THR A 214 15.25 -33.14 -9.83
C THR A 214 15.01 -33.43 -8.36
N LEU A 215 16.09 -33.42 -7.58
CA LEU A 215 16.01 -33.69 -6.16
C LEU A 215 15.15 -32.66 -5.41
N GLU A 216 15.23 -31.40 -5.83
CA GLU A 216 14.41 -30.34 -5.23
C GLU A 216 12.93 -30.66 -5.41
N THR A 217 12.59 -31.02 -6.65
CA THR A 217 11.22 -31.36 -6.99
C THR A 217 10.74 -32.55 -6.19
N LEU A 218 11.58 -33.59 -6.16
CA LEU A 218 11.25 -34.80 -5.44
C LEU A 218 10.94 -34.46 -4.00
N LEU A 219 11.78 -33.60 -3.41
CA LEU A 219 11.59 -33.15 -2.04
C LEU A 219 10.22 -32.51 -1.88
N ARG A 220 9.90 -31.60 -2.79
CA ARG A 220 8.64 -30.87 -2.69
C ARG A 220 7.41 -31.78 -2.79
N PHE A 221 7.53 -32.86 -3.57
CA PHE A 221 6.40 -33.76 -3.78
C PHE A 221 6.34 -35.01 -2.88
N CYS A 222 7.25 -35.14 -1.92
CA CYS A 222 7.35 -36.37 -1.13
C CYS A 222 6.06 -36.82 -0.45
N ASN A 223 5.43 -35.92 0.29
CA ASN A 223 4.20 -36.24 1.01
C ASN A 223 3.08 -36.66 0.08
N TRP A 224 3.01 -35.99 -1.07
CA TRP A 224 1.95 -36.18 -2.03
C TRP A 224 2.04 -37.52 -2.75
N ILE A 225 3.26 -37.96 -3.02
CA ILE A 225 3.48 -39.24 -3.69
C ILE A 225 2.96 -40.40 -2.84
N PRO A 226 2.27 -41.35 -3.48
CA PRO A 226 1.80 -42.56 -2.81
C PRO A 226 2.94 -43.26 -2.08
N LEU A 227 2.73 -43.57 -0.80
CA LEU A 227 3.77 -44.16 0.04
C LEU A 227 4.22 -45.52 -0.46
N GLY A 228 3.27 -46.34 -0.89
CA GLY A 228 3.57 -47.66 -1.40
C GLY A 228 4.46 -47.59 -2.62
N TYR A 229 4.16 -46.63 -3.49
CA TYR A 229 4.93 -46.41 -4.71
C TYR A 229 6.38 -46.06 -4.36
N ILE A 230 6.54 -45.26 -3.31
CA ILE A 230 7.86 -44.88 -2.83
C ILE A 230 8.63 -46.08 -2.31
N PHE A 231 8.03 -46.82 -1.37
CA PHE A 231 8.73 -47.90 -0.67
C PHE A 231 9.04 -49.11 -1.55
N GLU A 232 8.07 -49.55 -2.36
CA GLU A 232 8.30 -50.75 -3.17
C GLU A 232 9.44 -50.52 -4.16
N THR A 233 9.50 -49.31 -4.71
CA THR A 233 10.57 -48.97 -5.64
C THR A 233 11.88 -48.76 -4.91
N PRO A 234 12.99 -49.14 -5.56
CA PRO A 234 14.36 -48.99 -5.05
C PRO A 234 14.86 -47.55 -5.12
N LEU A 235 13.97 -46.60 -4.89
CA LEU A 235 14.31 -45.19 -4.92
C LEU A 235 15.34 -44.87 -3.84
N ILE A 236 15.17 -45.47 -2.68
CA ILE A 236 16.04 -45.24 -1.53
C ILE A 236 17.48 -45.64 -1.86
N ASP A 237 17.66 -46.82 -2.45
CA ASP A 237 19.00 -47.30 -2.82
C ASP A 237 19.67 -46.33 -3.79
N THR A 238 18.89 -45.83 -4.75
CA THR A 238 19.40 -44.87 -5.71
C THR A 238 19.87 -43.60 -5.02
N LEU A 239 19.03 -43.10 -4.12
CA LEU A 239 19.36 -41.87 -3.38
C LEU A 239 20.62 -42.01 -2.54
N ARG A 240 20.68 -43.10 -1.77
CA ARG A 240 21.83 -43.36 -0.91
C ARG A 240 23.13 -43.59 -1.68
N THR A 241 23.07 -44.44 -2.70
CA THR A 241 24.28 -44.90 -3.38
C THR A 241 25.09 -43.83 -4.11
N ARG A 242 24.43 -42.97 -4.88
CA ARG A 242 25.16 -42.04 -5.74
C ARG A 242 25.20 -40.58 -5.29
N PHE A 243 24.09 -40.08 -4.74
CA PHE A 243 23.95 -38.64 -4.51
C PHE A 243 24.24 -38.25 -3.08
N LEU A 244 23.97 -39.16 -2.15
CA LEU A 244 24.19 -38.89 -0.74
C LEU A 244 25.68 -38.69 -0.49
N GLU A 245 26.50 -39.53 -1.12
CA GLU A 245 27.94 -39.44 -0.97
C GLU A 245 28.51 -38.17 -1.62
N VAL A 246 27.96 -37.81 -2.77
CA VAL A 246 28.37 -36.57 -3.46
C VAL A 246 27.96 -35.35 -2.65
N PRO A 247 28.96 -34.52 -2.28
CA PRO A 247 28.79 -33.33 -1.44
C PRO A 247 27.73 -32.38 -1.99
N GLU A 248 27.71 -32.22 -3.30
CA GLU A 248 26.78 -31.30 -3.94
C GLU A 248 25.33 -31.74 -3.81
N PHE A 249 25.09 -33.04 -3.94
CA PHE A 249 23.72 -33.57 -3.93
C PHE A 249 23.31 -33.94 -2.50
N ARG A 250 24.32 -34.03 -1.63
CA ARG A 250 24.16 -34.63 -0.31
C ARG A 250 23.08 -33.99 0.56
N ASN A 251 23.11 -32.66 0.67
CA ASN A 251 22.16 -31.95 1.53
C ASN A 251 20.71 -32.21 1.14
N VAL A 252 20.41 -32.05 -0.14
CA VAL A 252 19.06 -32.22 -0.63
C VAL A 252 18.63 -33.68 -0.53
N THR A 253 19.54 -34.60 -0.84
CA THR A 253 19.25 -36.02 -0.71
C THR A 253 18.85 -36.32 0.72
N LEU A 254 19.59 -35.75 1.67
CA LEU A 254 19.34 -35.94 3.08
C LEU A 254 18.00 -35.33 3.53
N GLN A 255 17.64 -34.18 2.95
CA GLN A 255 16.36 -33.56 3.27
C GLN A 255 15.20 -34.45 2.80
N CYS A 256 15.36 -35.02 1.60
CA CYS A 256 14.35 -35.92 1.06
C CYS A 256 14.19 -37.14 1.98
N LEU A 257 15.31 -37.76 2.33
CA LEU A 257 15.28 -38.92 3.22
C LEU A 257 14.63 -38.57 4.55
N THR A 258 14.89 -37.36 5.04
CA THR A 258 14.30 -36.87 6.27
C THR A 258 12.78 -36.84 6.13
N GLU A 259 12.31 -36.30 5.00
CA GLU A 259 10.88 -36.20 4.76
C GLU A 259 10.23 -37.57 4.66
N ILE A 260 10.91 -38.54 4.07
CA ILE A 260 10.40 -39.90 4.01
C ILE A 260 10.29 -40.51 5.39
N GLY A 261 11.31 -40.30 6.21
CA GLY A 261 11.31 -40.81 7.57
C GLY A 261 10.18 -40.22 8.39
N GLY A 262 9.96 -38.92 8.23
CA GLY A 262 8.89 -38.24 8.93
C GLY A 262 7.51 -38.70 8.52
N LEU A 263 7.39 -39.24 7.32
CA LEU A 263 6.09 -39.64 6.77
C LEU A 263 5.32 -40.59 7.67
N GLN A 264 4.14 -40.14 8.07
CA GLN A 264 3.27 -40.91 8.94
C GLN A 264 2.69 -42.15 8.27
N THR A 265 2.81 -43.28 8.96
CA THR A 265 2.20 -44.52 8.49
C THR A 265 1.01 -44.77 9.41
N GLY A 266 -0.08 -44.07 9.15
CA GLY A 266 -1.25 -44.14 10.02
C GLY A 266 -2.01 -45.44 9.86
N GLY A 267 -1.51 -46.30 9.00
CA GLY A 267 -2.06 -47.64 8.86
C GLY A 267 -0.87 -48.57 8.90
N PRO A 268 -0.74 -49.35 9.99
CA PRO A 268 0.32 -50.36 10.02
C PRO A 268 0.03 -51.44 8.99
N GLY A 269 -1.23 -51.84 8.89
CA GLY A 269 -1.63 -52.86 7.93
C GLY A 269 -2.60 -52.36 6.88
N GLN A 270 -2.94 -51.08 6.93
CA GLN A 270 -3.93 -50.54 5.99
C GLN A 270 -3.45 -50.64 4.54
N PRO A 271 -2.22 -50.22 4.24
CA PRO A 271 -1.71 -50.65 2.94
C PRO A 271 -0.75 -51.83 3.08
N HIS A 272 0.33 -51.64 3.83
CA HIS A 272 1.36 -52.65 4.13
C HIS A 272 2.11 -52.11 5.34
N THR A 273 2.87 -52.95 6.03
CA THR A 273 3.72 -52.45 7.12
C THR A 273 5.13 -52.21 6.61
N TYR A 274 5.55 -50.95 6.68
CA TYR A 274 6.78 -50.52 6.04
C TYR A 274 7.91 -50.37 7.03
N ASP A 275 7.77 -51.02 8.18
CA ASP A 275 8.77 -50.96 9.22
C ASP A 275 10.09 -51.55 8.72
N GLU A 276 10.01 -52.69 8.05
CA GLU A 276 11.19 -53.40 7.54
C GLU A 276 12.01 -52.59 6.54
N GLN A 277 11.33 -51.88 5.65
CA GLN A 277 12.00 -51.05 4.66
C GLN A 277 12.69 -49.87 5.34
N LEU A 278 11.95 -49.25 6.25
CA LEU A 278 12.43 -48.09 7.00
C LEU A 278 13.67 -48.43 7.81
N ILE A 279 13.67 -49.62 8.41
CA ILE A 279 14.80 -50.08 9.20
C ILE A 279 16.05 -50.18 8.33
N LYS A 280 15.90 -50.77 7.15
CA LYS A 280 17.00 -50.89 6.20
C LYS A 280 17.52 -49.51 5.82
N MET A 281 16.59 -48.60 5.54
CA MET A 281 16.95 -47.22 5.19
C MET A 281 17.80 -46.62 6.29
N PHE A 282 17.27 -46.63 7.52
CA PHE A 282 17.93 -46.00 8.64
C PHE A 282 19.32 -46.59 8.86
N THR A 283 19.41 -47.92 8.83
CA THR A 283 20.67 -48.62 9.08
C THR A 283 21.73 -48.23 8.05
N GLU A 284 21.38 -48.36 6.77
CA GLU A 284 22.36 -48.10 5.71
C GLU A 284 22.78 -46.64 5.68
N VAL A 285 21.80 -45.74 5.80
CA VAL A 285 22.06 -44.31 5.84
C VAL A 285 22.98 -43.99 7.01
N LEU A 286 22.68 -44.55 8.18
CA LEU A 286 23.48 -44.34 9.38
C LEU A 286 24.91 -44.80 9.15
N THR A 287 25.07 -45.93 8.48
CA THR A 287 26.39 -46.46 8.17
C THR A 287 27.17 -45.48 7.29
N THR A 288 26.49 -44.98 6.26
CA THR A 288 27.10 -44.02 5.35
C THR A 288 27.53 -42.76 6.11
N ILE A 289 26.67 -42.30 7.02
CA ILE A 289 26.94 -41.14 7.84
C ILE A 289 28.18 -41.39 8.69
N SER A 290 28.27 -42.60 9.23
CA SER A 290 29.41 -43.00 10.03
C SER A 290 30.68 -42.89 9.18
N ASN A 291 30.58 -43.27 7.92
CA ASN A 291 31.70 -43.11 6.99
C ASN A 291 32.04 -41.64 6.73
N ILE A 292 31.01 -40.79 6.65
CA ILE A 292 31.20 -39.37 6.37
C ILE A 292 31.75 -38.60 7.57
N ILE A 293 31.32 -38.96 8.76
CA ILE A 293 31.71 -38.23 9.97
C ILE A 293 32.58 -39.07 10.88
N PRO A 294 33.80 -38.59 11.15
CA PRO A 294 34.74 -39.32 12.01
C PRO A 294 34.22 -39.41 13.44
N LEU A 295 34.45 -40.54 14.09
CA LEU A 295 34.07 -40.74 15.48
C LEU A 295 34.84 -39.79 16.38
N GLN A 296 36.14 -39.65 16.11
CA GLN A 296 37.02 -38.80 16.90
C GLN A 296 36.74 -37.31 16.73
N MET A 297 36.17 -36.93 15.59
CA MET A 297 35.92 -35.53 15.28
C MET A 297 34.99 -34.85 16.29
N ASP A 298 35.43 -33.69 16.78
CA ASP A 298 34.66 -32.94 17.77
C ASP A 298 33.86 -31.84 17.08
N LEU A 299 32.55 -31.95 17.15
CA LEU A 299 31.65 -31.01 16.47
C LEU A 299 31.65 -29.61 17.07
N LYS A 300 31.79 -29.52 18.39
CA LYS A 300 31.65 -28.25 19.11
C LYS A 300 32.63 -27.20 18.60
N ALA A 301 33.92 -27.54 18.55
CA ALA A 301 34.94 -26.62 18.08
C ALA A 301 34.90 -26.43 16.57
N THR A 302 34.58 -27.51 15.86
CA THR A 302 34.62 -27.53 14.40
C THR A 302 33.55 -26.64 13.78
N TYR A 303 32.34 -26.71 14.34
CA TYR A 303 31.16 -26.07 13.77
C TYR A 303 31.28 -24.58 13.46
N PRO A 304 31.82 -23.77 14.41
CA PRO A 304 31.97 -22.35 14.07
C PRO A 304 32.88 -22.16 12.86
N ASN A 305 33.91 -22.99 12.76
CA ASN A 305 34.80 -22.96 11.62
C ASN A 305 34.21 -23.77 10.48
N SER A 306 33.03 -23.37 10.02
CA SER A 306 32.34 -24.06 8.94
C SER A 306 31.50 -23.05 8.17
N ASN A 307 31.24 -23.36 6.91
CA ASN A 307 30.40 -22.50 6.07
C ASN A 307 28.92 -22.84 6.18
N SER A 308 28.08 -22.04 5.54
CA SER A 308 26.64 -22.19 5.62
C SER A 308 26.13 -23.57 5.21
N ARG A 309 26.68 -24.11 4.12
CA ARG A 309 26.24 -25.39 3.59
C ARG A 309 26.40 -26.53 4.60
N ASP A 310 27.56 -26.60 5.25
CA ASP A 310 27.85 -27.66 6.21
C ASP A 310 26.96 -27.57 7.44
N GLN A 311 26.74 -26.35 7.90
CA GLN A 311 25.90 -26.10 9.06
C GLN A 311 24.48 -26.54 8.72
N GLU A 312 24.06 -26.20 7.51
CA GLU A 312 22.75 -26.60 7.01
C GLU A 312 22.67 -28.12 6.97
N PHE A 313 23.78 -28.77 6.63
CA PHE A 313 23.83 -30.23 6.59
C PHE A 313 23.64 -30.85 7.98
N ILE A 314 24.30 -30.27 8.97
CA ILE A 314 24.17 -30.76 10.34
C ILE A 314 22.73 -30.59 10.80
N GLN A 315 22.15 -29.43 10.47
CA GLN A 315 20.75 -29.17 10.77
C GLN A 315 19.86 -30.24 10.14
N ASN A 316 20.14 -30.57 8.88
CA ASN A 316 19.40 -31.61 8.16
C ASN A 316 19.52 -32.96 8.86
N LEU A 317 20.71 -33.25 9.36
CA LEU A 317 20.96 -34.51 10.05
C LEU A 317 20.16 -34.59 11.34
N ALA A 318 20.21 -33.51 12.13
CA ALA A 318 19.47 -33.46 13.38
C ALA A 318 17.98 -33.64 13.10
N LEU A 319 17.49 -32.89 12.12
CA LEU A 319 16.08 -32.99 11.73
C LEU A 319 15.73 -34.42 11.32
N PHE A 320 16.63 -35.06 10.59
CA PHE A 320 16.44 -36.42 10.15
C PHE A 320 16.26 -37.38 11.32
N LEU A 321 17.27 -37.41 12.18
CA LEU A 321 17.29 -38.31 13.32
C LEU A 321 16.06 -38.08 14.19
N THR A 322 15.82 -36.82 14.52
CA THR A 322 14.70 -36.44 15.37
C THR A 322 13.37 -36.87 14.76
N SER A 323 13.18 -36.59 13.47
CA SER A 323 11.94 -36.93 12.80
C SER A 323 11.70 -38.44 12.83
N PHE A 324 12.70 -39.19 12.40
CA PHE A 324 12.59 -40.64 12.33
C PHE A 324 12.28 -41.24 13.70
N PHE A 325 13.11 -40.91 14.68
CA PHE A 325 12.92 -41.37 16.04
C PHE A 325 11.54 -41.00 16.59
N THR A 326 11.14 -39.75 16.38
CA THR A 326 9.82 -39.27 16.83
C THR A 326 8.68 -40.10 16.27
N MET A 327 8.74 -40.41 14.98
CA MET A 327 7.66 -41.15 14.34
C MET A 327 7.79 -42.66 14.43
N HIS A 328 9.02 -43.18 14.32
CA HIS A 328 9.23 -44.62 14.35
C HIS A 328 10.39 -45.00 15.26
N LEU A 329 10.18 -44.90 16.58
CA LEU A 329 11.22 -45.32 17.53
C LEU A 329 11.27 -46.80 17.93
N PRO A 330 10.12 -47.39 18.32
CA PRO A 330 10.14 -48.79 18.80
C PRO A 330 10.77 -49.76 17.80
N LEU A 331 10.72 -49.41 16.52
CA LEU A 331 11.27 -50.22 15.45
C LEU A 331 12.74 -50.55 15.70
N ILE A 332 13.52 -49.53 16.02
CA ILE A 332 14.94 -49.69 16.28
C ILE A 332 15.20 -50.32 17.65
N GLU A 333 14.33 -50.04 18.61
CA GLU A 333 14.45 -50.63 19.94
C GLU A 333 14.38 -52.15 19.84
N ASN A 334 13.40 -52.64 19.10
CA ASN A 334 13.19 -54.09 18.98
C ASN A 334 14.30 -54.79 18.20
N LEU A 335 15.05 -54.03 17.40
CA LEU A 335 16.18 -54.59 16.65
C LEU A 335 17.21 -55.22 17.57
N PRO A 336 17.70 -56.41 17.20
CA PRO A 336 18.63 -57.17 18.03
C PRO A 336 19.99 -56.50 18.16
N ASN A 337 20.47 -55.89 17.09
CA ASN A 337 21.82 -55.34 17.07
C ASN A 337 22.03 -54.24 18.10
N ARG A 338 21.04 -53.35 18.22
CA ARG A 338 21.03 -52.32 19.27
C ARG A 338 22.10 -51.24 19.06
N ASP A 339 23.03 -51.50 18.16
CA ASP A 339 24.14 -50.59 17.88
C ASP A 339 23.66 -49.29 17.25
N PHE A 340 22.67 -49.40 16.36
CA PHE A 340 22.20 -48.27 15.58
C PHE A 340 21.46 -47.23 16.41
N LEU A 341 20.66 -47.71 17.36
CA LEU A 341 19.92 -46.85 18.28
C LEU A 341 20.92 -45.98 19.03
N THR A 342 21.84 -46.65 19.72
CA THR A 342 22.84 -45.98 20.55
C THR A 342 23.75 -45.08 19.73
N HIS A 343 24.13 -45.52 18.54
CA HIS A 343 25.00 -44.75 17.66
C HIS A 343 24.31 -43.46 17.23
N GLY A 344 23.04 -43.60 16.86
CA GLY A 344 22.25 -42.46 16.44
C GLY A 344 22.08 -41.46 17.56
N HIS A 345 21.78 -41.96 18.75
CA HIS A 345 21.64 -41.08 19.91
C HIS A 345 22.95 -40.41 20.30
N PHE A 346 24.05 -41.11 20.06
CA PHE A 346 25.38 -40.54 20.29
C PHE A 346 25.63 -39.39 19.33
N TYR A 347 25.23 -39.58 18.07
CA TYR A 347 25.29 -38.50 17.09
C TYR A 347 24.44 -37.33 17.57
N LEU A 348 23.27 -37.66 18.11
CA LEU A 348 22.34 -36.66 18.62
C LEU A 348 22.97 -35.86 19.76
N ILE A 349 23.76 -36.52 20.59
CA ILE A 349 24.45 -35.86 21.70
C ILE A 349 25.57 -34.96 21.18
N ARG A 350 26.39 -35.50 20.27
CA ARG A 350 27.49 -34.75 19.69
C ARG A 350 26.98 -33.47 19.03
N ILE A 351 25.88 -33.59 18.29
CA ILE A 351 25.25 -32.45 17.65
C ILE A 351 24.63 -31.52 18.70
N SER A 352 24.08 -32.10 19.76
CA SER A 352 23.46 -31.31 20.83
C SER A 352 24.49 -30.44 21.52
N GLN A 353 25.73 -30.90 21.55
CA GLN A 353 26.84 -30.15 22.13
C GLN A 353 27.09 -28.83 21.40
N ILE A 354 26.81 -28.81 20.11
CA ILE A 354 27.08 -27.64 19.28
C ILE A 354 26.34 -26.40 19.77
N ASP A 355 27.03 -25.27 19.80
CA ASP A 355 26.45 -24.01 20.27
C ASP A 355 25.66 -23.28 19.19
N ASP A 356 24.44 -23.74 18.94
CA ASP A 356 23.52 -23.06 18.04
C ASP A 356 22.10 -23.19 18.55
N ARG A 357 21.39 -22.08 18.65
CA ARG A 357 20.09 -22.04 19.29
C ARG A 357 19.04 -22.89 18.58
N GLU A 358 19.03 -22.87 17.25
CA GLU A 358 18.07 -23.62 16.45
C GLU A 358 18.25 -25.13 16.63
N ILE A 359 19.44 -25.60 16.28
CA ILE A 359 19.80 -27.01 16.39
C ILE A 359 19.49 -27.52 17.80
N PHE A 360 19.96 -26.76 18.79
CA PHE A 360 19.75 -27.11 20.17
C PHE A 360 18.27 -27.16 20.53
N LYS A 361 17.48 -26.30 19.90
CA LYS A 361 16.05 -26.29 20.14
C LYS A 361 15.43 -27.60 19.66
N ILE A 362 15.83 -28.01 18.45
CA ILE A 362 15.37 -29.26 17.87
C ILE A 362 15.70 -30.45 18.78
N CYS A 363 16.99 -30.57 19.08
CA CYS A 363 17.49 -31.66 19.90
C CYS A 363 16.71 -31.68 21.20
N LEU A 364 16.55 -30.50 21.81
CA LEU A 364 15.89 -30.38 23.10
C LEU A 364 14.47 -30.90 23.05
N ASP A 365 13.73 -30.52 22.00
CA ASP A 365 12.36 -31.00 21.85
C ASP A 365 12.35 -32.52 21.81
N TYR A 366 13.19 -33.10 20.97
CA TYR A 366 13.21 -34.56 20.89
C TYR A 366 13.55 -35.21 22.24
N TRP A 367 14.55 -34.66 22.91
CA TRP A 367 15.00 -35.21 24.18
C TRP A 367 13.88 -35.22 25.18
N LEU A 368 13.13 -34.11 25.23
CA LEU A 368 12.00 -34.00 26.14
C LEU A 368 10.96 -35.07 25.84
N LYS A 369 10.62 -35.23 24.55
CA LYS A 369 9.65 -36.25 24.18
C LYS A 369 10.10 -37.65 24.60
N LEU A 370 11.37 -37.93 24.35
CA LEU A 370 11.95 -39.23 24.68
C LEU A 370 11.88 -39.51 26.18
N VAL A 371 12.44 -38.61 26.97
CA VAL A 371 12.51 -38.83 28.41
C VAL A 371 11.12 -38.90 29.03
N GLN A 372 10.16 -38.17 28.46
CA GLN A 372 8.78 -38.28 28.93
C GLN A 372 8.23 -39.67 28.64
N GLU A 373 8.44 -40.14 27.41
CA GLU A 373 7.94 -41.45 27.02
C GLU A 373 8.54 -42.57 27.88
N LEU A 374 9.83 -42.43 28.18
CA LEU A 374 10.52 -43.42 29.01
C LEU A 374 10.02 -43.37 30.46
N TYR A 375 9.91 -42.17 31.01
CA TYR A 375 9.46 -42.02 32.39
C TYR A 375 8.03 -42.51 32.62
N GLU A 376 7.12 -42.16 31.71
CA GLU A 376 5.72 -42.55 31.86
C GLU A 376 5.54 -44.06 31.95
N GLU A 377 6.51 -44.80 31.43
CA GLU A 377 6.55 -46.25 31.59
C GLU A 377 6.67 -46.59 33.07
N MET A 378 7.66 -45.99 33.73
CA MET A 378 7.87 -46.15 35.16
C MET A 378 6.61 -45.72 35.92
N GLN A 379 6.01 -44.64 35.46
CA GLN A 379 4.81 -44.10 36.06
C GLN A 379 3.64 -45.09 35.97
N SER A 380 3.60 -45.86 34.89
CA SER A 380 2.50 -46.80 34.67
C SER A 380 2.73 -48.17 35.33
N LEU A 381 3.80 -48.27 36.11
CA LEU A 381 4.12 -49.52 36.81
C LEU A 381 3.09 -49.88 37.86
N PRO A 382 2.95 -51.20 38.15
CA PRO A 382 2.07 -51.70 39.20
C PRO A 382 2.66 -51.34 40.56
N LEU A 383 3.93 -50.95 40.55
CA LEU A 383 4.68 -50.75 41.78
C LEU A 383 4.17 -49.50 42.50
N ASN A 384 3.47 -48.65 41.75
CA ASN A 384 2.82 -47.48 42.31
C ASN A 384 1.86 -47.92 43.40
N ASP A 385 1.19 -49.04 43.14
CA ASP A 385 0.19 -49.58 44.06
C ASP A 385 0.80 -49.92 45.41
N MET A 386 2.12 -50.12 45.42
CA MET A 386 2.80 -50.47 46.65
C MET A 386 3.52 -49.27 47.26
N SER A 387 2.98 -48.09 46.99
CA SER A 387 3.53 -46.85 47.54
C SER A 387 3.33 -46.81 49.05
N SER A 388 2.29 -47.49 49.52
CA SER A 388 1.92 -47.49 50.94
C SER A 388 3.03 -48.04 51.83
N MET A 389 3.65 -49.12 51.38
CA MET A 389 4.75 -49.72 52.11
C MET A 389 5.96 -48.81 52.19
N GLY A 390 6.02 -47.84 51.28
CA GLY A 390 7.15 -46.94 51.20
C GLY A 390 7.91 -47.34 49.96
N LEU A 391 7.44 -48.42 49.35
CA LEU A 391 8.02 -48.94 48.13
C LEU A 391 7.53 -48.13 46.95
N GLY A 392 8.30 -48.11 45.87
CA GLY A 392 7.84 -47.47 44.65
C GLY A 392 7.86 -45.96 44.70
N MET A 393 7.16 -45.36 43.75
CA MET A 393 7.09 -43.91 43.63
C MET A 393 5.68 -43.43 44.01
N MET A 394 5.62 -42.43 44.88
CA MET A 394 4.35 -41.82 45.23
C MET A 394 3.83 -41.09 44.00
N SER A 395 2.52 -40.89 43.95
CA SER A 395 1.92 -40.14 42.85
C SER A 395 2.49 -38.73 42.82
N GLY A 396 2.76 -38.19 44.01
CA GLY A 396 3.42 -36.89 44.14
C GLY A 396 4.82 -36.84 43.56
N GLY A 397 5.78 -36.47 44.39
CA GLY A 397 7.17 -36.36 43.97
C GLY A 397 8.09 -37.28 44.72
N GLY A 398 9.38 -37.21 44.41
CA GLY A 398 10.36 -38.03 45.08
C GLY A 398 10.87 -39.14 44.18
N ALA A 399 12.09 -38.99 43.67
CA ALA A 399 12.67 -39.97 42.79
C ALA A 399 12.97 -41.25 43.55
N PRO A 400 12.67 -42.42 42.94
CA PRO A 400 12.87 -43.71 43.59
C PRO A 400 14.33 -44.15 43.48
N ASN A 401 14.77 -45.00 44.39
CA ASN A 401 16.11 -45.56 44.33
C ASN A 401 16.20 -46.41 43.07
N PRO A 402 17.13 -46.05 42.17
CA PRO A 402 17.29 -46.70 40.86
C PRO A 402 17.57 -48.19 40.96
N ALA A 403 18.28 -48.59 42.02
CA ALA A 403 18.64 -49.99 42.22
C ALA A 403 17.42 -50.91 42.27
N LEU A 404 16.35 -50.42 42.90
CA LEU A 404 15.13 -51.20 43.08
C LEU A 404 14.50 -51.67 41.78
N LEU A 405 14.76 -50.96 40.69
CA LEU A 405 14.11 -51.24 39.41
C LEU A 405 15.01 -51.91 38.38
N GLU A 406 16.30 -52.07 38.70
CA GLU A 406 17.26 -52.62 37.74
C GLU A 406 16.93 -54.06 37.33
N HIS A 407 16.09 -54.72 38.12
CA HIS A 407 15.74 -56.11 37.83
C HIS A 407 14.52 -56.16 36.91
N TYR A 408 14.00 -54.99 36.54
CA TYR A 408 12.86 -54.91 35.65
C TYR A 408 13.28 -54.91 34.19
N PRO A 409 12.44 -55.49 33.31
CA PRO A 409 12.63 -55.37 31.87
C PRO A 409 12.05 -54.05 31.37
N LEU A 410 12.88 -53.02 31.37
CA LEU A 410 12.42 -51.67 31.05
C LEU A 410 13.18 -51.12 29.86
N ARG A 411 12.54 -50.19 29.14
CA ARG A 411 13.13 -49.56 27.98
C ARG A 411 14.34 -48.71 28.35
N LYS A 412 14.26 -48.05 29.51
CA LYS A 412 15.26 -47.08 29.93
C LYS A 412 16.68 -47.64 29.91
N HIS A 413 16.81 -48.89 30.33
CA HIS A 413 18.13 -49.51 30.45
C HIS A 413 18.82 -49.59 29.10
N LYS A 414 18.03 -49.75 28.04
CA LYS A 414 18.56 -49.81 26.69
C LYS A 414 19.37 -48.55 26.38
N TYR A 415 18.96 -47.43 26.97
CA TYR A 415 19.62 -46.16 26.70
C TYR A 415 20.55 -45.74 27.82
N LYS A 416 20.81 -46.64 28.76
CA LYS A 416 21.48 -46.28 30.02
C LYS A 416 22.70 -45.39 29.80
N GLU A 417 23.68 -45.91 29.06
CA GLU A 417 24.93 -45.20 28.82
C GLU A 417 24.65 -43.85 28.20
N VAL A 418 23.78 -43.85 27.19
CA VAL A 418 23.47 -42.63 26.46
C VAL A 418 22.98 -41.58 27.45
N LEU A 419 22.07 -41.98 28.33
CA LEU A 419 21.47 -41.07 29.29
C LEU A 419 22.55 -40.42 30.15
N SER A 420 23.54 -41.23 30.55
CA SER A 420 24.60 -40.75 31.42
C SER A 420 25.36 -39.59 30.79
N ASN A 421 25.44 -39.60 29.46
CA ASN A 421 26.06 -38.51 28.74
C ASN A 421 25.12 -37.32 28.63
N LEU A 422 23.85 -37.62 28.33
CA LEU A 422 22.87 -36.57 28.01
C LEU A 422 22.79 -35.54 29.13
N ARG A 423 22.64 -36.04 30.35
CA ARG A 423 22.53 -35.19 31.52
C ARG A 423 23.68 -34.21 31.55
N VAL A 424 24.89 -34.71 31.34
CA VAL A 424 26.09 -33.88 31.38
C VAL A 424 25.88 -32.72 30.42
N VAL A 425 25.52 -33.06 29.18
CA VAL A 425 25.35 -32.04 28.16
C VAL A 425 24.24 -31.08 28.54
N MET A 426 23.17 -31.62 29.13
CA MET A 426 22.05 -30.78 29.54
C MET A 426 22.48 -29.80 30.60
N ILE A 427 23.42 -30.23 31.44
CA ILE A 427 23.99 -29.36 32.45
C ILE A 427 24.77 -28.27 31.73
N GLU A 428 25.54 -28.67 30.73
CA GLU A 428 26.40 -27.74 30.00
C GLU A 428 25.60 -26.67 29.26
N LYS A 429 24.39 -27.05 28.85
CA LYS A 429 23.56 -26.15 28.05
C LYS A 429 22.45 -25.49 28.87
N MET A 430 22.62 -25.45 30.19
CA MET A 430 21.62 -24.83 31.06
C MET A 430 21.63 -23.32 30.86
N VAL A 431 20.53 -22.64 31.19
CA VAL A 431 20.46 -21.19 30.99
C VAL A 431 20.05 -20.46 32.27
N ARG A 432 20.26 -19.14 32.27
CA ARG A 432 19.99 -18.31 33.43
C ARG A 432 18.51 -18.33 33.80
N PRO A 433 18.23 -18.67 35.07
CA PRO A 433 16.85 -18.78 35.58
C PRO A 433 16.16 -17.44 35.69
N GLU A 434 14.85 -17.49 35.94
CA GLU A 434 14.02 -16.31 36.10
C GLU A 434 14.48 -15.45 37.29
N GLU A 435 14.75 -16.11 38.40
CA GLU A 435 15.13 -15.46 39.65
C GLU A 435 16.43 -14.66 39.61
N VAL A 436 17.44 -15.19 38.91
CA VAL A 436 18.74 -14.54 38.82
C VAL A 436 18.67 -13.19 38.12
N LEU A 437 19.17 -12.16 38.78
CA LEU A 437 19.05 -10.79 38.29
C LEU A 437 20.33 -10.23 37.66
N ILE A 438 21.43 -10.97 37.77
CA ILE A 438 22.71 -10.45 37.28
C ILE A 438 23.32 -11.31 36.19
N VAL A 439 23.93 -10.65 35.21
CA VAL A 439 24.61 -11.34 34.12
C VAL A 439 25.86 -10.55 33.74
N GLU A 440 26.90 -11.24 33.27
CA GLU A 440 28.07 -10.57 32.75
C GLU A 440 27.79 -10.08 31.35
N ASN A 441 27.87 -8.76 31.15
CA ASN A 441 27.70 -8.21 29.81
C ASN A 441 28.91 -8.55 28.94
N ASP A 442 28.75 -8.44 27.63
CA ASP A 442 29.80 -8.80 26.68
C ASP A 442 31.12 -8.08 26.98
N GLU A 443 31.03 -6.83 27.41
CA GLU A 443 32.22 -6.03 27.69
C GLU A 443 32.99 -6.53 28.93
N GLY A 444 32.28 -6.95 29.97
CA GLY A 444 32.95 -7.52 31.12
C GLY A 444 32.26 -7.44 32.47
N GLU A 445 31.97 -6.22 32.92
CA GLU A 445 31.38 -5.99 34.24
C GLU A 445 30.02 -6.68 34.43
N ILE A 446 29.75 -7.11 35.66
CA ILE A 446 28.48 -7.75 36.01
C ILE A 446 27.39 -6.69 36.16
N VAL A 447 26.24 -6.93 35.55
CA VAL A 447 25.16 -5.95 35.62
C VAL A 447 23.78 -6.58 35.86
N ARG A 448 22.81 -5.72 36.14
CA ARG A 448 21.44 -6.13 36.45
C ARG A 448 20.50 -5.95 35.26
N GLU A 449 19.72 -6.97 34.96
CA GLU A 449 18.78 -6.94 33.85
C GLU A 449 17.37 -7.27 34.32
N PHE A 450 16.39 -6.48 33.88
CA PHE A 450 15.02 -6.61 34.36
C PHE A 450 14.33 -7.84 33.78
N VAL A 451 14.29 -7.92 32.45
CA VAL A 451 13.56 -8.99 31.78
C VAL A 451 14.35 -9.52 30.58
N LYS A 452 13.98 -10.71 30.12
CA LYS A 452 14.64 -11.34 28.98
C LYS A 452 13.58 -11.84 28.00
N ASP A 453 13.99 -12.18 26.78
CA ASP A 453 13.06 -12.62 25.74
C ASP A 453 12.26 -13.83 26.19
N THR A 454 11.02 -13.91 25.69
CA THR A 454 10.14 -15.03 26.00
C THR A 454 10.78 -16.33 25.50
N ASP A 455 11.46 -16.21 24.35
CA ASP A 455 12.13 -17.33 23.71
C ASP A 455 13.14 -17.99 24.64
N SER A 456 13.84 -17.16 25.42
CA SER A 456 14.80 -17.64 26.39
C SER A 456 14.12 -18.35 27.55
N VAL A 457 13.03 -17.75 28.03
CA VAL A 457 12.28 -18.27 29.17
C VAL A 457 11.67 -19.65 28.91
N GLN A 458 11.00 -19.80 27.77
CA GLN A 458 10.39 -21.10 27.46
C GLN A 458 11.47 -22.17 27.31
N LEU A 459 12.62 -21.76 26.79
CA LEU A 459 13.78 -22.62 26.65
C LEU A 459 14.18 -23.10 28.04
N TYR A 460 14.24 -22.15 28.99
CA TYR A 460 14.55 -22.49 30.37
C TYR A 460 13.57 -23.52 30.94
N LYS A 461 12.27 -23.30 30.72
CA LYS A 461 11.26 -24.22 31.26
C LYS A 461 11.45 -25.63 30.69
N THR A 462 11.69 -25.71 29.38
CA THR A 462 11.85 -27.00 28.72
C THR A 462 13.07 -27.74 29.25
N ILE A 463 14.20 -27.02 29.33
CA ILE A 463 15.44 -27.60 29.83
C ILE A 463 15.29 -28.07 31.27
N ARG A 464 14.62 -27.26 32.10
CA ARG A 464 14.34 -27.65 33.48
C ARG A 464 13.56 -28.95 33.53
N GLU A 465 12.50 -29.03 32.72
CA GLU A 465 11.67 -30.23 32.66
C GLU A 465 12.52 -31.46 32.32
N CYS A 466 13.35 -31.33 31.29
CA CYS A 466 14.24 -32.41 30.87
C CYS A 466 15.16 -32.85 32.01
N LEU A 467 15.81 -31.87 32.66
CA LEU A 467 16.67 -32.15 33.80
C LEU A 467 15.95 -32.91 34.89
N VAL A 468 14.71 -32.50 35.19
CA VAL A 468 13.91 -33.18 36.19
C VAL A 468 13.67 -34.64 35.82
N TYR A 469 13.22 -34.87 34.59
CA TYR A 469 12.97 -36.24 34.13
C TYR A 469 14.24 -37.10 34.22
N LEU A 470 15.35 -36.55 33.76
CA LEU A 470 16.65 -37.23 33.83
C LEU A 470 16.98 -37.60 35.27
N THR A 471 16.75 -36.65 36.18
CA THR A 471 16.97 -36.86 37.60
C THR A 471 16.12 -38.01 38.12
N HIS A 472 14.87 -38.08 37.66
CA HIS A 472 13.97 -39.14 38.06
C HIS A 472 14.42 -40.51 37.54
N LEU A 473 15.01 -40.52 36.35
CA LEU A 473 15.50 -41.78 35.77
C LEU A 473 16.66 -42.40 36.56
N ASP A 474 17.52 -41.55 37.13
CA ASP A 474 18.62 -42.03 37.98
C ASP A 474 19.16 -40.88 38.83
N VAL A 475 18.65 -40.79 40.05
CA VAL A 475 19.07 -39.75 40.99
C VAL A 475 20.53 -39.92 41.41
N VAL A 476 20.98 -41.17 41.52
CA VAL A 476 22.33 -41.46 41.95
C VAL A 476 23.40 -40.93 40.98
N ASP A 477 23.29 -41.30 39.71
CA ASP A 477 24.29 -40.90 38.72
C ASP A 477 24.24 -39.39 38.50
N MET A 478 23.05 -38.83 38.65
CA MET A 478 22.86 -37.41 38.54
C MET A 478 23.67 -36.74 39.64
N GLU A 479 23.44 -37.21 40.87
CA GLU A 479 24.12 -36.70 42.04
C GLU A 479 25.63 -36.82 41.89
N GLN A 480 26.08 -37.94 41.33
CA GLN A 480 27.51 -38.17 41.11
C GLN A 480 28.08 -37.14 40.15
N ILE A 481 27.36 -36.89 39.06
CA ILE A 481 27.82 -35.94 38.05
C ILE A 481 27.94 -34.55 38.65
N MET A 482 26.88 -34.12 39.32
CA MET A 482 26.82 -32.77 39.88
C MET A 482 27.86 -32.61 40.99
N THR A 483 28.07 -33.67 41.76
CA THR A 483 29.06 -33.67 42.84
C THR A 483 30.46 -33.54 42.26
N GLU A 484 30.72 -34.29 41.20
CA GLU A 484 32.00 -34.22 40.52
C GLU A 484 32.26 -32.81 40.04
N LYS A 485 31.30 -32.25 39.31
CA LYS A 485 31.46 -30.91 38.74
C LYS A 485 31.63 -29.87 39.83
N LEU A 486 30.96 -30.10 40.96
CA LEU A 486 31.04 -29.19 42.09
C LEU A 486 32.43 -29.22 42.69
N ALA A 487 32.92 -30.43 42.95
CA ALA A 487 34.24 -30.62 43.53
C ALA A 487 35.31 -29.99 42.63
N ARG A 488 35.11 -30.12 41.31
CA ARG A 488 36.06 -29.52 40.36
C ARG A 488 35.98 -28.00 40.39
N GLN A 489 34.78 -27.47 40.54
CA GLN A 489 34.60 -26.02 40.63
C GLN A 489 35.23 -25.44 41.89
N VAL A 490 35.17 -26.19 42.98
CA VAL A 490 35.73 -25.72 44.24
C VAL A 490 37.26 -25.86 44.28
N ASP A 491 37.76 -27.03 43.89
CA ASP A 491 39.18 -27.30 44.01
C ASP A 491 39.86 -27.71 42.69
N GLY A 492 39.13 -28.43 41.85
CA GLY A 492 39.67 -29.00 40.63
C GLY A 492 40.21 -28.01 39.61
N SER A 493 39.90 -26.73 39.80
CA SER A 493 40.34 -25.66 38.90
C SER A 493 39.78 -25.81 37.50
N GLU A 494 38.58 -26.39 37.42
CA GLU A 494 37.81 -26.41 36.17
C GLU A 494 37.05 -25.09 36.14
N TRP A 495 37.38 -24.23 37.09
CA TRP A 495 36.66 -23.00 37.36
C TRP A 495 36.55 -22.02 36.20
N SER A 496 35.32 -21.58 35.97
CA SER A 496 35.02 -20.43 35.12
C SER A 496 33.65 -19.93 35.55
N TRP A 497 33.37 -18.65 35.29
CA TRP A 497 32.08 -18.08 35.69
C TRP A 497 30.96 -18.85 35.03
N HIS A 498 31.17 -19.21 33.76
CA HIS A 498 30.19 -19.93 32.97
C HIS A 498 29.88 -21.29 33.59
N ASN A 499 30.93 -22.08 33.82
CA ASN A 499 30.78 -23.43 34.36
C ASN A 499 30.12 -23.44 35.73
N CYS A 500 30.60 -22.58 36.61
CA CYS A 500 30.04 -22.45 37.94
C CYS A 500 28.57 -22.07 37.85
N ASN A 501 28.29 -21.05 37.06
CA ASN A 501 26.91 -20.56 36.88
C ASN A 501 25.97 -21.67 36.42
N VAL A 502 26.33 -22.35 35.33
CA VAL A 502 25.45 -23.37 34.77
C VAL A 502 25.27 -24.53 35.76
N LEU A 503 26.35 -24.91 36.43
CA LEU A 503 26.28 -25.99 37.39
C LEU A 503 25.29 -25.63 38.50
N CYS A 504 25.45 -24.44 39.06
CA CYS A 504 24.60 -24.02 40.17
C CYS A 504 23.14 -23.86 39.76
N TRP A 505 22.93 -23.33 38.56
CA TRP A 505 21.59 -23.17 38.01
C TRP A 505 20.92 -24.53 37.89
N ALA A 506 21.68 -25.51 37.40
CA ALA A 506 21.18 -26.87 37.28
C ALA A 506 20.81 -27.40 38.65
N ILE A 507 21.68 -27.19 39.63
CA ILE A 507 21.46 -27.68 40.98
C ILE A 507 20.19 -27.13 41.61
N GLY A 508 20.01 -25.81 41.53
CA GLY A 508 18.82 -25.17 42.08
C GLY A 508 17.54 -25.63 41.41
N SER A 509 17.62 -25.87 40.11
CA SER A 509 16.45 -26.16 39.29
C SER A 509 15.91 -27.59 39.40
N ILE A 510 16.54 -28.42 40.22
CA ILE A 510 16.04 -29.79 40.42
C ILE A 510 15.29 -30.00 41.74
N SER A 511 14.86 -28.91 42.37
CA SER A 511 14.22 -29.00 43.68
C SER A 511 12.97 -29.88 43.63
N MET A 512 12.77 -30.66 44.69
CA MET A 512 11.60 -31.52 44.87
C MET A 512 11.64 -32.79 44.00
N ALA A 513 12.63 -32.86 43.11
CA ALA A 513 12.83 -34.07 42.32
C ALA A 513 13.45 -35.17 43.17
N MET A 514 14.38 -34.78 44.03
CA MET A 514 15.06 -35.73 44.90
C MET A 514 14.28 -35.91 46.19
N ASN A 515 14.30 -37.12 46.74
CA ASN A 515 13.68 -37.35 48.05
C ASN A 515 14.45 -36.57 49.11
N GLU A 516 13.81 -36.32 50.25
CA GLU A 516 14.34 -35.43 51.27
C GLU A 516 15.74 -35.82 51.80
N GLU A 517 16.03 -37.12 51.79
CA GLU A 517 17.28 -37.63 52.37
C GLU A 517 18.52 -37.39 51.49
N THR A 518 18.45 -37.84 50.24
CA THR A 518 19.54 -37.64 49.29
C THR A 518 19.71 -36.15 49.05
N GLU A 519 18.58 -35.46 48.99
CA GLU A 519 18.54 -34.02 48.85
C GLU A 519 19.29 -33.40 50.03
N LYS A 520 19.03 -33.93 51.22
CA LYS A 520 19.68 -33.46 52.44
C LYS A 520 21.20 -33.56 52.32
N ARG A 521 21.70 -34.76 52.11
CA ARG A 521 23.16 -34.99 51.99
C ARG A 521 23.80 -34.07 50.94
N PHE A 522 23.24 -34.15 49.74
CA PHE A 522 23.78 -33.43 48.59
C PHE A 522 23.83 -31.95 48.91
N LEU A 523 22.73 -31.42 49.45
CA LEU A 523 22.65 -30.01 49.78
C LEU A 523 23.63 -29.61 50.87
N VAL A 524 23.88 -30.50 51.82
CA VAL A 524 24.88 -30.23 52.86
C VAL A 524 26.23 -29.99 52.19
N THR A 525 26.64 -30.95 51.37
CA THR A 525 27.93 -30.84 50.68
C THR A 525 28.00 -29.56 49.85
N VAL A 526 26.96 -29.32 49.07
CA VAL A 526 26.90 -28.16 48.18
C VAL A 526 27.01 -26.85 48.97
N ILE A 527 26.25 -26.74 50.05
CA ILE A 527 26.23 -25.55 50.89
C ILE A 527 27.61 -25.26 51.46
N LYS A 528 28.24 -26.30 52.03
CA LYS A 528 29.58 -26.11 52.58
C LYS A 528 30.55 -25.61 51.51
N ASP A 529 30.52 -26.28 50.36
CA ASP A 529 31.42 -25.92 49.27
C ASP A 529 31.22 -24.48 48.77
N LEU A 530 29.97 -24.08 48.63
CA LEU A 530 29.65 -22.73 48.17
C LEU A 530 29.99 -21.64 49.18
N LEU A 531 29.84 -21.95 50.47
CA LEU A 531 30.28 -21.02 51.51
C LEU A 531 31.80 -20.84 51.42
N GLY A 532 32.50 -21.95 51.25
CA GLY A 532 33.95 -21.91 51.10
C GLY A 532 34.32 -21.04 49.92
N LEU A 533 33.59 -21.21 48.81
CA LEU A 533 33.83 -20.42 47.62
C LEU A 533 33.54 -18.95 47.88
N THR A 534 32.51 -18.69 48.69
CA THR A 534 32.10 -17.34 49.04
C THR A 534 33.20 -16.59 49.78
N GLU A 535 33.82 -17.22 50.77
CA GLU A 535 34.87 -16.53 51.51
C GLU A 535 36.25 -16.57 50.87
N MET A 536 36.55 -17.62 50.10
CA MET A 536 37.87 -17.74 49.50
C MET A 536 38.06 -16.83 48.29
N LYS A 537 37.18 -16.93 47.30
CA LYS A 537 37.28 -16.09 46.13
C LYS A 537 36.89 -14.66 46.45
N ARG A 538 37.70 -13.70 46.00
CA ARG A 538 37.48 -12.29 46.28
C ARG A 538 37.30 -11.46 45.02
N GLY A 539 37.08 -10.16 45.21
CA GLY A 539 36.76 -9.27 44.11
C GLY A 539 35.26 -9.18 43.98
N LYS A 540 34.78 -8.05 43.50
CA LYS A 540 33.34 -7.82 43.42
C LYS A 540 32.67 -8.82 42.49
N ASP A 541 33.27 -9.07 41.32
CA ASP A 541 32.69 -9.97 40.32
C ASP A 541 32.53 -11.41 40.84
N ASN A 542 33.64 -12.01 41.26
CA ASN A 542 33.64 -13.38 41.76
C ASN A 542 32.64 -13.60 42.89
N LYS A 543 32.71 -12.74 43.89
CA LYS A 543 31.81 -12.85 45.04
C LYS A 543 30.38 -12.63 44.60
N ALA A 544 30.17 -11.76 43.61
CA ALA A 544 28.83 -11.52 43.10
C ALA A 544 28.25 -12.78 42.48
N VAL A 545 29.04 -13.45 41.64
CA VAL A 545 28.61 -14.68 41.00
C VAL A 545 28.31 -15.77 42.01
N VAL A 546 29.26 -16.00 42.92
CA VAL A 546 29.11 -17.05 43.92
C VAL A 546 27.88 -16.80 44.80
N ALA A 547 27.73 -15.56 45.24
CA ALA A 547 26.61 -15.16 46.08
C ALA A 547 25.30 -15.34 45.34
N SER A 548 25.28 -14.94 44.08
CA SER A 548 24.08 -15.05 43.26
C SER A 548 23.64 -16.49 43.19
N ASN A 549 24.58 -17.37 42.85
CA ASN A 549 24.30 -18.79 42.71
C ASN A 549 23.79 -19.42 44.01
N ILE A 550 24.52 -19.19 45.11
CA ILE A 550 24.13 -19.78 46.39
C ILE A 550 22.75 -19.27 46.83
N MET A 551 22.47 -18.00 46.54
CA MET A 551 21.17 -17.41 46.86
C MET A 551 20.05 -18.05 46.06
N TYR A 552 20.28 -18.27 44.76
CA TYR A 552 19.27 -18.92 43.94
C TYR A 552 18.98 -20.33 44.45
N ILE A 553 20.05 -21.06 44.74
CA ILE A 553 19.90 -22.45 45.20
C ILE A 553 19.12 -22.50 46.51
N VAL A 554 19.55 -21.72 47.51
CA VAL A 554 18.87 -21.75 48.81
C VAL A 554 17.45 -21.22 48.67
N GLY A 555 17.24 -20.37 47.67
CA GLY A 555 15.91 -19.89 47.34
C GLY A 555 15.04 -21.04 46.91
N GLN A 556 15.63 -21.95 46.13
CA GLN A 556 14.87 -23.08 45.58
C GLN A 556 14.65 -24.25 46.56
N TYR A 557 15.34 -24.23 47.70
CA TYR A 557 15.20 -25.34 48.66
C TYR A 557 14.72 -24.89 50.03
N PRO A 558 13.40 -24.73 50.20
CA PRO A 558 12.84 -24.37 51.51
C PRO A 558 12.66 -25.57 52.43
N ARG A 559 12.25 -26.71 51.87
CA ARG A 559 11.89 -27.89 52.64
C ARG A 559 13.06 -28.45 53.43
N PHE A 560 14.26 -28.35 52.86
CA PHE A 560 15.46 -28.85 53.51
C PHE A 560 15.75 -28.03 54.77
N LEU A 561 15.67 -26.72 54.62
CA LEU A 561 15.92 -25.81 55.73
C LEU A 561 14.95 -26.00 56.88
N LYS A 562 13.71 -26.34 56.54
CA LYS A 562 12.66 -26.54 57.54
C LYS A 562 13.02 -27.59 58.57
N ALA A 563 13.80 -28.58 58.17
CA ALA A 563 14.18 -29.66 59.07
C ALA A 563 15.62 -29.53 59.53
N HIS A 564 16.31 -28.53 59.02
CA HIS A 564 17.71 -28.32 59.37
C HIS A 564 18.00 -26.84 59.58
N TRP A 565 17.65 -26.37 60.77
CA TRP A 565 17.62 -24.96 61.13
C TRP A 565 18.97 -24.20 61.12
N LYS A 566 20.05 -24.88 61.50
CA LYS A 566 21.36 -24.23 61.59
C LYS A 566 21.80 -23.66 60.24
N PHE A 567 21.58 -24.44 59.19
CA PHE A 567 21.90 -24.01 57.85
C PHE A 567 21.08 -22.78 57.50
N LEU A 568 19.82 -22.79 57.95
CA LEU A 568 18.92 -21.66 57.76
C LEU A 568 19.52 -20.39 58.35
N LYS A 569 19.93 -20.46 59.61
CA LYS A 569 20.56 -19.32 60.27
C LYS A 569 21.80 -18.83 59.51
N THR A 570 22.70 -19.76 59.20
CA THR A 570 23.95 -19.44 58.51
C THR A 570 23.67 -18.71 57.19
N VAL A 571 22.78 -19.28 56.39
CA VAL A 571 22.49 -18.70 55.08
C VAL A 571 21.81 -17.34 55.22
N VAL A 572 21.03 -17.15 56.27
CA VAL A 572 20.44 -15.83 56.53
C VAL A 572 21.54 -14.78 56.77
N ASN A 573 22.45 -15.08 57.69
CA ASN A 573 23.55 -14.15 57.95
C ASN A 573 24.39 -13.87 56.69
N LYS A 574 24.61 -14.91 55.90
CA LYS A 574 25.33 -14.75 54.64
C LYS A 574 24.56 -13.84 53.68
N LEU A 575 23.22 -13.93 53.73
CA LEU A 575 22.38 -13.06 52.93
C LEU A 575 22.62 -11.61 53.33
N PHE A 576 22.73 -11.36 54.62
CA PHE A 576 23.04 -10.00 55.08
C PHE A 576 24.41 -9.53 54.59
N GLU A 577 25.38 -10.45 54.62
CA GLU A 577 26.71 -10.15 54.12
C GLU A 577 26.67 -9.73 52.65
N PHE A 578 25.89 -10.46 51.87
CA PHE A 578 25.74 -10.17 50.45
C PHE A 578 25.06 -8.81 50.29
N MET A 579 24.11 -8.58 51.19
CA MET A 579 23.31 -7.35 51.19
C MET A 579 24.17 -6.11 51.35
N HIS A 580 25.20 -6.20 52.18
CA HIS A 580 26.06 -5.04 52.41
C HIS A 580 27.08 -4.73 51.31
N GLU A 581 27.25 -5.64 50.36
CA GLU A 581 28.19 -5.43 49.26
C GLU A 581 27.79 -4.29 48.32
N SER A 582 28.77 -3.75 47.61
CA SER A 582 28.59 -2.56 46.78
C SER A 582 27.54 -2.70 45.66
N HIS A 583 27.60 -3.80 44.92
CA HIS A 583 26.73 -4.00 43.76
C HIS A 583 25.25 -4.06 44.15
N GLU A 584 24.41 -3.30 43.46
CA GLU A 584 22.99 -3.22 43.77
C GLU A 584 22.27 -4.55 43.53
N GLY A 585 22.68 -5.24 42.47
CA GLY A 585 22.04 -6.48 42.08
C GLY A 585 22.07 -7.54 43.18
N VAL A 586 23.21 -7.66 43.86
CA VAL A 586 23.33 -8.63 44.94
C VAL A 586 22.42 -8.25 46.11
N GLN A 587 22.24 -6.95 46.32
CA GLN A 587 21.33 -6.46 47.35
C GLN A 587 19.91 -6.90 47.02
N ASP A 588 19.51 -6.62 45.77
CA ASP A 588 18.17 -6.96 45.30
C ASP A 588 17.91 -8.45 45.46
N MET A 589 18.85 -9.26 44.98
CA MET A 589 18.71 -10.71 45.02
C MET A 589 18.73 -11.23 46.45
N ALA A 590 19.47 -10.56 47.33
CA ALA A 590 19.50 -10.95 48.73
C ALA A 590 18.13 -10.73 49.36
N CYS A 591 17.55 -9.57 49.07
CA CYS A 591 16.23 -9.23 49.59
C CYS A 591 15.15 -10.18 49.06
N ASP A 592 15.24 -10.50 47.76
CA ASP A 592 14.27 -11.39 47.12
C ASP A 592 14.40 -12.83 47.62
N THR A 593 15.62 -13.32 47.74
CA THR A 593 15.84 -14.66 48.26
C THR A 593 15.31 -14.72 49.68
N PHE A 594 15.60 -13.67 50.45
CA PHE A 594 15.14 -13.59 51.82
C PHE A 594 13.61 -13.63 51.90
N ILE A 595 12.93 -12.90 51.01
CA ILE A 595 11.47 -12.89 51.03
C ILE A 595 10.89 -14.24 50.59
N LYS A 596 11.56 -14.92 49.67
CA LYS A 596 11.14 -16.27 49.26
C LYS A 596 11.22 -17.23 50.46
N ILE A 597 12.39 -17.24 51.10
CA ILE A 597 12.63 -18.12 52.23
C ILE A 597 11.67 -17.82 53.36
N ALA A 598 11.40 -16.54 53.58
CA ALA A 598 10.45 -16.14 54.61
C ALA A 598 9.07 -16.67 54.29
N LYS A 599 8.67 -16.50 53.02
CA LYS A 599 7.36 -16.95 52.56
C LYS A 599 7.17 -18.44 52.80
N GLN A 600 8.14 -19.25 52.39
CA GLN A 600 8.01 -20.70 52.55
C GLN A 600 8.19 -21.21 53.97
N CYS A 601 9.17 -20.65 54.68
CA CYS A 601 9.58 -21.18 55.98
C CYS A 601 9.27 -20.22 57.13
N ARG A 602 8.18 -19.48 57.03
CA ARG A 602 7.86 -18.46 58.03
C ARG A 602 7.72 -19.01 59.45
N ARG A 603 7.10 -20.18 59.58
CA ARG A 603 6.75 -20.73 60.90
C ARG A 603 7.95 -20.98 61.81
N HIS A 604 9.10 -21.30 61.23
CA HIS A 604 10.27 -21.63 62.03
C HIS A 604 10.86 -20.45 62.79
N PHE A 605 10.79 -19.26 62.19
CA PHE A 605 11.36 -18.05 62.79
C PHE A 605 10.69 -17.65 64.09
N VAL A 606 9.37 -17.83 64.18
CA VAL A 606 8.62 -17.48 65.37
C VAL A 606 8.93 -18.46 66.49
N ALA A 607 9.07 -19.73 66.11
CA ALA A 607 9.29 -20.79 67.08
C ALA A 607 10.67 -20.71 67.72
N LEU A 608 10.79 -21.26 68.92
CA LEU A 608 12.07 -21.32 69.63
C LEU A 608 12.86 -22.56 69.19
N GLN A 609 14.05 -22.33 68.64
CA GLN A 609 14.92 -23.43 68.23
C GLN A 609 15.75 -23.83 69.45
N PRO A 610 16.00 -25.13 69.60
CA PRO A 610 16.75 -25.67 70.75
C PRO A 610 18.12 -25.04 70.89
N SER A 611 18.76 -24.76 69.75
CA SER A 611 20.07 -24.12 69.74
C SER A 611 20.03 -22.74 70.40
N GLU A 612 19.12 -21.90 69.92
CA GLU A 612 19.09 -20.49 70.35
C GLU A 612 18.25 -20.24 71.59
N ASN A 613 18.64 -19.23 72.35
CA ASN A 613 17.91 -18.80 73.54
C ASN A 613 16.56 -18.16 73.23
N GLU A 614 16.51 -17.36 72.17
CA GLU A 614 15.32 -16.59 71.83
C GLU A 614 14.90 -16.83 70.37
N PRO A 615 13.62 -16.55 70.04
CA PRO A 615 13.15 -16.64 68.65
C PRO A 615 13.94 -15.73 67.71
N PHE A 616 14.26 -16.24 66.52
CA PHE A 616 15.17 -15.56 65.61
C PHE A 616 14.63 -14.19 65.19
N ILE A 617 13.30 -14.09 65.09
CA ILE A 617 12.67 -12.85 64.69
C ILE A 617 13.05 -11.71 65.63
N GLU A 618 13.07 -12.02 66.93
CA GLU A 618 13.46 -11.06 67.95
C GLU A 618 14.86 -10.55 67.69
N GLU A 619 15.75 -11.46 67.31
CA GLU A 619 17.13 -11.11 66.98
C GLU A 619 17.16 -10.18 65.78
N ILE A 620 16.35 -10.48 64.77
CA ILE A 620 16.28 -9.65 63.56
C ILE A 620 15.80 -8.23 63.85
N ILE A 621 14.77 -8.11 64.69
CA ILE A 621 14.17 -6.82 65.00
C ILE A 621 15.15 -5.81 65.59
N ARG A 622 15.99 -6.25 66.52
CA ARG A 622 16.93 -5.36 67.18
C ARG A 622 18.03 -4.85 66.25
N ASN A 623 18.50 -5.72 65.35
CA ASN A 623 19.59 -5.35 64.45
C ASN A 623 19.12 -4.90 63.06
N ILE A 624 17.83 -4.64 62.93
CA ILE A 624 17.23 -4.33 61.63
C ILE A 624 17.84 -3.11 60.94
N GLY A 625 18.17 -2.08 61.72
CA GLY A 625 18.70 -0.86 61.17
C GLY A 625 20.07 -1.07 60.57
N LYS A 626 20.91 -1.81 61.27
CA LYS A 626 22.27 -2.11 60.83
C LYS A 626 22.24 -2.88 59.52
N ILE A 627 21.31 -3.83 59.43
CA ILE A 627 21.12 -4.64 58.24
C ILE A 627 20.71 -3.79 57.04
N THR A 628 19.76 -2.89 57.26
CA THR A 628 19.15 -2.12 56.18
C THR A 628 19.92 -0.84 55.84
N CYS A 629 21.11 -0.69 56.42
CA CYS A 629 21.90 0.54 56.26
C CYS A 629 22.20 0.93 54.82
N ASP A 630 22.67 -0.02 54.02
CA ASP A 630 23.07 0.25 52.65
C ASP A 630 21.92 0.16 51.64
N LEU A 631 20.76 -0.30 52.10
CA LEU A 631 19.66 -0.60 51.18
C LEU A 631 18.97 0.62 50.57
N THR A 632 18.53 0.44 49.32
CA THR A 632 17.63 1.36 48.66
C THR A 632 16.24 1.11 49.25
N PRO A 633 15.37 2.12 49.23
CA PRO A 633 14.03 1.99 49.82
C PRO A 633 13.20 0.78 49.37
N GLN A 634 13.30 0.39 48.10
CA GLN A 634 12.53 -0.76 47.62
C GLN A 634 12.97 -2.06 48.32
N GLN A 635 14.29 -2.21 48.44
CA GLN A 635 14.89 -3.34 49.12
C GLN A 635 14.41 -3.37 50.56
N VAL A 636 14.34 -2.19 51.16
CA VAL A 636 13.84 -2.02 52.51
C VAL A 636 12.40 -2.53 52.62
N HIS A 637 11.56 -2.08 51.68
CA HIS A 637 10.15 -2.47 51.66
C HIS A 637 10.00 -3.98 51.57
N THR A 638 10.76 -4.61 50.68
CA THR A 638 10.72 -6.05 50.52
C THR A 638 11.11 -6.74 51.84
N PHE A 639 12.15 -6.22 52.48
CA PHE A 639 12.61 -6.74 53.75
C PHE A 639 11.47 -6.74 54.76
N TYR A 640 10.84 -5.59 54.90
CA TYR A 640 9.73 -5.43 55.84
C TYR A 640 8.57 -6.35 55.47
N GLU A 641 8.43 -6.66 54.19
CA GLU A 641 7.40 -7.59 53.74
C GLU A 641 7.70 -8.99 54.26
N ALA A 642 8.95 -9.42 54.12
CA ALA A 642 9.35 -10.74 54.62
C ALA A 642 9.10 -10.84 56.12
N CYS A 643 9.55 -9.82 56.83
CA CYS A 643 9.33 -9.78 58.27
C CYS A 643 7.84 -9.82 58.57
N GLY A 644 7.05 -9.24 57.68
CA GLY A 644 5.61 -9.26 57.80
C GLY A 644 5.08 -10.67 57.71
N TYR A 645 5.64 -11.47 56.81
CA TYR A 645 5.26 -12.87 56.71
C TYR A 645 5.55 -13.58 58.03
N MET A 646 6.74 -13.32 58.55
CA MET A 646 7.13 -13.94 59.80
C MET A 646 6.18 -13.57 60.93
N VAL A 647 5.74 -12.31 60.95
CA VAL A 647 4.79 -11.86 61.96
C VAL A 647 3.44 -12.53 61.76
N SER A 648 3.06 -12.72 60.50
CA SER A 648 1.80 -13.36 60.16
C SER A 648 1.81 -14.78 60.69
N ALA A 649 2.99 -15.37 60.80
CA ALA A 649 3.11 -16.73 61.29
C ALA A 649 2.71 -16.90 62.77
N GLN A 650 2.68 -15.80 63.51
CA GLN A 650 2.41 -15.86 64.95
C GLN A 650 0.95 -16.16 65.30
N GLY A 651 0.73 -17.20 66.09
CA GLY A 651 -0.59 -17.58 66.53
C GLY A 651 -1.10 -16.78 67.72
N ASN A 652 -0.19 -16.37 68.59
CA ASN A 652 -0.57 -15.62 69.79
C ASN A 652 -0.83 -14.14 69.49
N ARG A 653 -2.07 -13.73 69.71
CA ARG A 653 -2.54 -12.39 69.34
C ARG A 653 -1.72 -11.26 69.96
N ASN A 654 -1.55 -11.31 71.27
CA ASN A 654 -0.84 -10.25 71.98
C ASN A 654 0.64 -10.17 71.59
N GLN A 655 1.28 -11.32 71.48
CA GLN A 655 2.67 -11.38 71.03
C GLN A 655 2.76 -10.87 69.60
N GLN A 656 1.73 -11.16 68.81
CA GLN A 656 1.66 -10.68 67.43
C GLN A 656 1.60 -9.15 67.42
N GLU A 657 0.83 -8.60 68.34
CA GLU A 657 0.69 -7.15 68.48
C GLU A 657 2.02 -6.52 68.85
N ARG A 658 2.69 -7.14 69.82
CA ARG A 658 4.00 -6.68 70.28
C ARG A 658 5.04 -6.72 69.16
N LEU A 659 5.10 -7.85 68.46
CA LEU A 659 6.07 -8.04 67.39
C LEU A 659 5.83 -7.06 66.26
N LEU A 660 4.57 -6.86 65.91
CA LEU A 660 4.21 -5.89 64.88
C LEU A 660 4.63 -4.50 65.33
N ALA A 661 4.41 -4.20 66.60
CA ALA A 661 4.76 -2.91 67.16
C ALA A 661 6.25 -2.63 67.01
N GLU A 662 7.08 -3.56 67.49
CA GLU A 662 8.52 -3.37 67.44
C GLU A 662 9.05 -3.38 66.01
N LEU A 663 8.35 -4.11 65.14
CA LEU A 663 8.74 -4.18 63.73
C LEU A 663 8.58 -2.81 63.06
N MET A 664 7.44 -2.18 63.28
CA MET A 664 7.16 -0.88 62.68
C MET A 664 7.72 0.28 63.51
N ALA A 665 8.53 -0.04 64.50
CA ALA A 665 9.06 0.98 65.42
C ALA A 665 9.75 2.15 64.70
N ILE A 666 10.65 1.83 63.77
CA ILE A 666 11.37 2.86 63.02
C ILE A 666 10.46 3.71 62.11
N PRO A 667 9.64 3.07 61.25
CA PRO A 667 8.78 3.90 60.42
C PRO A 667 7.79 4.70 61.25
N ASN A 668 7.29 4.12 62.34
CA ASN A 668 6.36 4.82 63.21
C ASN A 668 7.00 6.04 63.89
N ALA A 669 8.23 5.86 64.36
CA ALA A 669 8.95 6.96 65.01
C ALA A 669 9.22 8.08 64.02
N ALA A 670 9.71 7.70 62.84
CA ALA A 670 9.99 8.67 61.80
C ALA A 670 8.71 9.41 61.44
N TRP A 671 7.61 8.66 61.38
CA TRP A 671 6.30 9.19 61.06
C TRP A 671 5.88 10.22 62.09
N ASP A 672 6.09 9.90 63.36
CA ASP A 672 5.71 10.79 64.45
C ASP A 672 6.51 12.09 64.37
N GLU A 673 7.81 11.96 64.12
CA GLU A 673 8.68 13.12 63.94
C GLU A 673 8.17 14.03 62.83
N ILE A 674 7.86 13.42 61.69
CA ILE A 674 7.35 14.16 60.55
C ILE A 674 6.00 14.81 60.86
N ILE A 675 5.16 14.10 61.61
CA ILE A 675 3.85 14.63 61.99
C ILE A 675 4.00 15.88 62.85
N LYS A 676 4.92 15.85 63.81
CA LYS A 676 5.17 17.03 64.63
C LYS A 676 5.66 18.18 63.77
N ALA A 677 6.62 17.88 62.90
CA ALA A 677 7.23 18.92 62.07
C ALA A 677 6.19 19.58 61.15
N ALA A 678 5.37 18.77 60.50
CA ALA A 678 4.33 19.27 59.61
C ALA A 678 3.25 19.99 60.40
N THR A 679 3.03 19.55 61.64
CA THR A 679 2.06 20.19 62.50
C THR A 679 2.48 21.61 62.80
N MET A 680 3.78 21.82 63.01
CA MET A 680 4.27 23.18 63.22
C MET A 680 4.09 24.04 61.98
N ASN A 681 4.43 23.48 60.82
CA ASN A 681 4.10 24.09 59.54
C ASN A 681 4.00 23.04 58.43
N PRO A 682 2.91 23.07 57.65
CA PRO A 682 2.69 22.08 56.60
C PRO A 682 3.41 22.46 55.32
N GLY A 683 4.20 23.52 55.38
CA GLY A 683 5.01 23.91 54.24
C GLY A 683 6.09 22.87 54.01
N ILE A 684 6.53 22.25 55.09
CA ILE A 684 7.57 21.22 55.00
C ILE A 684 7.08 20.04 54.18
N LEU A 685 5.77 19.84 54.17
CA LEU A 685 5.17 18.74 53.42
C LEU A 685 5.47 18.90 51.93
N HIS A 686 5.46 20.12 51.44
CA HIS A 686 5.77 20.35 50.03
C HIS A 686 7.27 20.57 49.82
N GLU A 687 8.05 19.59 50.26
CA GLU A 687 9.49 19.57 50.05
C GLU A 687 9.87 18.18 49.57
N PRO A 688 10.70 18.11 48.52
CA PRO A 688 11.03 16.84 47.84
C PRO A 688 11.46 15.77 48.83
N ASP A 689 12.27 16.18 49.80
CA ASP A 689 12.78 15.28 50.82
C ASP A 689 11.63 14.66 51.59
N THR A 690 10.77 15.52 52.17
CA THR A 690 9.67 15.07 53.00
C THR A 690 8.73 14.17 52.23
N ILE A 691 8.40 14.59 51.00
CA ILE A 691 7.52 13.82 50.13
C ILE A 691 8.06 12.42 49.91
N LYS A 692 9.33 12.33 49.53
CA LYS A 692 9.94 11.04 49.26
C LYS A 692 9.99 10.17 50.51
N ILE A 693 10.27 10.78 51.67
CA ILE A 693 10.32 10.04 52.92
C ILE A 693 8.96 9.45 53.27
N ILE A 694 7.94 10.30 53.28
CA ILE A 694 6.58 9.88 53.59
C ILE A 694 6.17 8.76 52.65
N GLY A 695 6.52 8.92 51.38
CA GLY A 695 6.20 7.91 50.40
C GLY A 695 6.85 6.59 50.78
N ASN A 696 8.10 6.66 51.24
CA ASN A 696 8.81 5.47 51.67
C ASN A 696 8.15 4.78 52.86
N ILE A 697 7.74 5.58 53.85
CA ILE A 697 7.08 5.04 55.03
C ILE A 697 5.79 4.35 54.65
N MET A 698 5.03 5.01 53.78
CA MET A 698 3.78 4.48 53.30
C MET A 698 4.00 3.16 52.60
N LYS A 699 4.97 3.10 51.69
CA LYS A 699 5.24 1.88 50.94
C LYS A 699 5.69 0.74 51.84
N THR A 700 6.45 1.07 52.87
CA THR A 700 6.89 0.08 53.84
C THR A 700 5.67 -0.52 54.53
N ASN A 701 4.78 0.38 54.97
CA ASN A 701 3.53 -0.04 55.60
C ASN A 701 2.69 -0.90 54.65
N VAL A 702 2.72 -0.57 53.36
CA VAL A 702 1.98 -1.32 52.35
C VAL A 702 2.51 -2.73 52.26
N SER A 703 3.83 -2.86 52.21
CA SER A 703 4.47 -4.18 52.16
C SER A 703 4.09 -5.02 53.38
N ALA A 704 4.27 -4.43 54.55
CA ALA A 704 3.99 -5.11 55.81
C ALA A 704 2.55 -5.57 55.89
N CYS A 705 1.63 -4.67 55.54
CA CYS A 705 0.20 -4.98 55.58
C CYS A 705 -0.14 -6.06 54.56
N SER A 706 0.53 -6.02 53.42
CA SER A 706 0.32 -7.00 52.36
C SER A 706 0.69 -8.40 52.84
N SER A 707 1.78 -8.49 53.60
CA SER A 707 2.20 -9.80 54.10
C SER A 707 1.42 -10.29 55.34
N ILE A 708 1.14 -9.37 56.28
CA ILE A 708 0.50 -9.74 57.54
C ILE A 708 -0.99 -10.03 57.39
N GLY A 709 -1.69 -9.15 56.67
CA GLY A 709 -3.11 -9.32 56.43
C GLY A 709 -4.00 -8.81 57.53
N PRO A 710 -5.09 -9.55 57.82
CA PRO A 710 -6.19 -9.17 58.72
C PRO A 710 -5.75 -8.63 60.07
N TYR A 711 -4.59 -9.06 60.56
CA TYR A 711 -4.15 -8.69 61.89
C TYR A 711 -3.26 -7.45 61.87
N PHE A 712 -3.46 -6.59 60.88
CA PHE A 712 -2.70 -5.35 60.79
C PHE A 712 -3.42 -4.22 61.53
N PHE A 713 -4.66 -4.47 61.93
CA PHE A 713 -5.51 -3.44 62.52
C PHE A 713 -4.95 -2.65 63.71
N PRO A 714 -4.12 -3.28 64.58
CA PRO A 714 -3.59 -2.43 65.65
C PRO A 714 -2.69 -1.33 65.11
N GLN A 715 -1.89 -1.65 64.09
CA GLN A 715 -0.97 -0.69 63.50
C GLN A 715 -1.70 0.46 62.81
N ILE A 716 -2.69 0.12 62.01
CA ILE A 716 -3.40 1.12 61.21
C ILE A 716 -4.21 2.10 62.06
N GLY A 717 -4.78 1.62 63.15
CA GLY A 717 -5.61 2.46 64.01
C GLY A 717 -4.78 3.58 64.59
N ARG A 718 -3.55 3.24 64.93
CA ARG A 718 -2.58 4.20 65.43
C ARG A 718 -2.32 5.28 64.39
N LEU A 719 -2.05 4.85 63.17
CA LEU A 719 -1.72 5.78 62.08
C LEU A 719 -2.93 6.46 61.46
N TYR A 720 -4.08 5.80 61.50
CA TYR A 720 -5.24 6.20 60.70
C TYR A 720 -5.71 7.64 60.84
N ASN A 721 -5.81 8.12 62.07
CA ASN A 721 -6.32 9.46 62.32
C ASN A 721 -5.44 10.54 61.71
N ASP A 722 -4.14 10.45 61.94
CA ASP A 722 -3.18 11.44 61.48
C ASP A 722 -3.09 11.47 59.97
N MET A 723 -3.32 10.31 59.34
CA MET A 723 -3.31 10.19 57.88
C MET A 723 -4.39 11.07 57.27
N LEU A 724 -5.58 11.03 57.86
CA LEU A 724 -6.70 11.82 57.38
C LEU A 724 -6.38 13.30 57.44
N GLN A 725 -5.76 13.73 58.55
CA GLN A 725 -5.40 15.12 58.72
C GLN A 725 -4.30 15.55 57.76
N MET A 726 -3.37 14.63 57.47
CA MET A 726 -2.34 14.92 56.48
C MET A 726 -2.96 15.03 55.09
N TYR A 727 -3.93 14.16 54.82
CA TYR A 727 -4.64 14.18 53.54
C TYR A 727 -5.36 15.49 53.33
N ALA A 728 -6.04 15.97 54.37
CA ALA A 728 -6.76 17.24 54.30
C ALA A 728 -5.80 18.41 54.13
N ALA A 729 -4.66 18.34 54.79
CA ALA A 729 -3.66 19.39 54.74
C ALA A 729 -3.11 19.56 53.33
N THR A 730 -2.58 18.47 52.77
CA THR A 730 -2.00 18.47 51.43
C THR A 730 -2.99 19.00 50.40
N SER A 731 -4.23 18.53 50.48
CA SER A 731 -5.30 18.99 49.61
C SER A 731 -5.47 20.50 49.70
N GLN A 732 -5.46 21.01 50.92
CA GLN A 732 -5.61 22.45 51.15
C GLN A 732 -4.42 23.21 50.57
N LEU A 733 -3.24 22.61 50.66
CA LEU A 733 -2.03 23.20 50.09
C LEU A 733 -2.14 23.31 48.57
N ILE A 734 -2.80 22.33 47.96
CA ILE A 734 -2.99 22.32 46.51
C ILE A 734 -3.95 23.43 46.11
N SER A 735 -5.04 23.59 46.87
CA SER A 735 -6.04 24.61 46.59
C SER A 735 -5.44 26.01 46.63
N GLU A 736 -4.43 26.20 47.47
CA GLU A 736 -3.74 27.48 47.55
C GLU A 736 -2.77 27.66 46.39
N ALA A 737 -2.07 26.58 46.05
CA ALA A 737 -1.08 26.62 44.99
C ALA A 737 -1.73 26.99 43.66
N VAL A 738 -2.88 26.38 43.39
CA VAL A 738 -3.63 26.65 42.18
C VAL A 738 -4.10 28.11 42.15
N ALA A 739 -4.72 28.55 43.24
CA ALA A 739 -5.26 29.90 43.30
C ALA A 739 -4.18 30.95 43.04
N ARG A 740 -2.98 30.69 43.54
CA ARG A 740 -1.85 31.59 43.34
C ARG A 740 -1.29 31.51 41.93
N ASP A 741 -1.12 30.30 41.43
CA ASP A 741 -0.40 30.09 40.17
C ASP A 741 -1.27 29.56 39.04
N GLY A 742 -2.59 29.62 39.20
CA GLY A 742 -3.50 29.16 38.17
C GLY A 742 -3.58 27.65 38.09
N GLU A 743 -4.29 27.15 37.09
CA GLU A 743 -4.50 25.72 36.94
C GLU A 743 -3.22 25.01 36.47
N ILE A 744 -2.31 25.78 35.87
CA ILE A 744 -1.04 25.25 35.38
C ILE A 744 -0.17 24.69 36.50
N ALA A 745 -0.45 25.11 37.72
CA ALA A 745 0.34 24.76 38.89
C ALA A 745 0.51 23.25 39.08
N THR A 746 -0.47 22.48 38.62
CA THR A 746 -0.43 21.02 38.73
C THR A 746 0.77 20.41 38.01
N LYS A 747 1.26 21.10 36.98
CA LYS A 747 2.43 20.63 36.24
C LYS A 747 3.73 20.75 37.03
N MET A 748 3.78 21.74 37.92
CA MET A 748 4.98 22.00 38.72
C MET A 748 5.23 20.89 39.73
N PRO A 749 6.51 20.65 40.08
CA PRO A 749 6.92 19.49 40.90
C PRO A 749 6.26 19.40 42.27
N LYS A 750 6.05 20.54 42.92
CA LYS A 750 5.52 20.57 44.29
C LYS A 750 4.17 19.88 44.38
N VAL A 751 3.22 20.34 43.58
CA VAL A 751 1.88 19.79 43.56
C VAL A 751 1.93 18.32 43.20
N ARG A 752 2.80 17.96 42.27
CA ARG A 752 2.99 16.58 41.85
C ARG A 752 3.40 15.73 43.05
N GLY A 753 4.22 16.31 43.92
CA GLY A 753 4.65 15.64 45.13
C GLY A 753 3.52 15.45 46.11
N LEU A 754 2.72 16.50 46.31
CA LEU A 754 1.58 16.43 47.21
C LEU A 754 0.62 15.32 46.78
N ARG A 755 0.33 15.30 45.48
CA ARG A 755 -0.54 14.27 44.90
C ARG A 755 0.08 12.90 45.11
N THR A 756 1.40 12.81 44.96
CA THR A 756 2.11 11.56 45.17
C THR A 756 1.84 11.04 46.58
N ILE A 757 1.98 11.92 47.56
CA ILE A 757 1.72 11.60 48.95
C ILE A 757 0.31 11.05 49.16
N LYS A 758 -0.67 11.82 48.67
CA LYS A 758 -2.07 11.42 48.82
C LYS A 758 -2.29 10.03 48.22
N LYS A 759 -1.70 9.80 47.05
CA LYS A 759 -1.82 8.51 46.37
C LYS A 759 -1.25 7.38 47.22
N GLU A 760 -0.10 7.61 47.83
CA GLU A 760 0.52 6.57 48.65
C GLU A 760 -0.37 6.23 49.85
N ILE A 761 -0.87 7.26 50.52
CA ILE A 761 -1.79 7.06 51.64
C ILE A 761 -2.97 6.20 51.22
N LEU A 762 -3.60 6.61 50.11
CA LEU A 762 -4.75 5.87 49.59
C LEU A 762 -4.39 4.42 49.31
N LYS A 763 -3.22 4.18 48.73
CA LYS A 763 -2.80 2.81 48.42
C LYS A 763 -2.70 1.97 49.69
N LEU A 764 -2.18 2.57 50.76
CA LEU A 764 -2.14 1.87 52.04
C LEU A 764 -3.56 1.52 52.50
N VAL A 765 -4.45 2.50 52.47
CA VAL A 765 -5.83 2.28 52.91
C VAL A 765 -6.48 1.15 52.12
N GLU A 766 -6.27 1.15 50.80
CA GLU A 766 -6.80 0.13 49.91
C GLU A 766 -6.31 -1.24 50.33
N THR A 767 -4.99 -1.35 50.53
CA THR A 767 -4.38 -2.61 50.92
C THR A 767 -5.03 -3.15 52.19
N PHE A 768 -5.10 -2.32 53.22
CA PHE A 768 -5.69 -2.79 54.46
C PHE A 768 -7.15 -3.20 54.29
N VAL A 769 -7.91 -2.43 53.52
CA VAL A 769 -9.33 -2.76 53.32
C VAL A 769 -9.47 -4.12 52.63
N GLU A 770 -8.57 -4.41 51.68
CA GLU A 770 -8.54 -5.73 51.06
C GLU A 770 -8.30 -6.82 52.10
N LYS A 771 -7.32 -6.59 52.97
CA LYS A 771 -6.94 -7.62 53.94
C LYS A 771 -7.94 -7.86 55.09
N ALA A 772 -8.82 -6.88 55.33
CA ALA A 772 -9.70 -6.88 56.50
C ALA A 772 -10.60 -8.11 56.65
N GLU A 773 -10.82 -8.53 57.89
CA GLU A 773 -11.74 -9.62 58.19
C GLU A 773 -12.97 -9.10 58.91
N ASP A 774 -12.76 -8.16 59.82
CA ASP A 774 -13.85 -7.54 60.58
C ASP A 774 -14.46 -6.40 59.77
N LEU A 775 -15.34 -6.74 58.84
CA LEU A 775 -15.92 -5.76 57.92
C LEU A 775 -16.76 -4.71 58.65
N GLN A 776 -17.52 -5.14 59.65
CA GLN A 776 -18.41 -4.24 60.36
C GLN A 776 -17.68 -3.11 61.07
N ALA A 777 -16.57 -3.45 61.72
CA ALA A 777 -15.79 -2.45 62.43
C ALA A 777 -15.19 -1.45 61.46
N VAL A 778 -14.67 -1.95 60.35
CA VAL A 778 -14.07 -1.12 59.31
C VAL A 778 -15.12 -0.16 58.78
N ARG A 779 -16.32 -0.68 58.55
CA ARG A 779 -17.42 0.11 58.07
C ARG A 779 -17.68 1.22 59.09
N SER A 780 -17.83 0.82 60.35
CA SER A 780 -18.17 1.74 61.42
C SER A 780 -17.07 2.75 61.68
N GLN A 781 -15.84 2.26 61.81
CA GLN A 781 -14.71 3.10 62.22
C GLN A 781 -13.99 3.86 61.11
N MET A 782 -13.68 3.18 60.00
CA MET A 782 -12.83 3.76 58.97
C MET A 782 -13.58 4.52 57.88
N ILE A 783 -14.62 3.89 57.34
CA ILE A 783 -15.30 4.41 56.14
C ILE A 783 -15.84 5.85 56.24
N PRO A 784 -16.67 6.16 57.26
CA PRO A 784 -17.26 7.50 57.27
C PRO A 784 -16.22 8.62 57.34
N GLY A 785 -15.19 8.42 58.15
CA GLY A 785 -14.11 9.38 58.26
C GLY A 785 -13.34 9.48 56.96
N LEU A 786 -13.12 8.34 56.33
CA LEU A 786 -12.38 8.31 55.07
C LEU A 786 -13.09 9.12 53.99
N LEU A 787 -14.38 8.84 53.81
CA LEU A 787 -15.19 9.54 52.82
C LEU A 787 -15.30 11.02 53.17
N ASP A 788 -15.39 11.32 54.46
CA ASP A 788 -15.43 12.69 54.95
C ASP A 788 -14.18 13.43 54.51
N SER A 789 -13.05 12.73 54.54
CA SER A 789 -11.77 13.32 54.16
C SER A 789 -11.60 13.47 52.65
N VAL A 790 -12.05 12.47 51.90
CA VAL A 790 -11.75 12.44 50.46
C VAL A 790 -12.80 13.06 49.52
N LEU A 791 -14.08 12.83 49.80
CA LEU A 791 -15.15 13.13 48.82
C LEU A 791 -15.38 14.61 48.50
N VAL A 792 -15.78 15.40 49.49
CA VAL A 792 -16.10 16.81 49.27
C VAL A 792 -14.88 17.50 48.67
N ASP A 793 -13.70 17.10 49.14
CA ASP A 793 -12.45 17.62 48.61
C ASP A 793 -12.35 17.29 47.12
N TYR A 794 -12.59 16.02 46.78
CA TYR A 794 -12.56 15.58 45.39
C TYR A 794 -13.49 16.40 44.50
N ASN A 795 -14.69 16.67 45.00
CA ASN A 795 -15.65 17.47 44.25
C ASN A 795 -15.14 18.90 44.06
N ARG A 796 -14.78 19.54 45.17
CA ARG A 796 -14.37 20.94 45.16
C ARG A 796 -13.08 21.18 44.38
N ASN A 797 -12.21 20.18 44.34
CA ASN A 797 -10.95 20.29 43.60
C ASN A 797 -11.17 20.55 42.11
N VAL A 798 -10.21 21.22 41.48
CA VAL A 798 -10.26 21.45 40.05
C VAL A 798 -9.84 20.17 39.30
N PRO A 799 -10.17 20.08 38.00
CA PRO A 799 -9.85 18.87 37.22
C PRO A 799 -8.39 18.44 37.29
N GLY A 800 -7.48 19.40 37.28
CA GLY A 800 -6.06 19.10 37.41
C GLY A 800 -5.75 18.45 38.74
N ALA A 801 -6.42 18.94 39.79
CA ALA A 801 -6.20 18.44 41.14
C ALA A 801 -6.81 17.06 41.39
N ARG A 802 -7.95 16.79 40.77
CA ARG A 802 -8.67 15.54 41.02
C ARG A 802 -7.83 14.32 40.67
N ASP A 803 -7.87 13.32 41.54
CA ASP A 803 -7.05 12.12 41.37
C ASP A 803 -7.91 10.86 41.26
N ALA A 804 -7.57 10.00 40.31
CA ALA A 804 -8.32 8.78 40.06
C ALA A 804 -8.21 7.76 41.18
N GLU A 805 -7.13 7.84 41.95
CA GLU A 805 -6.90 6.89 43.03
C GLU A 805 -8.04 6.89 44.04
N VAL A 806 -8.73 8.02 44.14
CA VAL A 806 -9.93 8.10 44.97
C VAL A 806 -10.97 7.11 44.44
N LEU A 807 -11.17 7.14 43.13
CA LEU A 807 -12.12 6.25 42.46
C LEU A 807 -11.69 4.80 42.66
N LYS A 808 -10.39 4.56 42.56
CA LYS A 808 -9.86 3.22 42.76
C LYS A 808 -10.21 2.74 44.17
N ALA A 809 -10.05 3.64 45.13
CA ALA A 809 -10.30 3.33 46.53
C ALA A 809 -11.77 3.01 46.75
N MET A 810 -12.64 3.81 46.15
CA MET A 810 -14.07 3.59 46.26
C MET A 810 -14.42 2.22 45.69
N THR A 811 -13.82 1.93 44.53
CA THR A 811 -14.01 0.66 43.85
C THR A 811 -13.64 -0.49 44.79
N VAL A 812 -12.48 -0.38 45.43
CA VAL A 812 -12.00 -1.41 46.33
C VAL A 812 -12.86 -1.60 47.58
N ILE A 813 -13.19 -0.50 48.26
CA ILE A 813 -13.95 -0.59 49.50
C ILE A 813 -15.37 -1.09 49.25
N ILE A 814 -15.96 -0.69 48.13
CA ILE A 814 -17.27 -1.18 47.77
C ILE A 814 -17.18 -2.66 47.40
N THR A 815 -16.09 -3.02 46.73
CA THR A 815 -15.86 -4.42 46.35
C THR A 815 -15.79 -5.33 47.58
N ARG A 816 -14.98 -4.98 48.56
CA ARG A 816 -14.83 -5.79 49.76
C ARG A 816 -16.06 -5.74 50.66
N LEU A 817 -16.49 -4.53 51.01
CA LEU A 817 -17.58 -4.36 51.96
C LEU A 817 -18.94 -4.80 51.41
N GLN A 818 -19.12 -4.70 50.10
CA GLN A 818 -20.37 -5.05 49.44
C GLN A 818 -21.54 -4.22 49.97
N GLY A 819 -22.56 -4.92 50.49
CA GLY A 819 -23.79 -4.27 50.90
C GLY A 819 -23.74 -3.47 52.19
N LEU A 820 -22.59 -2.92 52.51
CA LEU A 820 -22.45 -2.08 53.70
C LEU A 820 -22.10 -0.65 53.30
N MET A 821 -21.65 -0.49 52.06
CA MET A 821 -21.34 0.83 51.53
C MET A 821 -22.59 1.46 50.94
N GLU A 822 -23.65 0.66 50.88
CA GLU A 822 -24.91 1.06 50.25
C GLU A 822 -25.47 2.34 50.87
N ASP A 823 -25.30 2.47 52.17
CA ASP A 823 -25.77 3.65 52.88
C ASP A 823 -24.98 4.87 52.45
N GLN A 824 -23.68 4.68 52.24
CA GLN A 824 -22.79 5.79 51.88
C GLN A 824 -22.82 6.14 50.41
N VAL A 825 -23.37 5.23 49.59
CA VAL A 825 -23.40 5.40 48.14
C VAL A 825 -23.90 6.77 47.61
N PRO A 826 -25.02 7.29 48.16
CA PRO A 826 -25.48 8.60 47.66
C PRO A 826 -24.41 9.69 47.79
N ALA A 827 -23.68 9.70 48.90
CA ALA A 827 -22.64 10.69 49.13
C ALA A 827 -21.56 10.65 48.05
N ILE A 828 -21.16 9.44 47.67
CA ILE A 828 -20.12 9.27 46.66
C ILE A 828 -20.58 9.80 45.31
N MET A 829 -21.76 9.37 44.88
CA MET A 829 -22.29 9.76 43.58
C MET A 829 -22.50 11.26 43.50
N GLU A 830 -22.95 11.83 44.61
CA GLU A 830 -23.21 13.26 44.69
C GLU A 830 -21.94 14.06 44.43
N ASN A 831 -20.83 13.59 44.97
CA ASN A 831 -19.56 14.30 44.87
C ASN A 831 -18.70 13.92 43.68
N VAL A 832 -18.97 12.77 43.10
CA VAL A 832 -18.12 12.22 42.04
C VAL A 832 -18.74 12.21 40.65
N PHE A 833 -19.98 11.74 40.55
CA PHE A 833 -20.57 11.42 39.25
C PHE A 833 -20.65 12.61 38.27
N GLU A 834 -21.28 13.70 38.70
CA GLU A 834 -21.54 14.81 37.78
C GLU A 834 -20.26 15.55 37.33
N CYS A 835 -19.30 15.71 38.23
CA CYS A 835 -18.07 16.45 37.92
C CYS A 835 -17.16 15.65 37.00
N THR A 836 -17.03 14.36 37.27
CA THR A 836 -16.12 13.49 36.53
C THR A 836 -16.51 13.39 35.06
N LEU A 837 -17.82 13.31 34.81
CA LEU A 837 -18.34 13.18 33.45
C LEU A 837 -17.89 14.33 32.55
N ASP A 838 -17.99 15.55 33.06
CA ASP A 838 -17.62 16.74 32.30
C ASP A 838 -16.13 16.75 31.90
N MET A 839 -15.34 15.93 32.57
CA MET A 839 -13.92 15.80 32.24
C MET A 839 -13.76 14.90 31.01
N ILE A 840 -14.79 14.15 30.70
CA ILE A 840 -14.80 13.22 29.57
C ILE A 840 -15.40 13.88 28.33
N ASN A 841 -16.39 14.75 28.54
CA ASN A 841 -17.14 15.35 27.44
C ASN A 841 -16.30 16.35 26.66
N LYS A 842 -15.74 17.32 27.37
CA LYS A 842 -14.91 18.35 26.78
C LYS A 842 -13.71 17.73 26.07
N ASP A 843 -13.08 16.80 26.77
CA ASP A 843 -11.87 16.13 26.29
C ASP A 843 -12.10 14.66 25.98
N PHE A 844 -12.07 14.30 24.69
CA PHE A 844 -12.43 12.95 24.25
C PHE A 844 -11.50 11.86 24.78
N ALA A 845 -10.20 12.09 24.67
CA ALA A 845 -9.20 11.10 25.06
C ALA A 845 -8.54 11.34 26.42
N GLU A 846 -8.71 12.55 26.95
CA GLU A 846 -7.97 12.95 28.15
C GLU A 846 -8.40 12.23 29.42
N TYR A 847 -7.49 12.22 30.39
CA TYR A 847 -7.71 11.58 31.69
C TYR A 847 -8.12 10.11 31.52
N PRO A 848 -7.27 9.31 30.87
CA PRO A 848 -7.62 7.91 30.59
C PRO A 848 -7.74 7.11 31.88
N GLU A 849 -6.85 7.36 32.83
CA GLU A 849 -6.89 6.70 34.13
C GLU A 849 -8.25 6.96 34.78
N HIS A 850 -8.65 8.22 34.76
CA HIS A 850 -9.93 8.65 35.32
C HIS A 850 -11.08 7.92 34.63
N ARG A 851 -10.96 7.76 33.31
CA ARG A 851 -11.96 7.09 32.50
C ARG A 851 -12.13 5.63 32.94
N VAL A 852 -11.03 4.88 32.86
CA VAL A 852 -11.04 3.46 33.18
C VAL A 852 -11.50 3.20 34.61
N GLU A 853 -11.03 4.01 35.55
CA GLU A 853 -11.39 3.81 36.95
C GLU A 853 -12.80 4.26 37.28
N PHE A 854 -13.30 5.25 36.57
CA PHE A 854 -14.70 5.65 36.70
C PHE A 854 -15.59 4.51 36.27
N PHE A 855 -15.31 4.00 35.07
CA PHE A 855 -16.12 2.90 34.57
C PHE A 855 -16.06 1.70 35.53
N ASN A 856 -14.85 1.30 35.90
CA ASN A 856 -14.67 0.15 36.78
C ASN A 856 -15.39 0.37 38.09
N LEU A 857 -15.41 1.62 38.55
CA LEU A 857 -16.15 1.97 39.75
C LEU A 857 -17.63 1.70 39.57
N LEU A 858 -18.19 2.15 38.45
CA LEU A 858 -19.61 1.91 38.19
C LEU A 858 -19.92 0.42 38.14
N ARG A 859 -19.01 -0.34 37.53
CA ARG A 859 -19.14 -1.78 37.42
C ARG A 859 -19.21 -2.40 38.81
N ALA A 860 -18.32 -1.94 39.68
CA ALA A 860 -18.27 -2.43 41.06
C ALA A 860 -19.54 -2.07 41.82
N ILE A 861 -20.05 -0.87 41.60
CA ILE A 861 -21.26 -0.40 42.25
C ILE A 861 -22.44 -1.28 41.89
N ASN A 862 -22.70 -1.42 40.58
CA ASN A 862 -23.82 -2.24 40.13
C ASN A 862 -23.67 -3.69 40.57
N LEU A 863 -22.45 -4.22 40.45
CA LEU A 863 -22.20 -5.62 40.76
C LEU A 863 -22.41 -5.90 42.24
N TYR A 864 -22.03 -4.95 43.10
CA TYR A 864 -22.03 -5.20 44.53
C TYR A 864 -23.11 -4.44 45.28
N CYS A 865 -23.47 -3.26 44.80
CA CYS A 865 -24.46 -2.44 45.48
C CYS A 865 -25.60 -2.10 44.54
N PHE A 866 -26.28 -3.14 44.06
CA PHE A 866 -27.42 -2.97 43.17
C PHE A 866 -28.68 -2.36 43.81
N PRO A 867 -29.12 -2.87 44.98
CA PRO A 867 -30.37 -2.33 45.51
C PRO A 867 -30.26 -0.83 45.83
N ALA A 868 -29.05 -0.36 46.04
CA ALA A 868 -28.81 1.06 46.29
C ALA A 868 -28.95 1.86 44.99
N LEU A 869 -28.68 1.20 43.87
CA LEU A 869 -28.66 1.86 42.57
C LEU A 869 -30.02 2.37 42.09
N LEU A 870 -31.10 1.75 42.56
CA LEU A 870 -32.44 2.10 42.09
C LEU A 870 -32.89 3.48 42.54
N LYS A 871 -32.05 4.15 43.31
CA LYS A 871 -32.41 5.44 43.90
C LYS A 871 -31.90 6.62 43.07
N LEU A 872 -31.06 6.33 42.08
CA LEU A 872 -30.45 7.36 41.25
C LEU A 872 -31.51 8.20 40.56
N ASP A 873 -31.21 9.46 40.31
CA ASP A 873 -32.11 10.28 39.53
C ASP A 873 -32.10 9.72 38.12
N ASN A 874 -33.22 9.81 37.44
CA ASN A 874 -33.36 9.22 36.11
C ASN A 874 -32.38 9.84 35.12
N ARG A 875 -32.06 11.12 35.33
CA ARG A 875 -31.12 11.84 34.48
C ARG A 875 -29.75 11.18 34.49
N GLN A 876 -29.27 10.85 35.69
CA GLN A 876 -27.95 10.25 35.87
C GLN A 876 -27.84 8.91 35.15
N PHE A 877 -28.94 8.18 35.14
CA PHE A 877 -28.98 6.85 34.55
C PHE A 877 -28.57 6.87 33.07
N LYS A 878 -29.09 7.84 32.33
CA LYS A 878 -28.80 7.94 30.90
C LYS A 878 -27.30 8.14 30.69
N PHE A 879 -26.69 8.94 31.56
CA PHE A 879 -25.25 9.15 31.50
C PHE A 879 -24.50 7.85 31.81
N VAL A 880 -25.01 7.10 32.78
CA VAL A 880 -24.43 5.80 33.13
C VAL A 880 -24.40 4.92 31.90
N ILE A 881 -25.54 4.84 31.22
CA ILE A 881 -25.67 4.03 30.02
C ILE A 881 -24.75 4.53 28.90
N ASP A 882 -24.65 5.85 28.73
CA ASP A 882 -23.81 6.44 27.70
C ASP A 882 -22.35 6.05 27.91
N SER A 883 -21.91 6.13 29.17
CA SER A 883 -20.55 5.76 29.52
C SER A 883 -20.31 4.28 29.26
N CYS A 884 -21.30 3.47 29.63
CA CYS A 884 -21.21 2.02 29.43
C CYS A 884 -21.07 1.70 27.95
N MET A 885 -21.84 2.39 27.12
CA MET A 885 -21.82 2.19 25.67
C MET A 885 -20.52 2.64 25.03
N TRP A 886 -19.99 3.78 25.49
CA TRP A 886 -18.73 4.26 24.93
C TRP A 886 -17.61 3.30 25.32
N ALA A 887 -17.70 2.75 26.53
CA ALA A 887 -16.68 1.84 27.04
C ALA A 887 -16.42 0.71 26.05
N SER A 888 -17.48 0.28 25.38
CA SER A 888 -17.36 -0.71 24.32
C SER A 888 -16.78 -0.08 23.06
N LYS A 889 -17.17 1.16 22.78
CA LYS A 889 -16.69 1.85 21.59
C LYS A 889 -15.26 2.34 21.76
N HIS A 890 -14.33 1.42 21.96
CA HIS A 890 -12.93 1.76 22.06
C HIS A 890 -12.07 0.63 21.51
N ASP A 891 -10.85 0.96 21.12
CA ASP A 891 -9.95 -0.01 20.50
C ASP A 891 -9.37 -0.99 21.51
N ASN A 892 -9.24 -0.56 22.76
CA ASN A 892 -8.65 -1.41 23.79
C ASN A 892 -9.59 -2.58 24.09
N ARG A 893 -9.04 -3.78 23.99
CA ARG A 893 -9.81 -5.01 24.14
C ARG A 893 -10.34 -5.20 25.55
N ASP A 894 -9.47 -4.97 26.53
CA ASP A 894 -9.77 -5.25 27.94
C ASP A 894 -10.90 -4.38 28.50
N VAL A 895 -10.79 -3.07 28.30
CA VAL A 895 -11.77 -2.13 28.83
C VAL A 895 -13.12 -2.32 28.13
N GLU A 896 -13.06 -2.76 26.87
CA GLU A 896 -14.25 -3.06 26.08
C GLU A 896 -14.93 -4.28 26.69
N THR A 897 -14.15 -5.33 26.94
CA THR A 897 -14.63 -6.54 27.57
C THR A 897 -15.35 -6.19 28.86
N ALA A 898 -14.68 -5.40 29.68
CA ALA A 898 -15.24 -4.96 30.95
C ALA A 898 -16.55 -4.20 30.73
N GLY A 899 -16.61 -3.41 29.65
CA GLY A 899 -17.80 -2.64 29.34
C GLY A 899 -19.00 -3.51 29.04
N LEU A 900 -18.81 -4.46 28.12
CA LEU A 900 -19.90 -5.34 27.73
C LEU A 900 -20.32 -6.19 28.92
N ASN A 901 -19.34 -6.59 29.74
CA ASN A 901 -19.60 -7.31 30.98
C ASN A 901 -20.51 -6.50 31.88
N MET A 902 -20.19 -5.23 32.06
CA MET A 902 -20.95 -4.35 32.94
C MET A 902 -22.38 -4.18 32.46
N CYS A 903 -22.55 -4.00 31.16
CA CYS A 903 -23.90 -3.87 30.60
C CYS A 903 -24.70 -5.14 30.84
N LEU A 904 -24.05 -6.28 30.61
CA LEU A 904 -24.69 -7.57 30.79
C LEU A 904 -25.16 -7.73 32.23
N GLU A 905 -24.25 -7.48 33.18
CA GLU A 905 -24.57 -7.58 34.60
C GLU A 905 -25.71 -6.64 34.94
N LEU A 906 -25.70 -5.46 34.32
CA LEU A 906 -26.75 -4.47 34.53
C LEU A 906 -28.12 -5.02 34.16
N ILE A 907 -28.30 -5.38 32.90
CA ILE A 907 -29.62 -5.82 32.45
C ILE A 907 -30.05 -7.10 33.18
N ASN A 908 -29.08 -7.97 33.47
CA ASN A 908 -29.38 -9.19 34.21
C ASN A 908 -29.92 -8.87 35.60
N ASN A 909 -29.27 -7.92 36.27
CA ASN A 909 -29.73 -7.48 37.59
C ASN A 909 -31.11 -6.85 37.53
N ILE A 910 -31.36 -6.09 36.46
CA ILE A 910 -32.66 -5.45 36.27
C ILE A 910 -33.74 -6.51 36.11
N ALA A 911 -33.40 -7.60 35.42
CA ALA A 911 -34.37 -8.68 35.18
C ALA A 911 -34.63 -9.56 36.40
N GLU A 912 -33.55 -10.04 37.01
CA GLU A 912 -33.64 -11.09 38.03
C GLU A 912 -33.88 -10.58 39.45
N LYS A 913 -33.53 -9.32 39.71
CA LYS A 913 -33.56 -8.82 41.08
C LYS A 913 -34.51 -7.64 41.27
N THR A 914 -35.32 -7.34 40.26
CA THR A 914 -36.17 -6.16 40.31
C THR A 914 -37.64 -6.48 40.03
N ASP A 915 -38.52 -5.61 40.49
CA ASP A 915 -39.95 -5.72 40.19
C ASP A 915 -40.21 -5.55 38.71
N VAL A 916 -41.25 -6.20 38.23
CA VAL A 916 -41.57 -6.25 36.81
C VAL A 916 -41.83 -4.88 36.18
N GLN A 917 -42.50 -3.98 36.91
CA GLN A 917 -42.78 -2.66 36.36
C GLN A 917 -41.50 -1.83 36.22
N THR A 918 -40.64 -1.92 37.24
CA THR A 918 -39.38 -1.19 37.22
C THR A 918 -38.56 -1.68 36.05
N CYS A 919 -38.48 -3.01 35.92
CA CYS A 919 -37.73 -3.62 34.86
C CYS A 919 -38.29 -3.24 33.50
N ASN A 920 -39.59 -3.33 33.32
CA ASN A 920 -40.20 -3.06 32.01
C ASN A 920 -40.15 -1.59 31.57
N ALA A 921 -40.14 -0.67 32.53
CA ALA A 921 -39.89 0.73 32.19
C ALA A 921 -38.42 0.88 31.77
N PHE A 922 -37.56 0.28 32.58
CA PHE A 922 -36.11 0.31 32.35
C PHE A 922 -35.85 -0.10 30.92
N PHE A 923 -36.46 -1.20 30.50
CA PHE A 923 -36.31 -1.69 29.14
C PHE A 923 -37.08 -0.82 28.15
N ASN A 924 -38.17 -0.21 28.61
CA ASN A 924 -38.96 0.67 27.74
C ASN A 924 -38.06 1.73 27.11
N GLN A 925 -37.06 2.20 27.85
CA GLN A 925 -36.09 3.12 27.23
C GLN A 925 -34.76 2.44 26.79
N PHE A 926 -34.24 1.62 27.70
CA PHE A 926 -32.87 1.19 27.59
C PHE A 926 -32.75 -0.08 26.77
N PHE A 927 -33.82 -0.86 26.67
CA PHE A 927 -33.77 -2.04 25.80
C PHE A 927 -33.44 -1.58 24.38
N ILE A 928 -34.21 -0.63 23.88
CA ILE A 928 -33.96 -0.12 22.53
C ILE A 928 -32.61 0.58 22.44
N ARG A 929 -32.29 1.46 23.40
CA ARG A 929 -30.99 2.14 23.31
C ARG A 929 -29.82 1.12 23.21
N ILE A 930 -29.76 0.23 24.19
CA ILE A 930 -28.74 -0.82 24.28
C ILE A 930 -28.70 -1.71 23.05
N LEU A 931 -29.84 -2.29 22.69
CA LEU A 931 -29.90 -3.19 21.54
C LEU A 931 -29.33 -2.52 20.32
N GLN A 932 -29.74 -1.27 20.09
CA GLN A 932 -29.27 -0.51 18.94
C GLN A 932 -27.75 -0.41 18.97
N ASP A 933 -27.20 0.07 20.09
CA ASP A 933 -25.75 0.23 20.20
C ASP A 933 -24.98 -1.08 19.99
N VAL A 934 -25.44 -2.14 20.66
CA VAL A 934 -24.83 -3.46 20.58
C VAL A 934 -24.79 -3.96 19.14
N PHE A 935 -25.88 -3.77 18.42
CA PHE A 935 -25.92 -4.19 17.03
C PHE A 935 -24.93 -3.36 16.20
N PHE A 936 -24.90 -2.06 16.45
CA PHE A 936 -23.96 -1.16 15.77
C PHE A 936 -22.52 -1.63 15.94
N VAL A 937 -22.15 -1.96 17.17
CA VAL A 937 -20.80 -2.42 17.48
C VAL A 937 -20.49 -3.76 16.84
N LEU A 938 -21.42 -4.70 16.94
CA LEU A 938 -21.22 -6.04 16.38
C LEU A 938 -21.03 -5.96 14.87
N THR A 939 -21.79 -5.09 14.22
CA THR A 939 -21.77 -4.99 12.77
C THR A 939 -20.52 -4.30 12.23
N ASP A 940 -19.75 -3.68 13.13
CA ASP A 940 -18.55 -2.96 12.73
C ASP A 940 -17.36 -3.90 12.53
N THR A 941 -16.50 -3.56 11.57
CA THR A 941 -15.32 -4.38 11.29
C THR A 941 -14.40 -4.40 12.50
N ASP A 942 -14.25 -3.26 13.16
CA ASP A 942 -13.47 -3.18 14.39
C ASP A 942 -14.35 -3.74 15.51
N HIS A 943 -13.83 -3.73 16.74
CA HIS A 943 -14.52 -4.26 17.91
C HIS A 943 -14.91 -5.75 17.80
N LYS A 944 -14.24 -6.50 16.92
CA LYS A 944 -14.56 -7.91 16.76
C LYS A 944 -14.30 -8.71 18.04
N ALA A 945 -13.30 -8.27 18.79
CA ALA A 945 -12.86 -8.95 20.00
C ALA A 945 -13.98 -9.09 21.03
N GLY A 946 -14.86 -8.10 21.05
CA GLY A 946 -15.94 -8.08 22.02
C GLY A 946 -16.99 -9.14 21.77
N PHE A 947 -16.94 -9.78 20.60
CA PHE A 947 -18.00 -10.69 20.16
C PHE A 947 -18.45 -11.66 21.25
N LYS A 948 -17.48 -12.20 21.98
CA LYS A 948 -17.71 -13.20 23.02
C LYS A 948 -18.81 -12.75 23.99
N THR A 949 -18.74 -11.51 24.45
CA THR A 949 -19.76 -11.01 25.36
C THR A 949 -20.98 -10.55 24.57
N GLN A 950 -20.71 -9.92 23.43
CA GLN A 950 -21.75 -9.35 22.59
C GLN A 950 -22.80 -10.41 22.31
N SER A 951 -22.32 -11.58 21.88
CA SER A 951 -23.15 -12.74 21.60
C SER A 951 -24.12 -13.02 22.73
N MET A 952 -23.58 -13.12 23.95
CA MET A 952 -24.41 -13.39 25.11
C MET A 952 -25.44 -12.29 25.32
N LEU A 953 -25.02 -11.04 25.15
CA LEU A 953 -25.86 -9.90 25.47
C LEU A 953 -27.15 -9.96 24.65
N LEU A 954 -27.01 -10.12 23.34
CA LEU A 954 -28.16 -10.19 22.45
C LEU A 954 -29.04 -11.32 22.90
N MET A 955 -28.42 -12.45 23.21
CA MET A 955 -29.12 -13.65 23.63
C MET A 955 -30.05 -13.32 24.79
N ARG A 956 -29.53 -12.55 25.75
CA ARG A 956 -30.34 -12.15 26.90
C ARG A 956 -31.48 -11.22 26.49
N LEU A 957 -31.18 -10.28 25.59
CA LEU A 957 -32.17 -9.33 25.13
C LEU A 957 -33.39 -10.05 24.54
N PHE A 958 -33.13 -11.03 23.70
CA PHE A 958 -34.19 -11.85 23.12
C PHE A 958 -34.83 -12.72 24.19
N TYR A 959 -34.03 -13.16 25.16
CA TYR A 959 -34.51 -14.05 26.21
C TYR A 959 -35.66 -13.42 26.96
N PHE A 960 -35.63 -12.10 27.10
CA PHE A 960 -36.63 -11.39 27.87
C PHE A 960 -37.96 -11.27 27.14
N VAL A 961 -37.95 -11.40 25.81
CA VAL A 961 -39.19 -11.30 25.05
C VAL A 961 -39.87 -12.66 24.83
N HIS A 962 -39.08 -13.68 24.50
CA HIS A 962 -39.63 -15.01 24.26
C HIS A 962 -38.68 -16.11 24.75
N PRO A 963 -39.00 -16.71 25.91
CA PRO A 963 -38.20 -17.78 26.52
C PRO A 963 -38.54 -19.12 25.89
N ALA A 964 -37.82 -20.19 26.23
CA ALA A 964 -38.17 -21.51 25.72
C ALA A 964 -38.78 -22.47 26.76
N ASP A 965 -39.08 -21.97 27.96
CA ASP A 965 -39.72 -22.80 28.97
C ASP A 965 -41.06 -22.26 29.44
N GLY A 966 -41.57 -22.83 30.53
CA GLY A 966 -42.83 -22.38 31.11
C GLY A 966 -44.07 -23.10 30.59
N SER A 967 -44.88 -23.64 31.49
CA SER A 967 -46.18 -24.20 31.12
C SER A 967 -47.05 -23.09 30.54
N ALA A 968 -47.06 -21.97 31.24
CA ALA A 968 -47.64 -20.72 30.77
C ALA A 968 -46.50 -19.71 30.67
N PRO A 969 -46.12 -19.34 29.43
CA PRO A 969 -44.87 -18.64 29.12
C PRO A 969 -44.59 -17.42 29.99
N LYS A 970 -43.36 -17.30 30.46
CA LYS A 970 -42.98 -16.25 31.40
C LYS A 970 -42.28 -15.10 30.67
N ILE A 971 -42.92 -13.95 30.67
CA ILE A 971 -42.35 -12.76 30.06
C ILE A 971 -41.63 -11.93 31.11
N GLN A 972 -40.32 -11.76 30.93
CA GLN A 972 -39.51 -11.02 31.88
C GLN A 972 -39.88 -9.55 31.93
N GLY A 973 -40.22 -8.98 30.78
CA GLY A 973 -40.65 -7.60 30.68
C GLY A 973 -41.81 -7.49 29.73
N PRO A 974 -43.00 -7.15 30.26
CA PRO A 974 -44.22 -7.11 29.43
C PRO A 974 -44.35 -5.94 28.45
N ILE A 975 -44.23 -4.70 28.93
CA ILE A 975 -44.49 -3.53 28.08
C ILE A 975 -43.25 -3.12 27.28
N TYR A 976 -43.45 -2.42 26.16
CA TYR A 976 -42.34 -2.02 25.32
C TYR A 976 -42.22 -0.51 25.11
N GLN A 977 -41.39 -0.13 24.15
CA GLN A 977 -40.99 1.26 23.93
C GLN A 977 -42.17 2.20 23.67
N PRO A 978 -41.96 3.53 23.85
CA PRO A 978 -43.05 4.50 23.73
C PRO A 978 -43.81 4.45 22.39
N ASP A 979 -45.06 4.88 22.47
CA ASP A 979 -46.01 4.74 21.38
C ASP A 979 -45.68 5.54 20.13
N GLN A 980 -44.99 6.67 20.31
CA GLN A 980 -44.72 7.60 19.21
C GLN A 980 -43.99 6.94 18.04
N ALA A 981 -43.14 5.96 18.35
CA ALA A 981 -42.46 5.20 17.32
C ALA A 981 -43.45 4.33 16.56
N GLN A 982 -44.15 3.47 17.30
CA GLN A 982 -45.12 2.57 16.71
C GLN A 982 -46.26 2.31 17.70
N PRO A 983 -47.51 2.60 17.28
CA PRO A 983 -48.67 2.31 18.12
C PRO A 983 -48.99 0.82 18.10
N GLY A 984 -48.36 0.10 17.18
CA GLY A 984 -48.59 -1.32 17.02
C GLY A 984 -48.08 -2.16 18.19
N THR A 985 -49.03 -2.72 18.95
CA THR A 985 -48.70 -3.53 20.11
C THR A 985 -48.07 -4.86 19.68
N GLY A 986 -47.24 -5.43 20.56
CA GLY A 986 -46.57 -6.69 20.26
C GLY A 986 -45.06 -6.56 20.27
N ASN A 987 -44.41 -7.44 21.04
CA ASN A 987 -42.97 -7.41 21.21
C ASN A 987 -42.17 -8.17 20.16
N ARG A 988 -42.48 -9.46 19.99
CA ARG A 988 -41.75 -10.31 19.06
C ARG A 988 -41.80 -9.78 17.63
N GLU A 989 -43.00 -9.42 17.20
CA GLU A 989 -43.23 -8.92 15.85
C GLU A 989 -42.43 -7.66 15.58
N PHE A 990 -42.60 -6.65 16.45
CA PHE A 990 -41.88 -5.40 16.32
C PHE A 990 -40.38 -5.64 16.35
N LEU A 991 -39.94 -6.56 17.20
CA LEU A 991 -38.53 -6.86 17.33
C LEU A 991 -38.01 -7.35 15.99
N ALA A 992 -38.71 -8.31 15.41
CA ALA A 992 -38.30 -8.86 14.12
C ALA A 992 -38.25 -7.78 13.04
N ASN A 993 -39.31 -6.97 12.98
CA ASN A 993 -39.41 -5.92 11.98
C ASN A 993 -38.25 -4.93 12.10
N PHE A 994 -38.01 -4.46 13.33
CA PHE A 994 -36.98 -3.48 13.63
C PHE A 994 -35.59 -4.00 13.30
N VAL A 995 -35.32 -5.22 13.74
CA VAL A 995 -34.05 -5.86 13.47
C VAL A 995 -33.85 -5.97 11.97
N GLY A 996 -34.92 -6.29 11.24
CA GLY A 996 -34.85 -6.33 9.79
C GLY A 996 -34.49 -4.99 9.18
N THR A 997 -35.15 -3.94 9.67
CA THR A 997 -34.91 -2.58 9.17
C THR A 997 -33.46 -2.19 9.36
N LEU A 998 -32.91 -2.49 10.53
CA LEU A 998 -31.51 -2.19 10.78
C LEU A 998 -30.57 -3.03 9.92
N LEU A 999 -30.91 -4.31 9.78
CA LEU A 999 -30.11 -5.27 9.03
C LEU A 999 -29.99 -4.97 7.54
N GLN A 1000 -31.04 -4.38 6.97
CA GLN A 1000 -31.03 -4.05 5.54
C GLN A 1000 -29.90 -3.07 5.23
N ASN A 1001 -29.58 -2.22 6.19
CA ASN A 1001 -28.48 -1.28 6.07
C ASN A 1001 -27.11 -1.97 5.94
N ALA A 1002 -26.92 -3.01 6.72
CA ALA A 1002 -25.65 -3.75 6.75
C ALA A 1002 -25.29 -4.40 5.42
N PHE A 1003 -26.21 -5.20 4.89
CA PHE A 1003 -25.98 -5.94 3.66
C PHE A 1003 -27.29 -6.15 2.92
N ALA A 1004 -27.34 -5.76 1.64
CA ALA A 1004 -28.56 -5.88 0.85
C ALA A 1004 -28.62 -7.17 0.04
N ASN A 1005 -27.51 -7.90 -0.01
CA ASN A 1005 -27.44 -9.15 -0.75
C ASN A 1005 -28.29 -10.24 -0.11
N LEU A 1006 -28.85 -9.94 1.05
CA LEU A 1006 -29.62 -10.91 1.80
C LEU A 1006 -31.10 -10.95 1.38
N THR A 1007 -31.64 -12.15 1.31
CA THR A 1007 -33.05 -12.38 1.06
C THR A 1007 -33.85 -12.03 2.32
N PRO A 1008 -35.07 -11.49 2.14
CA PRO A 1008 -35.93 -11.21 3.30
C PRO A 1008 -36.14 -12.49 4.11
N LEU A 1009 -36.19 -13.62 3.40
CA LEU A 1009 -36.34 -14.93 4.01
C LEU A 1009 -35.14 -15.27 4.88
N GLN A 1010 -33.96 -14.82 4.46
CA GLN A 1010 -32.72 -15.03 5.22
C GLN A 1010 -32.85 -14.35 6.59
N ILE A 1011 -33.35 -13.12 6.57
CA ILE A 1011 -33.60 -12.35 7.78
C ILE A 1011 -34.61 -13.07 8.64
N THR A 1012 -35.68 -13.51 7.99
CA THR A 1012 -36.78 -14.22 8.66
C THR A 1012 -36.27 -15.44 9.42
N THR A 1013 -35.48 -16.26 8.75
CA THR A 1013 -34.92 -17.47 9.35
C THR A 1013 -33.94 -17.13 10.47
N PHE A 1014 -33.13 -16.10 10.25
CA PHE A 1014 -32.15 -15.69 11.25
C PHE A 1014 -32.80 -15.29 12.56
N VAL A 1015 -33.84 -14.47 12.46
CA VAL A 1015 -34.56 -14.01 13.65
C VAL A 1015 -35.15 -15.18 14.43
N LYS A 1016 -35.78 -16.12 13.72
CA LYS A 1016 -36.39 -17.29 14.35
C LYS A 1016 -35.32 -18.10 15.06
N ASP A 1017 -34.17 -18.22 14.40
CA ASP A 1017 -33.03 -18.93 14.97
C ASP A 1017 -32.63 -18.26 16.28
N CYS A 1018 -32.63 -16.93 16.28
CA CYS A 1018 -32.31 -16.16 17.48
C CYS A 1018 -33.32 -16.40 18.61
N PHE A 1019 -34.60 -16.49 18.25
CA PHE A 1019 -35.65 -16.71 19.24
C PHE A 1019 -35.65 -18.10 19.87
N GLU A 1020 -35.47 -19.13 19.05
CA GLU A 1020 -35.54 -20.49 19.59
C GLU A 1020 -34.26 -20.91 20.31
N LEU A 1021 -33.14 -20.27 19.97
CA LEU A 1021 -31.85 -20.69 20.51
C LEU A 1021 -31.39 -19.83 21.68
N ASN A 1022 -32.31 -19.04 22.23
CA ASN A 1022 -31.98 -18.17 23.37
C ASN A 1022 -31.61 -18.95 24.62
N THR A 1023 -32.07 -20.19 24.72
CA THR A 1023 -31.74 -21.07 25.84
C THR A 1023 -30.30 -21.59 25.78
N GLN A 1024 -29.84 -21.96 24.58
CA GLN A 1024 -28.49 -22.51 24.42
C GLN A 1024 -27.52 -21.48 23.86
N TYR A 1025 -26.50 -21.16 24.65
CA TYR A 1025 -25.53 -20.13 24.28
C TYR A 1025 -24.63 -20.53 23.11
N ASP A 1026 -24.07 -21.74 23.21
CA ASP A 1026 -23.08 -22.22 22.25
C ASP A 1026 -23.66 -22.22 20.85
N LYS A 1027 -24.83 -22.83 20.71
CA LYS A 1027 -25.47 -22.96 19.41
C LYS A 1027 -25.78 -21.59 18.83
N PHE A 1028 -26.35 -20.73 19.67
CA PHE A 1028 -26.73 -19.38 19.25
C PHE A 1028 -25.54 -18.60 18.72
N ARG A 1029 -24.50 -18.51 19.52
CA ARG A 1029 -23.33 -17.72 19.15
C ARG A 1029 -22.59 -18.30 17.96
N VAL A 1030 -22.63 -19.62 17.80
CA VAL A 1030 -22.04 -20.29 16.64
C VAL A 1030 -22.80 -19.92 15.37
N VAL A 1031 -24.12 -20.03 15.43
CA VAL A 1031 -24.97 -19.71 14.28
C VAL A 1031 -24.72 -18.26 13.87
N LEU A 1032 -24.68 -17.38 14.86
CA LEU A 1032 -24.38 -15.98 14.63
C LEU A 1032 -23.00 -15.84 14.00
N ARG A 1033 -22.05 -16.63 14.49
CA ARG A 1033 -20.66 -16.57 14.04
C ARG A 1033 -20.55 -16.88 12.56
N ASP A 1034 -21.12 -18.00 12.15
CA ASP A 1034 -21.09 -18.42 10.76
C ASP A 1034 -21.82 -17.40 9.90
N PHE A 1035 -22.96 -16.93 10.42
CA PHE A 1035 -23.75 -15.92 9.73
C PHE A 1035 -22.92 -14.68 9.44
N LEU A 1036 -22.09 -14.29 10.40
CA LEU A 1036 -21.19 -13.15 10.22
C LEU A 1036 -20.09 -13.49 9.22
N ILE A 1037 -19.61 -14.74 9.26
CA ILE A 1037 -18.55 -15.20 8.38
C ILE A 1037 -18.99 -15.08 6.91
N SER A 1038 -20.28 -15.32 6.67
CA SER A 1038 -20.83 -15.29 5.32
C SER A 1038 -20.54 -13.97 4.61
N LEU A 1039 -20.56 -12.88 5.36
CA LEU A 1039 -20.35 -11.55 4.81
C LEU A 1039 -18.92 -11.42 4.27
N ARG A 1040 -18.77 -10.74 3.13
CA ARG A 1040 -17.50 -10.67 2.42
C ARG A 1040 -16.41 -9.95 3.21
N GLU A 1041 -16.75 -8.79 3.74
CA GLU A 1041 -15.81 -8.00 4.52
C GLU A 1041 -15.37 -8.76 5.75
N PHE A 1042 -16.31 -9.51 6.33
CA PHE A 1042 -16.01 -10.39 7.45
C PHE A 1042 -15.23 -11.64 7.02
N ALA A 1043 -15.45 -12.07 5.79
CA ALA A 1043 -14.71 -13.21 5.24
C ALA A 1043 -13.23 -12.83 5.13
N GLY A 1044 -12.97 -11.59 4.75
CA GLY A 1044 -11.61 -11.10 4.63
C GLY A 1044 -11.08 -10.60 5.96
N ASP A 1045 -11.99 -10.37 6.91
CA ASP A 1045 -11.63 -9.88 8.24
C ASP A 1045 -10.91 -10.93 9.07
N ASN A 1046 -11.02 -12.18 8.64
CA ASN A 1046 -10.53 -13.36 9.38
C ASN A 1046 -11.41 -13.68 10.59
N ALA A 1047 -10.91 -14.56 11.46
CA ALA A 1047 -11.73 -15.11 12.54
C ALA A 1047 -11.26 -14.80 13.95
N GLU A 1048 -11.82 -13.74 14.54
CA GLU A 1048 -11.64 -13.44 15.95
C GLU A 1048 -12.80 -14.03 16.73
N LEU A 1049 -13.86 -14.38 15.99
CA LEU A 1049 -15.13 -14.82 16.54
C LEU A 1049 -15.07 -16.13 17.34
N TYR A 1050 -13.95 -16.84 17.26
CA TYR A 1050 -13.82 -18.16 17.90
C TYR A 1050 -13.21 -18.08 19.29
N GLN A 1051 -13.19 -16.88 19.86
CA GLN A 1051 -12.51 -16.60 21.13
C GLN A 1051 -12.83 -17.59 22.25
N VAL A 1052 -14.12 -17.82 22.49
CA VAL A 1052 -14.56 -18.74 23.53
C VAL A 1052 -14.00 -20.14 23.31
N GLU A 1053 -14.15 -20.63 22.08
CA GLU A 1053 -13.69 -21.96 21.70
C GLU A 1053 -12.20 -22.09 21.92
N LYS A 1054 -11.47 -20.99 21.71
CA LYS A 1054 -10.04 -20.95 21.98
C LYS A 1054 -9.80 -21.06 23.47
N GLU A 1055 -10.59 -20.32 24.25
CA GLU A 1055 -10.43 -20.29 25.70
C GLU A 1055 -10.61 -21.66 26.34
N GLN A 1056 -11.66 -22.37 25.95
CA GLN A 1056 -11.96 -23.67 26.55
C GLN A 1056 -10.83 -24.68 26.34
N GLN A 1057 -10.25 -24.67 25.15
CA GLN A 1057 -9.21 -25.63 24.81
C GLN A 1057 -7.95 -25.36 25.63
N GLU A 1058 -7.63 -24.08 25.85
CA GLU A 1058 -6.49 -23.72 26.68
C GLU A 1058 -6.73 -24.05 28.14
N ARG A 1059 -7.97 -23.87 28.60
CA ARG A 1059 -8.32 -24.24 29.96
C ARG A 1059 -8.04 -25.71 30.19
N GLU A 1060 -8.60 -26.55 29.30
CA GLU A 1060 -8.44 -27.99 29.43
C GLU A 1060 -6.97 -28.41 29.26
N ALA A 1061 -6.28 -27.75 28.32
CA ALA A 1061 -4.88 -28.04 28.04
C ALA A 1061 -4.03 -27.80 29.26
N ARG A 1062 -4.19 -26.62 29.84
CA ARG A 1062 -3.43 -26.25 31.03
C ARG A 1062 -3.78 -27.16 32.19
N ALA A 1063 -5.05 -27.52 32.31
CA ALA A 1063 -5.49 -28.42 33.37
C ALA A 1063 -4.79 -29.79 33.25
N ALA A 1064 -4.67 -30.26 32.02
CA ALA A 1064 -4.00 -31.54 31.75
C ALA A 1064 -2.51 -31.45 32.03
N ASP A 1065 -1.88 -30.42 31.50
CA ASP A 1065 -0.45 -30.19 31.65
C ASP A 1065 -0.11 -30.14 33.12
N LEU A 1066 -0.85 -29.33 33.86
CA LEU A 1066 -0.66 -29.20 35.29
C LEU A 1066 -0.91 -30.53 35.99
N GLU A 1067 -1.88 -31.29 35.49
CA GLU A 1067 -2.17 -32.58 36.11
C GLU A 1067 -1.00 -33.56 35.98
N ARG A 1068 -0.49 -33.74 34.77
CA ARG A 1068 0.64 -34.64 34.55
C ARG A 1068 1.90 -34.14 35.25
N ARG A 1069 2.10 -32.83 35.26
CA ARG A 1069 3.25 -32.21 35.92
C ARG A 1069 3.21 -32.40 37.44
N SER A 1070 2.01 -32.36 38.01
CA SER A 1070 1.84 -32.54 39.45
C SER A 1070 2.17 -33.97 39.84
N LYS A 1071 2.04 -34.88 38.89
CA LYS A 1071 2.28 -36.31 39.12
C LYS A 1071 3.78 -36.59 39.18
N VAL A 1072 4.59 -35.58 38.88
CA VAL A 1072 6.04 -35.72 38.88
C VAL A 1072 6.68 -34.59 39.68
N GLY A 1073 7.41 -34.96 40.73
CA GLY A 1073 8.05 -33.98 41.58
C GLY A 1073 9.17 -33.26 40.89
N GLY A 1074 9.28 -31.96 41.12
CA GLY A 1074 10.34 -31.17 40.53
C GLY A 1074 9.82 -30.29 39.42
N LEU A 1075 8.78 -30.75 38.73
CA LEU A 1075 8.19 -30.00 37.64
C LEU A 1075 7.42 -28.79 38.16
N LEU A 1076 6.97 -28.88 39.40
CA LEU A 1076 6.27 -27.77 40.02
C LEU A 1076 7.20 -27.00 40.94
N LYS A 1077 7.35 -25.71 40.68
CA LYS A 1077 8.07 -24.85 41.60
C LYS A 1077 7.26 -24.77 42.89
N PRO A 1078 7.95 -24.74 44.04
CA PRO A 1078 7.28 -24.69 45.35
C PRO A 1078 6.31 -23.52 45.42
N SER A 1079 6.73 -22.36 44.92
CA SER A 1079 5.90 -21.17 44.92
C SER A 1079 4.65 -21.33 44.06
N GLU A 1080 4.73 -22.23 43.08
CA GLU A 1080 3.61 -22.47 42.18
C GLU A 1080 2.61 -23.44 42.82
N LEU A 1081 2.94 -23.92 44.01
CA LEU A 1081 2.04 -24.78 44.78
C LEU A 1081 1.22 -23.92 45.74
N PHE B 42 27.55 0.39 10.86
CA PHE B 42 27.93 -0.97 10.49
C PHE B 42 28.02 -1.12 8.97
N LYS B 43 28.28 -2.35 8.52
CA LYS B 43 28.46 -2.65 7.10
C LYS B 43 29.52 -1.77 6.46
N GLU B 44 30.71 -1.73 7.06
CA GLU B 44 31.79 -0.89 6.55
C GLU B 44 32.55 -1.55 5.41
N ASP B 45 32.45 -2.87 5.34
CA ASP B 45 33.13 -3.65 4.31
C ASP B 45 34.63 -3.33 4.23
N PRO B 46 35.38 -3.62 5.31
CA PRO B 46 36.83 -3.42 5.26
C PRO B 46 37.48 -4.40 4.31
N ASP B 47 36.97 -5.64 4.31
CA ASP B 47 37.49 -6.69 3.44
C ASP B 47 37.28 -6.36 1.97
N ALA B 48 36.37 -5.44 1.70
CA ALA B 48 36.05 -5.05 0.34
C ALA B 48 37.17 -4.23 -0.29
N TRP B 49 37.81 -3.39 0.52
CA TRP B 49 38.89 -2.54 0.04
C TRP B 49 40.03 -3.42 -0.46
N LEU B 50 40.47 -4.33 0.41
CA LEU B 50 41.52 -5.28 0.09
C LEU B 50 41.10 -6.21 -1.05
N MET B 51 39.79 -6.49 -1.12
CA MET B 51 39.26 -7.42 -2.11
C MET B 51 39.54 -6.94 -3.54
N VAL B 52 39.16 -5.70 -3.83
CA VAL B 52 39.33 -5.15 -5.17
C VAL B 52 40.78 -5.17 -5.64
N GLU B 62 37.76 -10.35 -15.47
CA GLU B 62 37.63 -9.23 -14.54
C GLU B 62 36.24 -9.17 -13.90
N GLN B 63 35.36 -10.08 -14.31
CA GLN B 63 34.00 -10.11 -13.79
C GLN B 63 34.00 -10.38 -12.28
N THR B 64 34.89 -11.28 -11.87
CA THR B 64 35.03 -11.66 -10.47
C THR B 64 35.40 -10.42 -9.65
N LYS B 65 36.30 -9.62 -10.21
CA LYS B 65 36.74 -8.37 -9.60
C LYS B 65 35.60 -7.35 -9.61
N PHE B 66 34.82 -7.37 -10.69
CA PHE B 66 33.71 -6.44 -10.90
C PHE B 66 32.52 -6.58 -9.94
N LEU B 67 32.20 -7.82 -9.57
CA LEU B 67 30.96 -8.11 -8.82
C LEU B 67 30.75 -7.33 -7.51
N ALA B 68 31.79 -7.21 -6.70
CA ALA B 68 31.68 -6.57 -5.38
C ALA B 68 31.46 -5.05 -5.38
N LEU B 69 32.08 -4.35 -6.32
CA LEU B 69 32.13 -2.89 -6.31
C LEU B 69 30.79 -2.16 -6.33
N GLN B 70 29.87 -2.60 -7.19
CA GLN B 70 28.58 -1.94 -7.30
C GLN B 70 27.82 -2.06 -5.99
N VAL B 71 27.93 -3.23 -5.37
CA VAL B 71 27.35 -3.48 -4.06
C VAL B 71 27.98 -2.55 -3.03
N LEU B 72 29.29 -2.38 -3.16
CA LEU B 72 30.06 -1.52 -2.25
C LEU B 72 29.51 -0.10 -2.31
N ASP B 73 29.19 0.36 -3.52
CA ASP B 73 28.59 1.69 -3.69
C ASP B 73 27.20 1.72 -3.06
N ASN B 74 26.40 0.71 -3.37
CA ASN B 74 25.01 0.67 -2.93
C ASN B 74 24.86 0.69 -1.40
N VAL B 75 25.75 0.01 -0.70
CA VAL B 75 25.70 0.04 0.77
C VAL B 75 26.20 1.38 1.33
N ILE B 76 27.31 1.87 0.80
CA ILE B 76 27.94 3.08 1.32
C ILE B 76 27.12 4.35 1.11
N MET B 77 26.36 4.42 0.01
CA MET B 77 25.50 5.58 -0.22
C MET B 77 24.47 5.73 0.91
N THR B 78 23.84 4.62 1.27
CA THR B 78 22.85 4.62 2.33
C THR B 78 23.55 4.84 3.67
N ARG B 79 24.71 4.23 3.81
CA ARG B 79 25.47 4.20 5.05
C ARG B 79 26.16 5.53 5.38
N TRP B 80 26.18 6.45 4.42
CA TRP B 80 26.93 7.69 4.62
C TRP B 80 26.48 8.62 5.74
N LYS B 81 25.18 8.67 6.03
CA LYS B 81 24.65 9.68 6.94
C LYS B 81 25.16 9.61 8.39
N VAL B 82 25.48 8.42 8.87
CA VAL B 82 25.90 8.25 10.26
C VAL B 82 27.18 9.05 10.53
N LEU B 83 28.06 9.09 9.54
CA LEU B 83 29.28 9.90 9.55
C LEU B 83 30.32 9.61 10.66
N PRO B 84 30.82 8.36 10.73
CA PRO B 84 32.06 8.29 11.51
C PRO B 84 33.19 8.83 10.64
N ARG B 85 33.90 9.84 11.15
CA ARG B 85 34.89 10.57 10.34
C ARG B 85 36.07 9.75 9.83
N GLU B 86 36.63 8.92 10.70
CA GLU B 86 37.88 8.21 10.41
C GLU B 86 37.79 7.22 9.26
N GLN B 87 36.74 6.39 9.25
CA GLN B 87 36.59 5.38 8.22
C GLN B 87 36.31 5.99 6.86
N CYS B 88 35.56 7.09 6.88
CA CYS B 88 35.28 7.84 5.67
C CYS B 88 36.57 8.39 5.10
N GLN B 89 37.33 9.07 5.96
CA GLN B 89 38.63 9.61 5.57
C GLN B 89 39.51 8.53 4.96
N GLY B 90 39.55 7.37 5.62
CA GLY B 90 40.36 6.26 5.17
C GLY B 90 39.97 5.72 3.82
N ILE B 91 38.67 5.52 3.60
CA ILE B 91 38.21 4.96 2.32
C ILE B 91 38.44 5.97 1.20
N ARG B 92 38.28 7.26 1.51
CA ARG B 92 38.60 8.31 0.56
C ARG B 92 40.06 8.20 0.15
N ASN B 93 40.94 8.17 1.15
CA ASN B 93 42.38 8.05 0.93
C ASN B 93 42.72 6.85 0.04
N PHE B 94 42.18 5.68 0.38
CA PHE B 94 42.49 4.46 -0.35
C PHE B 94 41.96 4.43 -1.79
N VAL B 95 40.72 4.87 -1.99
CA VAL B 95 40.19 4.92 -3.36
C VAL B 95 41.06 5.87 -4.20
N VAL B 96 41.46 6.99 -3.59
CA VAL B 96 42.38 7.91 -4.26
C VAL B 96 43.69 7.20 -4.61
N GLN B 97 44.19 6.40 -3.68
CA GLN B 97 45.43 5.67 -3.88
C GLN B 97 45.38 4.72 -5.08
N TYR B 98 44.34 3.90 -5.14
CA TYR B 98 44.22 2.95 -6.24
C TYR B 98 44.00 3.66 -7.57
N ILE B 99 43.30 4.79 -7.52
CA ILE B 99 43.18 5.65 -8.69
C ILE B 99 44.57 6.06 -9.18
N LEU B 100 45.40 6.55 -8.25
CA LEU B 100 46.74 7.00 -8.59
C LEU B 100 47.57 5.86 -9.16
N GLN B 101 47.45 4.68 -8.55
CA GLN B 101 48.22 3.51 -8.96
C GLN B 101 47.87 3.09 -10.39
N CYS B 102 46.58 3.11 -10.73
CA CYS B 102 46.19 2.77 -12.08
C CYS B 102 46.56 3.90 -13.03
N SER B 103 46.72 5.08 -12.46
CA SER B 103 46.96 6.30 -13.24
C SER B 103 48.41 6.46 -13.73
N SER B 104 49.36 6.32 -12.81
CA SER B 104 50.75 6.73 -13.02
C SER B 104 51.44 6.19 -14.28
N SER B 105 50.88 5.13 -14.87
CA SER B 105 51.42 4.56 -16.09
C SER B 105 50.39 4.49 -17.20
N GLU B 106 50.74 5.00 -18.37
CA GLU B 106 49.84 4.99 -19.53
C GLU B 106 49.51 3.55 -19.93
N GLU B 107 50.50 2.66 -19.81
CA GLU B 107 50.28 1.24 -20.06
C GLU B 107 49.28 0.68 -19.06
N SER B 108 49.50 0.98 -17.78
CA SER B 108 48.61 0.54 -16.72
C SER B 108 47.23 1.15 -16.91
N LEU B 109 47.19 2.38 -17.38
CA LEU B 109 45.95 3.07 -17.67
C LEU B 109 45.17 2.30 -18.74
N ARG B 110 45.77 2.13 -19.91
CA ARG B 110 45.07 1.53 -21.05
C ARG B 110 44.74 0.04 -20.87
N THR B 111 45.62 -0.70 -20.18
CA THR B 111 45.45 -2.13 -20.01
C THR B 111 44.26 -2.53 -19.12
N HIS B 112 44.00 -1.73 -18.08
CA HIS B 112 42.98 -2.08 -17.10
C HIS B 112 41.70 -1.31 -17.32
N ARG B 113 41.46 -0.93 -18.57
CA ARG B 113 40.35 -0.04 -18.93
C ARG B 113 38.98 -0.46 -18.42
N THR B 114 38.67 -1.75 -18.47
CA THR B 114 37.39 -2.24 -17.96
C THR B 114 37.38 -2.11 -16.44
N LEU B 115 38.48 -2.53 -15.83
CA LEU B 115 38.67 -2.40 -14.39
C LEU B 115 38.51 -0.94 -14.03
N LEU B 116 39.04 -0.06 -14.88
CA LEU B 116 38.89 1.38 -14.68
C LEU B 116 37.43 1.80 -14.81
N ASN B 117 36.71 1.19 -15.74
CA ASN B 117 35.31 1.52 -15.98
C ASN B 117 34.52 1.30 -14.70
N LYS B 118 34.74 0.16 -14.08
CA LYS B 118 34.10 -0.11 -12.78
C LYS B 118 34.70 0.73 -11.65
N LEU B 119 35.99 1.04 -11.78
CA LEU B 119 36.73 1.79 -10.75
C LEU B 119 36.23 3.22 -10.53
N ASN B 120 36.05 3.97 -11.61
CA ASN B 120 35.68 5.38 -11.51
C ASN B 120 34.31 5.64 -10.88
N LEU B 121 33.36 4.74 -11.11
CA LEU B 121 32.00 4.91 -10.60
C LEU B 121 31.90 4.95 -9.08
N VAL B 122 32.71 4.15 -8.38
CA VAL B 122 32.61 4.05 -6.92
C VAL B 122 32.82 5.40 -6.21
N LEU B 123 33.70 6.24 -6.74
CA LEU B 123 34.01 7.52 -6.10
C LEU B 123 32.81 8.47 -6.08
N VAL B 124 32.05 8.50 -7.16
CA VAL B 124 31.01 9.51 -7.35
C VAL B 124 29.97 9.57 -6.23
N SER B 125 29.73 8.45 -5.56
CA SER B 125 28.83 8.43 -4.42
C SER B 125 29.41 9.29 -3.29
N VAL B 126 30.67 9.00 -2.99
CA VAL B 126 31.41 9.70 -1.95
C VAL B 126 31.49 11.17 -2.33
N LEU B 127 31.61 11.43 -3.63
CA LEU B 127 31.68 12.78 -4.15
C LEU B 127 30.37 13.52 -3.87
N LYS B 128 29.28 12.82 -4.14
CA LYS B 128 27.93 13.34 -3.94
C LYS B 128 27.72 13.72 -2.50
N GLN B 129 28.24 12.88 -1.60
CA GLN B 129 28.11 13.13 -0.17
C GLN B 129 29.03 14.23 0.36
N GLU B 130 30.28 14.23 -0.10
CA GLU B 130 31.36 15.01 0.52
C GLU B 130 31.39 16.51 0.25
N TRP B 131 31.23 16.96 -0.99
CA TRP B 131 31.27 18.40 -1.21
C TRP B 131 30.10 19.09 -0.48
N PRO B 132 28.88 18.53 -0.57
CA PRO B 132 27.82 19.09 0.27
C PRO B 132 28.16 19.00 1.76
N HIS B 133 29.01 18.03 2.12
CA HIS B 133 29.37 17.86 3.53
C HIS B 133 30.17 19.06 4.04
N ASN B 134 31.47 19.14 3.72
CA ASN B 134 32.29 20.31 4.09
C ASN B 134 33.65 20.45 3.42
N TRP B 135 33.77 20.07 2.15
CA TRP B 135 35.06 20.19 1.43
C TRP B 135 35.29 21.57 0.79
N PRO B 136 36.25 22.33 1.36
CA PRO B 136 36.57 23.70 0.89
C PRO B 136 37.44 23.82 -0.37
N THR B 137 38.52 23.06 -0.48
CA THR B 137 39.43 23.21 -1.62
C THR B 137 39.76 21.90 -2.32
N PHE B 138 38.74 21.08 -2.54
CA PHE B 138 38.88 19.83 -3.29
C PHE B 138 39.53 20.10 -4.65
N ILE B 139 39.15 21.23 -5.23
CA ILE B 139 39.62 21.64 -6.54
C ILE B 139 41.13 21.80 -6.58
N ASN B 140 41.69 22.49 -5.58
CA ASN B 140 43.14 22.67 -5.50
C ASN B 140 43.85 21.33 -5.40
N GLU B 141 43.26 20.42 -4.64
CA GLU B 141 43.80 19.07 -4.49
C GLU B 141 43.82 18.39 -5.85
N ILE B 142 42.78 18.62 -6.64
CA ILE B 142 42.72 18.05 -7.99
C ILE B 142 43.79 18.66 -8.89
N VAL B 143 44.01 19.97 -8.72
CA VAL B 143 45.05 20.68 -9.45
C VAL B 143 46.38 19.99 -9.18
N SER B 144 46.61 19.68 -7.91
CA SER B 144 47.83 18.97 -7.52
C SER B 144 47.85 17.54 -8.06
N ALA B 145 46.66 16.97 -8.23
CA ALA B 145 46.53 15.60 -8.73
C ALA B 145 46.79 15.57 -10.24
N CYS B 146 46.42 16.66 -10.90
CA CYS B 146 46.59 16.81 -12.34
C CYS B 146 48.04 17.09 -12.69
N HIS B 147 48.83 17.46 -11.69
CA HIS B 147 50.24 17.74 -11.91
C HIS B 147 51.06 16.46 -11.89
N SER B 148 50.68 15.50 -12.74
CA SER B 148 51.41 14.24 -12.80
C SER B 148 51.38 13.56 -14.18
N SER B 149 50.21 13.12 -14.62
CA SER B 149 50.11 12.43 -15.90
C SER B 149 48.76 12.59 -16.61
N LEU B 150 48.74 12.19 -17.88
CA LEU B 150 47.54 12.26 -18.71
C LEU B 150 46.39 11.44 -18.10
N SER B 151 46.69 10.21 -17.68
CA SER B 151 45.68 9.31 -17.15
C SER B 151 44.95 9.90 -15.95
N VAL B 152 45.73 10.46 -15.02
CA VAL B 152 45.20 11.02 -13.80
C VAL B 152 44.22 12.14 -14.15
N CYS B 153 44.69 13.04 -15.02
CA CYS B 153 43.89 14.17 -15.47
C CYS B 153 42.60 13.70 -16.12
N GLU B 154 42.70 12.70 -16.98
CA GLU B 154 41.55 12.13 -17.68
C GLU B 154 40.49 11.68 -16.66
N ASN B 155 40.93 10.87 -15.71
CA ASN B 155 40.05 10.39 -14.65
C ASN B 155 39.38 11.57 -13.93
N ASN B 156 40.18 12.57 -13.59
CA ASN B 156 39.68 13.76 -12.91
C ASN B 156 38.60 14.47 -13.72
N MET B 157 38.82 14.57 -15.03
CA MET B 157 37.85 15.20 -15.93
C MET B 157 36.54 14.44 -15.86
N ILE B 158 36.63 13.11 -15.89
CA ILE B 158 35.45 12.27 -15.77
C ILE B 158 34.72 12.56 -14.45
N ILE B 159 35.51 12.67 -13.38
CA ILE B 159 34.98 12.95 -12.05
C ILE B 159 34.17 14.23 -12.07
N LEU B 160 34.75 15.28 -12.65
CA LEU B 160 34.08 16.58 -12.72
C LEU B 160 32.82 16.54 -13.57
N ARG B 161 32.89 15.87 -14.72
CA ARG B 161 31.74 15.81 -15.62
C ARG B 161 30.57 15.07 -14.98
N LEU B 162 30.86 14.09 -14.14
CA LEU B 162 29.78 13.36 -13.46
C LEU B 162 29.02 14.24 -12.45
N LEU B 163 29.77 14.94 -11.60
CA LEU B 163 29.16 15.84 -10.63
C LEU B 163 28.38 16.91 -11.38
N SER B 164 28.92 17.32 -12.52
CA SER B 164 28.22 18.26 -13.38
C SER B 164 26.93 17.66 -13.93
N GLU B 165 26.91 16.35 -14.13
CA GLU B 165 25.66 15.70 -14.53
C GLU B 165 24.67 15.83 -13.38
N GLU B 166 25.16 15.70 -12.15
CA GLU B 166 24.27 15.83 -11.01
C GLU B 166 23.71 17.24 -10.77
N VAL B 167 24.56 18.27 -10.89
CA VAL B 167 24.10 19.64 -10.69
C VAL B 167 23.57 20.34 -11.95
N PHE B 168 24.38 20.37 -13.00
CA PHE B 168 24.03 21.12 -14.20
C PHE B 168 22.81 20.66 -14.97
N ASP B 169 22.62 19.36 -15.16
CA ASP B 169 21.43 18.89 -15.88
C ASP B 169 20.17 19.22 -15.07
N TYR B 170 20.28 18.94 -13.78
CA TYR B 170 19.21 19.19 -12.82
C TYR B 170 18.82 20.66 -12.83
N SER B 171 19.80 21.54 -13.08
CA SER B 171 19.54 22.98 -13.08
C SER B 171 19.39 23.52 -14.50
N ALA B 172 19.50 22.63 -15.48
CA ALA B 172 19.38 22.97 -16.89
C ALA B 172 17.97 22.66 -17.35
N ASP B 173 17.28 21.84 -16.58
CA ASP B 173 15.88 21.59 -16.91
C ASP B 173 15.01 22.81 -16.54
N GLN B 174 15.43 23.56 -15.53
CA GLN B 174 14.71 24.79 -15.16
C GLN B 174 15.27 26.02 -15.89
N MET B 175 16.58 25.97 -16.15
CA MET B 175 17.32 26.99 -16.89
C MET B 175 17.45 28.38 -16.24
N THR B 176 16.75 28.62 -15.12
CA THR B 176 16.84 29.89 -14.40
C THR B 176 16.04 29.90 -13.10
N SER B 177 16.59 30.55 -12.07
CA SER B 177 15.87 30.80 -10.82
C SER B 177 16.55 31.96 -10.12
N THR B 178 16.20 32.16 -8.84
CA THR B 178 16.84 33.20 -8.04
C THR B 178 17.93 32.49 -7.26
N LYS B 179 17.67 31.23 -6.93
CA LYS B 179 18.60 30.38 -6.19
C LYS B 179 19.78 30.03 -7.10
N THR B 180 19.47 29.55 -8.30
CA THR B 180 20.48 29.12 -9.26
C THR B 180 21.37 30.28 -9.68
N ARG B 181 20.83 31.48 -9.71
CA ARG B 181 21.61 32.66 -10.03
C ARG B 181 22.68 32.87 -8.97
N ASN B 182 22.27 32.67 -7.72
CA ASN B 182 23.19 32.74 -6.59
C ASN B 182 24.26 31.67 -6.73
N LEU B 183 23.84 30.47 -7.14
CA LEU B 183 24.79 29.37 -7.36
C LEU B 183 25.82 29.76 -8.41
N LYS B 184 25.35 30.40 -9.48
CA LYS B 184 26.20 30.88 -10.55
C LYS B 184 27.24 31.89 -10.06
N SER B 185 26.75 32.90 -9.35
CA SER B 185 27.62 33.98 -8.86
C SER B 185 28.64 33.53 -7.80
N THR B 186 28.21 32.63 -6.92
CA THR B 186 29.02 32.22 -5.76
C THR B 186 30.31 31.46 -6.06
N MET B 187 30.25 30.55 -7.03
CA MET B 187 31.38 29.63 -7.28
C MET B 187 32.35 30.12 -8.34
N CYS B 188 32.35 31.43 -8.59
CA CYS B 188 33.17 32.03 -9.65
C CYS B 188 34.65 31.67 -9.54
N ALA B 189 35.18 31.68 -8.32
CA ALA B 189 36.60 31.39 -8.09
C ALA B 189 36.95 29.94 -8.45
N GLU B 190 36.19 28.99 -7.93
CA GLU B 190 36.44 27.58 -8.18
C GLU B 190 36.21 27.27 -9.66
N PHE B 191 35.16 27.86 -10.23
CA PHE B 191 34.83 27.68 -11.63
C PHE B 191 35.98 28.21 -12.49
N SER B 192 36.60 29.29 -12.01
CA SER B 192 37.78 29.85 -12.66
C SER B 192 38.90 28.84 -12.62
N MET B 193 39.09 28.22 -11.46
CA MET B 193 40.13 27.20 -11.32
C MET B 193 39.93 26.06 -12.30
N ILE B 194 38.68 25.59 -12.41
CA ILE B 194 38.33 24.54 -13.36
C ILE B 194 38.57 24.96 -14.80
N PHE B 195 38.23 26.20 -15.12
CA PHE B 195 38.40 26.71 -16.47
C PHE B 195 39.86 26.77 -16.85
N GLN B 196 40.68 27.33 -15.97
CA GLN B 196 42.12 27.43 -16.20
C GLN B 196 42.73 26.03 -16.30
N LEU B 197 42.22 25.13 -15.46
CA LEU B 197 42.64 23.73 -15.46
C LEU B 197 42.44 23.14 -16.85
N CYS B 198 41.18 23.10 -17.29
CA CYS B 198 40.80 22.54 -18.58
C CYS B 198 41.61 23.18 -19.69
N GLN B 199 41.83 24.48 -19.56
CA GLN B 199 42.57 25.27 -20.54
C GLN B 199 44.01 24.80 -20.68
N GLU B 200 44.73 24.76 -19.57
CA GLU B 200 46.13 24.35 -19.58
C GLU B 200 46.24 22.91 -20.05
N ILE B 201 45.25 22.11 -19.69
CA ILE B 201 45.20 20.73 -20.15
C ILE B 201 45.17 20.72 -21.67
N LEU B 202 44.19 21.42 -22.24
CA LEU B 202 43.99 21.45 -23.69
C LEU B 202 45.22 21.99 -24.42
N ASN B 203 45.89 22.97 -23.84
CA ASN B 203 47.09 23.54 -24.44
C ASN B 203 48.25 22.53 -24.41
N SER B 204 48.37 21.80 -23.32
CA SER B 204 49.46 20.82 -23.19
C SER B 204 49.10 19.45 -23.78
N ALA B 205 47.82 19.10 -23.74
CA ALA B 205 47.37 17.76 -24.12
C ALA B 205 47.62 17.46 -25.58
N THR B 206 47.94 16.21 -25.87
CA THR B 206 48.08 15.77 -27.24
C THR B 206 47.41 14.42 -27.48
N GLN B 207 47.04 13.74 -26.39
CA GLN B 207 46.47 12.40 -26.52
C GLN B 207 44.95 12.49 -26.55
N PRO B 208 44.33 11.89 -27.58
CA PRO B 208 42.89 11.97 -27.87
C PRO B 208 41.99 11.53 -26.72
N SER B 209 42.29 10.37 -26.17
CA SER B 209 41.45 9.74 -25.15
C SER B 209 41.16 10.68 -23.98
N LEU B 210 42.18 11.41 -23.55
CA LEU B 210 42.01 12.40 -22.49
C LEU B 210 41.16 13.58 -22.97
N ILE B 211 41.50 14.08 -24.14
CA ILE B 211 40.90 15.28 -24.70
C ILE B 211 39.38 15.14 -24.82
N LYS B 212 38.93 13.97 -25.25
CA LYS B 212 37.49 13.70 -25.38
C LYS B 212 36.80 13.98 -24.05
N ALA B 213 37.34 13.38 -22.99
CA ALA B 213 36.80 13.56 -21.65
C ALA B 213 36.86 15.03 -21.23
N THR B 214 37.98 15.68 -21.54
CA THR B 214 38.18 17.09 -21.19
C THR B 214 37.08 17.98 -21.76
N LEU B 215 36.89 17.91 -23.07
CA LEU B 215 35.87 18.72 -23.74
C LEU B 215 34.47 18.33 -23.28
N GLU B 216 34.27 17.03 -23.02
CA GLU B 216 32.99 16.56 -22.50
C GLU B 216 32.68 17.30 -21.20
N THR B 217 33.67 17.38 -20.32
CA THR B 217 33.53 18.08 -19.05
C THR B 217 33.23 19.57 -19.26
N LEU B 218 34.03 20.18 -20.12
CA LEU B 218 33.91 21.61 -20.40
C LEU B 218 32.50 21.97 -20.88
N LEU B 219 31.96 21.14 -21.77
CA LEU B 219 30.61 21.32 -22.29
C LEU B 219 29.62 21.37 -21.14
N ARG B 220 29.75 20.42 -20.23
CA ARG B 220 28.86 20.33 -19.08
C ARG B 220 28.98 21.55 -18.19
N PHE B 221 30.17 22.14 -18.14
CA PHE B 221 30.39 23.29 -17.26
C PHE B 221 30.26 24.69 -17.89
N CYS B 222 29.90 24.77 -19.17
CA CYS B 222 29.88 26.05 -19.88
C CYS B 222 29.00 27.13 -19.24
N ASN B 223 27.76 26.78 -18.93
CA ASN B 223 26.80 27.74 -18.40
C ASN B 223 27.27 28.39 -17.09
N TRP B 224 27.89 27.59 -16.23
CA TRP B 224 28.35 28.05 -14.92
C TRP B 224 29.60 28.94 -14.97
N ILE B 225 30.50 28.66 -15.90
CA ILE B 225 31.73 29.44 -16.04
C ILE B 225 31.40 30.89 -16.39
N PRO B 226 32.09 31.84 -15.73
CA PRO B 226 31.96 33.28 -16.02
C PRO B 226 32.16 33.59 -17.50
N LEU B 227 31.25 34.37 -18.07
CA LEU B 227 31.25 34.68 -19.49
C LEU B 227 32.52 35.40 -19.94
N GLY B 228 33.03 36.28 -19.07
CA GLY B 228 34.22 37.04 -19.37
C GLY B 228 35.40 36.14 -19.66
N TYR B 229 35.54 35.07 -18.89
CA TYR B 229 36.63 34.12 -19.11
C TYR B 229 36.50 33.45 -20.47
N ILE B 230 35.27 33.14 -20.86
CA ILE B 230 35.01 32.52 -22.15
C ILE B 230 35.41 33.45 -23.29
N PHE B 231 34.79 34.62 -23.30
CA PHE B 231 34.91 35.55 -24.42
C PHE B 231 36.25 36.28 -24.51
N GLU B 232 36.70 36.83 -23.39
CA GLU B 232 37.94 37.62 -23.38
C GLU B 232 39.19 36.78 -23.65
N THR B 233 39.24 35.58 -23.08
CA THR B 233 40.37 34.69 -23.32
C THR B 233 40.31 34.12 -24.72
N PRO B 234 41.48 33.91 -25.34
CA PRO B 234 41.49 33.32 -26.68
C PRO B 234 41.18 31.82 -26.64
N LEU B 235 40.39 31.39 -25.65
CA LEU B 235 40.04 29.99 -25.52
C LEU B 235 39.12 29.54 -26.65
N ILE B 236 38.16 30.41 -27.02
CA ILE B 236 37.23 30.09 -28.09
C ILE B 236 38.00 29.91 -29.39
N ASP B 237 38.90 30.86 -29.63
CA ASP B 237 39.75 30.85 -30.80
C ASP B 237 40.58 29.57 -30.80
N THR B 238 41.03 29.17 -29.61
CA THR B 238 41.79 27.93 -29.43
C THR B 238 40.96 26.71 -29.83
N LEU B 239 39.72 26.66 -29.38
CA LEU B 239 38.82 25.53 -29.68
C LEU B 239 38.58 25.41 -31.18
N ARG B 240 38.25 26.54 -31.81
CA ARG B 240 37.98 26.57 -33.24
C ARG B 240 39.21 26.15 -34.03
N THR B 241 40.35 26.75 -33.70
CA THR B 241 41.59 26.52 -34.43
C THR B 241 42.09 25.08 -34.30
N ARG B 242 41.94 24.52 -33.10
CA ARG B 242 42.61 23.26 -32.78
C ARG B 242 41.73 22.00 -32.89
N PHE B 243 40.48 22.07 -32.45
CA PHE B 243 39.68 20.86 -32.38
C PHE B 243 38.65 20.68 -33.49
N LEU B 244 38.16 21.80 -34.03
CA LEU B 244 37.08 21.78 -35.01
C LEU B 244 37.45 21.07 -36.32
N GLU B 245 38.64 21.34 -36.84
CA GLU B 245 39.07 20.72 -38.09
C GLU B 245 39.29 19.21 -37.91
N VAL B 246 39.79 18.83 -36.76
CA VAL B 246 40.03 17.41 -36.46
C VAL B 246 38.72 16.65 -36.44
N PRO B 247 38.61 15.62 -37.29
CA PRO B 247 37.41 14.79 -37.46
C PRO B 247 36.92 14.18 -36.15
N GLU B 248 37.85 13.71 -35.33
CA GLU B 248 37.52 13.03 -34.09
C GLU B 248 36.89 13.98 -33.06
N PHE B 249 37.42 15.19 -32.96
CA PHE B 249 37.04 16.13 -31.91
C PHE B 249 35.88 17.07 -32.26
N ARG B 250 35.59 17.21 -33.55
CA ARG B 250 34.70 18.28 -34.02
C ARG B 250 33.31 18.28 -33.40
N ASN B 251 32.70 17.11 -33.30
CA ASN B 251 31.32 16.97 -32.84
C ASN B 251 31.08 17.61 -31.48
N VAL B 252 31.94 17.28 -30.51
CA VAL B 252 31.80 17.79 -29.15
C VAL B 252 32.10 19.29 -29.09
N THR B 253 33.10 19.71 -29.87
CA THR B 253 33.48 21.12 -29.95
C THR B 253 32.26 21.93 -30.37
N LEU B 254 31.53 21.40 -31.34
CA LEU B 254 30.31 22.06 -31.81
C LEU B 254 29.25 22.15 -30.72
N GLN B 255 29.18 21.14 -29.85
CA GLN B 255 28.25 21.18 -28.73
C GLN B 255 28.63 22.27 -27.75
N CYS B 256 29.93 22.37 -27.45
CA CYS B 256 30.42 23.40 -26.55
C CYS B 256 30.10 24.79 -27.09
N LEU B 257 30.45 25.01 -28.36
CA LEU B 257 30.18 26.29 -29.01
C LEU B 257 28.69 26.59 -29.05
N THR B 258 27.89 25.54 -29.24
CA THR B 258 26.43 25.66 -29.25
C THR B 258 25.96 26.20 -27.91
N GLU B 259 26.50 25.63 -26.83
CA GLU B 259 26.16 26.07 -25.49
C GLU B 259 26.61 27.51 -25.26
N ILE B 260 27.73 27.89 -25.85
CA ILE B 260 28.21 29.27 -25.77
C ILE B 260 27.21 30.22 -26.45
N GLY B 261 26.69 29.79 -27.59
CA GLY B 261 25.69 30.56 -28.31
C GLY B 261 24.42 30.70 -27.48
N GLY B 262 24.04 29.62 -26.81
CA GLY B 262 22.87 29.60 -25.96
C GLY B 262 22.98 30.53 -24.77
N LEU B 263 24.20 30.90 -24.40
CA LEU B 263 24.46 31.72 -23.21
C LEU B 263 23.62 32.99 -23.19
N GLN B 264 22.79 33.13 -22.17
CA GLN B 264 21.96 34.31 -22.00
C GLN B 264 22.84 35.52 -21.68
N THR B 265 22.77 36.54 -22.53
CA THR B 265 23.50 37.77 -22.30
C THR B 265 22.54 38.95 -22.09
N GLY B 266 22.05 39.09 -20.86
CA GLY B 266 21.09 40.11 -20.50
C GLY B 266 21.66 41.51 -20.42
N GLY B 267 22.82 41.72 -21.04
CA GLY B 267 23.50 43.00 -20.96
C GLY B 267 23.83 43.71 -22.27
N PRO B 268 23.38 44.97 -22.39
CA PRO B 268 23.69 45.86 -23.51
C PRO B 268 25.19 46.11 -23.58
N GLY B 269 25.83 46.20 -22.41
CA GLY B 269 27.27 46.40 -22.33
C GLY B 269 27.74 46.73 -20.93
N GLN B 270 26.81 46.75 -19.97
CA GLN B 270 27.12 47.17 -18.60
C GLN B 270 28.14 46.30 -17.85
N PRO B 271 27.96 44.97 -17.86
CA PRO B 271 29.11 44.18 -17.42
C PRO B 271 30.16 44.33 -18.51
N HIS B 272 29.82 43.82 -19.68
CA HIS B 272 30.62 44.01 -20.89
C HIS B 272 29.73 43.59 -22.05
N THR B 273 29.99 44.11 -23.23
CA THR B 273 29.30 43.63 -24.42
C THR B 273 30.22 42.74 -25.26
N TYR B 274 29.83 41.49 -25.43
CA TYR B 274 30.68 40.50 -26.06
C TYR B 274 30.25 40.30 -27.51
N ASP B 275 29.59 41.32 -28.05
CA ASP B 275 29.08 41.29 -29.41
C ASP B 275 30.20 41.07 -30.42
N GLU B 276 31.30 41.81 -30.27
CA GLU B 276 32.42 41.67 -31.18
C GLU B 276 32.96 40.25 -31.10
N GLN B 277 32.99 39.71 -29.89
CA GLN B 277 33.47 38.37 -29.63
C GLN B 277 32.55 37.32 -30.24
N LEU B 278 31.25 37.47 -30.01
CA LEU B 278 30.26 36.53 -30.54
C LEU B 278 30.28 36.53 -32.06
N ILE B 279 30.35 37.73 -32.63
CA ILE B 279 30.40 37.89 -34.08
C ILE B 279 31.64 37.24 -34.64
N LYS B 280 32.78 37.48 -34.00
CA LYS B 280 34.04 36.87 -34.45
C LYS B 280 33.93 35.35 -34.43
N MET B 281 33.40 34.82 -33.32
CA MET B 281 33.21 33.38 -33.19
C MET B 281 32.38 32.86 -34.35
N PHE B 282 31.19 33.45 -34.53
CA PHE B 282 30.25 33.00 -35.54
C PHE B 282 30.85 33.05 -36.94
N THR B 283 31.47 34.16 -37.28
CA THR B 283 32.05 34.35 -38.60
C THR B 283 33.15 33.33 -38.87
N GLU B 284 34.10 33.23 -37.95
CA GLU B 284 35.25 32.35 -38.16
C GLU B 284 34.83 30.88 -38.19
N VAL B 285 33.93 30.49 -37.29
CA VAL B 285 33.39 29.14 -37.29
C VAL B 285 32.70 28.85 -38.62
N LEU B 286 31.91 29.81 -39.07
CA LEU B 286 31.20 29.69 -40.34
C LEU B 286 32.18 29.47 -41.48
N THR B 287 33.30 30.18 -41.42
CA THR B 287 34.37 30.05 -42.40
C THR B 287 34.94 28.64 -42.39
N THR B 288 35.21 28.13 -41.19
CA THR B 288 35.75 26.77 -41.05
C THR B 288 34.80 25.72 -41.62
N ILE B 289 33.51 25.88 -41.32
CA ILE B 289 32.48 24.98 -41.84
C ILE B 289 32.44 25.06 -43.36
N SER B 290 32.61 26.27 -43.88
CA SER B 290 32.65 26.48 -45.32
C SER B 290 33.82 25.71 -45.91
N ASN B 291 34.96 25.71 -45.22
CA ASN B 291 36.12 24.92 -45.65
C ASN B 291 35.86 23.41 -45.62
N ILE B 292 35.18 22.92 -44.59
CA ILE B 292 34.92 21.48 -44.51
C ILE B 292 33.81 21.00 -45.46
N ILE B 293 32.79 21.81 -45.66
CA ILE B 293 31.66 21.41 -46.50
C ILE B 293 31.52 22.27 -47.76
N PRO B 294 31.65 21.64 -48.94
CA PRO B 294 31.55 22.29 -50.24
C PRO B 294 30.14 22.81 -50.50
N LEU B 295 30.03 23.96 -51.17
CA LEU B 295 28.73 24.50 -51.56
C LEU B 295 28.03 23.55 -52.53
N GLN B 296 28.80 23.01 -53.48
CA GLN B 296 28.28 22.10 -54.49
C GLN B 296 27.87 20.75 -53.91
N MET B 297 28.47 20.36 -52.80
CA MET B 297 28.15 19.09 -52.16
C MET B 297 26.69 19.02 -51.77
N ASP B 298 26.02 17.94 -52.14
CA ASP B 298 24.59 17.80 -51.86
C ASP B 298 24.33 16.98 -50.60
N LEU B 299 23.76 17.63 -49.60
CA LEU B 299 23.48 16.98 -48.32
C LEU B 299 22.36 15.95 -48.45
N LYS B 300 21.37 16.27 -49.29
CA LYS B 300 20.17 15.46 -49.41
C LYS B 300 20.50 14.03 -49.80
N ALA B 301 21.30 13.87 -50.84
CA ALA B 301 21.72 12.55 -51.29
C ALA B 301 22.74 11.93 -50.34
N THR B 302 23.61 12.77 -49.79
CA THR B 302 24.75 12.30 -48.99
C THR B 302 24.35 11.68 -47.66
N TYR B 303 23.39 12.29 -46.97
CA TYR B 303 23.07 11.93 -45.58
C TYR B 303 22.76 10.44 -45.31
N PRO B 304 21.95 9.79 -46.15
CA PRO B 304 21.72 8.36 -45.90
C PRO B 304 23.00 7.53 -46.00
N ASN B 305 23.87 7.86 -46.96
CA ASN B 305 25.15 7.19 -47.09
C ASN B 305 26.18 7.85 -46.19
N SER B 306 25.98 7.77 -44.88
CA SER B 306 26.89 8.42 -43.94
C SER B 306 26.97 7.62 -42.64
N ASN B 307 28.07 7.81 -41.92
CA ASN B 307 28.26 7.16 -40.64
C ASN B 307 27.63 7.98 -39.52
N SER B 308 27.58 7.41 -38.32
CA SER B 308 26.94 8.06 -37.19
C SER B 308 27.58 9.41 -36.84
N ARG B 309 28.90 9.45 -36.85
CA ARG B 309 29.65 10.64 -36.43
C ARG B 309 29.33 11.89 -37.24
N ASP B 310 29.38 11.78 -38.56
CA ASP B 310 29.16 12.93 -39.43
C ASP B 310 27.70 13.40 -39.37
N GLN B 311 26.77 12.46 -39.31
CA GLN B 311 25.35 12.78 -39.24
C GLN B 311 25.03 13.51 -37.94
N GLU B 312 25.55 12.97 -36.84
CA GLU B 312 25.37 13.59 -35.52
C GLU B 312 26.00 14.97 -35.55
N PHE B 313 27.10 15.09 -36.28
CA PHE B 313 27.78 16.37 -36.44
C PHE B 313 26.86 17.37 -37.14
N ILE B 314 26.15 16.91 -38.15
CA ILE B 314 25.20 17.75 -38.88
C ILE B 314 24.08 18.20 -37.94
N GLN B 315 23.58 17.27 -37.13
CA GLN B 315 22.57 17.58 -36.13
C GLN B 315 23.08 18.68 -35.20
N ASN B 316 24.33 18.53 -34.77
CA ASN B 316 24.97 19.52 -33.92
C ASN B 316 25.07 20.87 -34.61
N LEU B 317 25.31 20.85 -35.92
CA LEU B 317 25.42 22.07 -36.71
C LEU B 317 24.08 22.80 -36.73
N ALA B 318 23.02 22.05 -36.97
CA ALA B 318 21.67 22.60 -36.98
C ALA B 318 21.38 23.23 -35.62
N LEU B 319 21.71 22.50 -34.57
CA LEU B 319 21.51 22.98 -33.20
C LEU B 319 22.26 24.29 -32.97
N PHE B 320 23.50 24.35 -33.45
CA PHE B 320 24.35 25.52 -33.29
C PHE B 320 23.71 26.73 -33.97
N LEU B 321 23.42 26.59 -35.26
CA LEU B 321 22.86 27.69 -36.03
C LEU B 321 21.55 28.18 -35.41
N THR B 322 20.65 27.25 -35.12
CA THR B 322 19.34 27.59 -34.57
C THR B 322 19.46 28.33 -33.24
N SER B 323 20.24 27.76 -32.32
CA SER B 323 20.40 28.35 -31.00
C SER B 323 21.01 29.75 -31.12
N PHE B 324 22.12 29.83 -31.83
CA PHE B 324 22.84 31.09 -31.98
C PHE B 324 21.97 32.18 -32.58
N PHE B 325 21.35 31.93 -33.74
CA PHE B 325 20.44 32.89 -34.33
C PHE B 325 19.32 33.27 -33.37
N THR B 326 18.75 32.27 -32.71
CA THR B 326 17.68 32.49 -31.74
C THR B 326 18.08 33.50 -30.66
N MET B 327 19.32 33.41 -30.20
CA MET B 327 19.78 34.27 -29.12
C MET B 327 20.30 35.62 -29.63
N HIS B 328 20.98 35.59 -30.77
CA HIS B 328 21.57 36.76 -31.39
C HIS B 328 21.31 36.83 -32.88
N LEU B 329 20.09 37.18 -33.26
CA LEU B 329 19.79 37.44 -34.66
C LEU B 329 20.15 38.87 -35.11
N PRO B 330 19.75 39.90 -34.33
CA PRO B 330 20.06 41.28 -34.75
C PRO B 330 21.56 41.56 -34.94
N LEU B 331 22.40 40.86 -34.20
CA LEU B 331 23.85 41.07 -34.29
C LEU B 331 24.38 40.91 -35.71
N ILE B 332 23.99 39.81 -36.35
CA ILE B 332 24.42 39.54 -37.72
C ILE B 332 23.64 40.40 -38.73
N GLU B 333 22.39 40.70 -38.41
CA GLU B 333 21.57 41.56 -39.26
C GLU B 333 22.22 42.93 -39.42
N ASN B 334 22.60 43.52 -38.30
CA ASN B 334 23.18 44.86 -38.28
C ASN B 334 24.54 44.94 -38.95
N LEU B 335 25.20 43.79 -39.07
CA LEU B 335 26.49 43.74 -39.76
C LEU B 335 26.32 44.22 -41.20
N PRO B 336 27.27 45.05 -41.67
CA PRO B 336 27.21 45.66 -43.00
C PRO B 336 27.34 44.65 -44.14
N ASN B 337 28.17 43.62 -43.95
CA ASN B 337 28.48 42.69 -45.02
C ASN B 337 27.28 41.89 -45.55
N ARG B 338 26.41 41.45 -44.64
CA ARG B 338 25.15 40.79 -45.01
C ARG B 338 25.37 39.38 -45.59
N ASP B 339 26.62 39.08 -45.95
CA ASP B 339 26.96 37.81 -46.60
C ASP B 339 26.83 36.61 -45.65
N PHE B 340 27.25 36.80 -44.41
CA PHE B 340 27.33 35.71 -43.44
C PHE B 340 25.95 35.22 -43.02
N LEU B 341 25.02 36.16 -42.84
CA LEU B 341 23.65 35.85 -42.48
C LEU B 341 23.03 34.94 -43.54
N THR B 342 23.04 35.41 -44.78
CA THR B 342 22.44 34.69 -45.89
C THR B 342 23.10 33.34 -46.13
N HIS B 343 24.43 33.31 -46.04
CA HIS B 343 25.15 32.04 -46.24
C HIS B 343 24.84 31.01 -45.15
N GLY B 344 24.79 31.46 -43.90
CA GLY B 344 24.47 30.59 -42.79
C GLY B 344 23.07 30.02 -42.95
N HIS B 345 22.13 30.89 -43.31
CA HIS B 345 20.77 30.44 -43.56
C HIS B 345 20.69 29.49 -44.77
N PHE B 346 21.59 29.66 -45.73
CA PHE B 346 21.69 28.75 -46.86
C PHE B 346 22.12 27.36 -46.38
N TYR B 347 23.07 27.33 -45.45
CA TYR B 347 23.46 26.07 -44.82
C TYR B 347 22.24 25.46 -44.14
N LEU B 348 21.46 26.31 -43.49
CA LEU B 348 20.23 25.86 -42.83
C LEU B 348 19.25 25.23 -43.82
N ILE B 349 19.19 25.77 -45.03
CA ILE B 349 18.31 25.22 -46.06
C ILE B 349 18.81 23.86 -46.53
N ARG B 350 20.11 23.80 -46.84
CA ARG B 350 20.72 22.56 -47.29
C ARG B 350 20.46 21.44 -46.31
N ILE B 351 20.64 21.75 -45.02
CA ILE B 351 20.40 20.79 -43.96
C ILE B 351 18.89 20.48 -43.82
N SER B 352 18.06 21.50 -44.00
CA SER B 352 16.61 21.34 -43.87
C SER B 352 16.06 20.37 -44.90
N GLN B 353 16.72 20.31 -46.05
CA GLN B 353 16.32 19.39 -47.11
C GLN B 353 16.40 17.92 -46.69
N ILE B 354 17.32 17.61 -45.78
CA ILE B 354 17.59 16.24 -45.35
C ILE B 354 16.37 15.49 -44.80
N ASP B 355 16.24 14.22 -45.17
CA ASP B 355 15.12 13.39 -44.71
C ASP B 355 15.40 12.86 -43.30
N ASP B 356 15.27 13.71 -42.30
CA ASP B 356 15.38 13.29 -40.91
C ASP B 356 14.45 14.15 -40.04
N ARG B 357 13.61 13.49 -39.26
CA ARG B 357 12.57 14.17 -38.49
C ARG B 357 13.13 15.07 -37.40
N GLU B 358 14.20 14.63 -36.75
CA GLU B 358 14.82 15.39 -35.66
C GLU B 358 15.32 16.73 -36.18
N ILE B 359 16.24 16.64 -37.13
CA ILE B 359 16.86 17.79 -37.76
C ILE B 359 15.81 18.74 -38.31
N PHE B 360 14.90 18.20 -39.10
CA PHE B 360 13.86 19.01 -39.72
C PHE B 360 12.97 19.66 -38.67
N LYS B 361 12.78 19.00 -37.53
CA LYS B 361 12.00 19.58 -36.44
C LYS B 361 12.71 20.81 -35.89
N ILE B 362 14.01 20.67 -35.65
CA ILE B 362 14.81 21.79 -35.15
C ILE B 362 14.69 22.99 -36.09
N CYS B 363 15.04 22.74 -37.35
CA CYS B 363 15.00 23.77 -38.39
C CYS B 363 13.63 24.41 -38.43
N LEU B 364 12.60 23.57 -38.41
CA LEU B 364 11.21 24.02 -38.50
C LEU B 364 10.87 24.97 -37.38
N ASP B 365 11.27 24.62 -36.17
CA ASP B 365 11.04 25.48 -35.02
C ASP B 365 11.67 26.86 -35.24
N TYR B 366 12.96 26.86 -35.59
CA TYR B 366 13.63 28.15 -35.79
C TYR B 366 12.98 28.98 -36.90
N TRP B 367 12.70 28.34 -38.04
CA TRP B 367 12.10 29.02 -39.18
C TRP B 367 10.76 29.63 -38.82
N LEU B 368 9.96 28.88 -38.08
CA LEU B 368 8.65 29.34 -37.67
C LEU B 368 8.81 30.59 -36.83
N LYS B 369 9.73 30.55 -35.86
CA LYS B 369 9.97 31.73 -35.03
C LYS B 369 10.41 32.93 -35.87
N LEU B 370 11.29 32.69 -36.84
CA LEU B 370 11.80 33.74 -37.71
C LEU B 370 10.69 34.41 -38.51
N VAL B 371 9.95 33.62 -39.27
CA VAL B 371 8.92 34.15 -40.15
C VAL B 371 7.81 34.81 -39.33
N GLN B 372 7.57 34.30 -38.12
CA GLN B 372 6.61 34.91 -37.22
C GLN B 372 7.09 36.30 -36.80
N GLU B 373 8.36 36.42 -36.44
CA GLU B 373 8.92 37.71 -36.04
C GLU B 373 8.86 38.72 -37.19
N LEU B 374 9.13 38.26 -38.40
CA LEU B 374 9.12 39.14 -39.57
C LEU B 374 7.70 39.63 -39.89
N TYR B 375 6.74 38.71 -39.91
CA TYR B 375 5.37 39.10 -40.20
C TYR B 375 4.88 40.04 -39.11
N GLU B 376 5.16 39.71 -37.85
CA GLU B 376 4.76 40.57 -36.74
C GLU B 376 5.41 41.96 -36.84
N GLU B 377 6.58 42.03 -37.48
CA GLU B 377 7.17 43.33 -37.76
C GLU B 377 6.29 44.09 -38.72
N MET B 378 5.92 43.42 -39.82
CA MET B 378 5.04 44.05 -40.80
C MET B 378 3.73 44.52 -40.19
N GLN B 379 3.17 43.70 -39.32
CA GLN B 379 1.93 44.01 -38.62
C GLN B 379 2.08 45.21 -37.68
N SER B 380 3.28 45.39 -37.16
CA SER B 380 3.52 46.40 -36.12
C SER B 380 3.68 47.80 -36.69
N LEU B 381 3.41 47.97 -37.98
CA LEU B 381 3.44 49.29 -38.60
C LEU B 381 2.31 50.11 -37.99
N PRO B 382 2.47 51.44 -37.91
CA PRO B 382 1.40 52.25 -37.31
C PRO B 382 0.16 52.45 -38.19
N LEU B 383 0.35 52.38 -39.50
CA LEU B 383 -0.70 52.71 -40.47
C LEU B 383 -1.72 51.61 -40.82
N ASN B 384 -1.59 50.43 -40.23
CA ASN B 384 -2.43 49.28 -40.59
C ASN B 384 -3.94 49.53 -40.71
N ASP B 385 -4.47 50.38 -39.83
CA ASP B 385 -5.91 50.64 -39.76
C ASP B 385 -6.63 51.26 -40.98
N MET B 386 -6.10 51.02 -42.19
CA MET B 386 -6.71 51.57 -43.40
C MET B 386 -7.54 50.53 -44.16
N SER B 387 -8.14 49.62 -43.42
CA SER B 387 -8.93 48.52 -43.97
C SER B 387 -10.19 48.92 -44.76
N SER B 388 -10.77 50.06 -44.41
CA SER B 388 -12.04 50.48 -45.02
C SER B 388 -11.91 50.66 -46.54
N MET B 389 -10.84 51.31 -46.96
CA MET B 389 -10.56 51.50 -48.38
C MET B 389 -10.23 50.19 -49.08
N GLY B 390 -9.78 49.22 -48.30
CA GLY B 390 -9.40 47.92 -48.85
C GLY B 390 -7.90 47.76 -48.84
N LEU B 391 -7.19 48.83 -48.47
CA LEU B 391 -5.74 48.79 -48.42
C LEU B 391 -5.27 48.11 -47.14
N GLY B 392 -4.05 47.56 -47.19
CA GLY B 392 -3.43 46.95 -46.03
C GLY B 392 -4.03 45.58 -45.74
N MET B 393 -3.70 45.03 -44.58
CA MET B 393 -4.19 43.71 -44.21
C MET B 393 -5.19 43.80 -43.07
N MET B 394 -6.36 43.23 -43.27
CA MET B 394 -7.36 43.17 -42.21
C MET B 394 -6.89 42.20 -41.15
N SER B 395 -7.35 42.39 -39.93
CA SER B 395 -7.09 41.42 -38.87
C SER B 395 -7.79 40.13 -39.28
N GLY B 396 -8.97 40.28 -39.89
CA GLY B 396 -9.75 39.16 -40.38
C GLY B 396 -9.02 38.28 -41.38
N GLY B 397 -8.18 38.90 -42.20
CA GLY B 397 -7.43 38.16 -43.19
C GLY B 397 -7.15 38.96 -44.43
N GLY B 398 -6.47 38.35 -45.39
CA GLY B 398 -6.15 38.98 -46.64
C GLY B 398 -4.68 39.36 -46.72
N ALA B 399 -3.91 38.57 -47.46
CA ALA B 399 -2.49 38.84 -47.63
C ALA B 399 -2.28 40.06 -48.52
N PRO B 400 -1.34 40.93 -48.15
CA PRO B 400 -1.09 42.15 -48.91
C PRO B 400 -0.21 41.92 -50.14
N ASN B 401 -0.36 42.80 -51.14
CA ASN B 401 0.50 42.78 -52.31
C ASN B 401 1.90 43.16 -51.88
N PRO B 402 2.89 42.28 -52.14
CA PRO B 402 4.27 42.52 -51.71
C PRO B 402 4.83 43.82 -52.29
N ALA B 403 4.44 44.15 -53.50
CA ALA B 403 4.91 45.35 -54.18
C ALA B 403 4.61 46.61 -53.37
N LEU B 404 3.44 46.63 -52.73
CA LEU B 404 3.00 47.76 -51.93
C LEU B 404 3.96 48.06 -50.78
N LEU B 405 4.69 47.04 -50.34
CA LEU B 405 5.55 47.16 -49.17
C LEU B 405 7.04 47.23 -49.51
N GLU B 406 7.37 47.05 -50.79
CA GLU B 406 8.76 47.01 -51.22
C GLU B 406 9.49 48.33 -50.99
N HIS B 407 8.73 49.41 -50.83
CA HIS B 407 9.31 50.73 -50.65
C HIS B 407 9.56 51.02 -49.17
N TYR B 408 9.20 50.06 -48.32
CA TYR B 408 9.38 50.24 -46.88
C TYR B 408 10.76 49.78 -46.41
N PRO B 409 11.27 50.41 -45.34
CA PRO B 409 12.48 49.95 -44.68
C PRO B 409 12.15 48.84 -43.69
N LEU B 410 12.17 47.60 -44.17
CA LEU B 410 11.77 46.46 -43.34
C LEU B 410 12.88 45.42 -43.25
N ARG B 411 12.85 44.64 -42.17
CA ARG B 411 13.81 43.56 -41.94
C ARG B 411 13.64 42.46 -42.98
N LYS B 412 12.40 42.23 -43.39
CA LYS B 412 12.05 41.12 -44.27
C LYS B 412 12.90 41.08 -45.54
N HIS B 413 13.13 42.26 -46.11
CA HIS B 413 13.83 42.38 -47.39
C HIS B 413 15.25 41.83 -47.32
N LYS B 414 15.86 41.93 -46.15
CA LYS B 414 17.20 41.41 -45.93
C LYS B 414 17.25 39.92 -46.24
N TYR B 415 16.13 39.24 -46.00
CA TYR B 415 16.05 37.80 -46.17
C TYR B 415 15.34 37.44 -47.47
N LYS B 416 15.12 38.43 -48.32
CA LYS B 416 14.25 38.30 -49.49
C LYS B 416 14.50 37.02 -50.27
N GLU B 417 15.74 36.85 -50.72
CA GLU B 417 16.13 35.67 -51.49
C GLU B 417 15.94 34.38 -50.71
N VAL B 418 16.39 34.38 -49.45
CA VAL B 418 16.38 33.17 -48.64
C VAL B 418 14.99 32.56 -48.55
N LEU B 419 14.01 33.40 -48.24
CA LEU B 419 12.62 32.96 -48.12
C LEU B 419 12.17 32.33 -49.43
N SER B 420 12.60 32.92 -50.55
CA SER B 420 12.21 32.44 -51.87
C SER B 420 12.64 30.99 -52.06
N ASN B 421 13.75 30.62 -51.45
CA ASN B 421 14.19 29.23 -51.46
C ASN B 421 13.40 28.44 -50.43
N LEU B 422 13.25 29.04 -49.25
CA LEU B 422 12.65 28.36 -48.10
C LEU B 422 11.27 27.83 -48.45
N ARG B 423 10.44 28.69 -49.03
CA ARG B 423 9.08 28.31 -49.40
C ARG B 423 9.15 27.02 -50.19
N VAL B 424 10.03 26.99 -51.19
CA VAL B 424 10.17 25.83 -52.05
C VAL B 424 10.40 24.59 -51.20
N VAL B 425 11.43 24.63 -50.35
CA VAL B 425 11.74 23.46 -49.55
C VAL B 425 10.59 23.18 -48.59
N MET B 426 9.98 24.24 -48.06
CA MET B 426 8.85 24.06 -47.16
C MET B 426 7.69 23.41 -47.89
N ILE B 427 7.57 23.73 -49.18
CA ILE B 427 6.57 23.06 -49.98
C ILE B 427 6.96 21.59 -50.08
N GLU B 428 8.21 21.33 -50.44
CA GLU B 428 8.69 19.96 -50.69
C GLU B 428 8.68 19.05 -49.46
N LYS B 429 8.77 19.64 -48.27
CA LYS B 429 8.83 18.86 -47.05
C LYS B 429 7.47 18.73 -46.38
N MET B 430 6.40 18.91 -47.15
CA MET B 430 5.04 18.84 -46.62
C MET B 430 4.68 17.40 -46.26
N VAL B 431 3.70 17.24 -45.37
CA VAL B 431 3.29 15.91 -44.91
C VAL B 431 1.79 15.68 -45.10
N ARG B 432 1.37 14.42 -45.04
CA ARG B 432 -0.02 14.06 -45.25
C ARG B 432 -0.94 14.60 -44.16
N PRO B 433 -1.97 15.37 -44.56
CA PRO B 433 -2.94 15.93 -43.63
C PRO B 433 -3.88 14.87 -43.06
N GLU B 434 -4.63 15.23 -42.02
CA GLU B 434 -5.62 14.34 -41.41
C GLU B 434 -6.72 13.95 -42.40
N GLU B 435 -7.18 14.92 -43.18
CA GLU B 435 -8.29 14.71 -44.10
C GLU B 435 -8.05 13.58 -45.09
N VAL B 436 -6.82 13.44 -45.56
CA VAL B 436 -6.46 12.36 -46.49
C VAL B 436 -6.59 11.00 -45.79
N LEU B 437 -7.35 10.09 -46.40
CA LEU B 437 -7.61 8.79 -45.79
C LEU B 437 -6.75 7.67 -46.37
N ILE B 438 -6.04 7.96 -47.46
CA ILE B 438 -5.26 6.93 -48.15
C ILE B 438 -3.78 7.28 -48.24
N VAL B 439 -2.94 6.25 -48.11
CA VAL B 439 -1.50 6.43 -48.20
C VAL B 439 -0.90 5.23 -48.94
N GLU B 440 0.19 5.47 -49.66
CA GLU B 440 0.92 4.42 -50.34
C GLU B 440 1.77 3.65 -49.34
N ASN B 441 1.55 2.33 -49.26
CA ASN B 441 2.32 1.51 -48.33
C ASN B 441 3.79 1.48 -48.71
N ASP B 442 4.63 1.05 -47.78
CA ASP B 442 6.08 1.09 -47.96
C ASP B 442 6.58 0.43 -49.25
N GLU B 443 6.06 -0.75 -49.57
CA GLU B 443 6.51 -1.46 -50.76
C GLU B 443 5.98 -0.88 -52.09
N GLY B 444 4.71 -0.51 -52.13
CA GLY B 444 4.17 0.14 -53.33
C GLY B 444 2.69 0.03 -53.68
N GLU B 445 1.81 0.20 -52.70
CA GLU B 445 0.37 0.12 -52.97
C GLU B 445 -0.42 1.09 -52.10
N ILE B 446 -1.50 1.63 -52.65
CA ILE B 446 -2.38 2.53 -51.91
C ILE B 446 -3.32 1.76 -50.98
N VAL B 447 -3.35 2.16 -49.70
CA VAL B 447 -4.20 1.54 -48.69
C VAL B 447 -4.76 2.58 -47.73
N ARG B 448 -5.70 2.17 -46.88
CA ARG B 448 -6.30 3.07 -45.90
C ARG B 448 -5.76 2.82 -44.49
N GLU B 449 -5.26 3.88 -43.85
CA GLU B 449 -4.74 3.78 -42.49
C GLU B 449 -5.33 4.87 -41.58
N PHE B 450 -5.70 4.48 -40.37
CA PHE B 450 -6.48 5.34 -39.49
C PHE B 450 -5.74 6.53 -38.85
N VAL B 451 -4.73 6.25 -38.02
CA VAL B 451 -4.09 7.32 -37.25
C VAL B 451 -2.57 7.21 -37.18
N LYS B 452 -1.93 8.32 -36.81
CA LYS B 452 -0.50 8.39 -36.61
C LYS B 452 -0.21 9.12 -35.30
N ASP B 453 1.04 9.05 -34.84
CA ASP B 453 1.44 9.66 -33.56
C ASP B 453 1.17 11.17 -33.55
N THR B 454 1.01 11.72 -32.36
CA THR B 454 0.69 13.14 -32.17
C THR B 454 1.72 14.03 -32.88
N ASP B 455 2.97 13.57 -32.90
CA ASP B 455 4.05 14.29 -33.55
C ASP B 455 3.77 14.57 -35.01
N SER B 456 3.10 13.64 -35.69
CA SER B 456 2.76 13.81 -37.10
C SER B 456 1.74 14.93 -37.30
N VAL B 457 0.70 14.93 -36.49
CA VAL B 457 -0.35 15.94 -36.58
C VAL B 457 0.19 17.33 -36.24
N GLN B 458 0.94 17.40 -35.14
CA GLN B 458 1.53 18.66 -34.71
C GLN B 458 2.52 19.16 -35.76
N LEU B 459 3.21 18.23 -36.39
CA LEU B 459 4.13 18.55 -37.47
C LEU B 459 3.37 19.18 -38.63
N TYR B 460 2.25 18.56 -39.01
CA TYR B 460 1.41 19.09 -40.08
C TYR B 460 0.94 20.51 -39.79
N LYS B 461 0.41 20.72 -38.58
CA LYS B 461 -0.10 22.04 -38.20
C LYS B 461 1.02 23.08 -38.24
N THR B 462 2.21 22.69 -37.74
CA THR B 462 3.35 23.60 -37.70
C THR B 462 3.81 24.00 -39.10
N ILE B 463 3.95 23.01 -39.98
CA ILE B 463 4.35 23.27 -41.36
C ILE B 463 3.33 24.17 -42.03
N ARG B 464 2.05 23.91 -41.76
CA ARG B 464 0.99 24.75 -42.29
C ARG B 464 1.18 26.20 -41.85
N GLU B 465 1.45 26.39 -40.56
CA GLU B 465 1.70 27.73 -40.02
C GLU B 465 2.83 28.42 -40.78
N CYS B 466 3.94 27.70 -40.94
CA CYS B 466 5.09 28.22 -41.64
C CYS B 466 4.74 28.66 -43.05
N LEU B 467 4.10 27.75 -43.79
CA LEU B 467 3.67 28.02 -45.16
C LEU B 467 2.78 29.27 -45.26
N VAL B 468 1.82 29.38 -44.34
CA VAL B 468 0.93 30.54 -44.32
C VAL B 468 1.69 31.85 -44.09
N TYR B 469 2.55 31.88 -43.07
CA TYR B 469 3.34 33.07 -42.80
C TYR B 469 4.16 33.46 -44.03
N LEU B 470 4.80 32.46 -44.62
CA LEU B 470 5.60 32.66 -45.83
C LEU B 470 4.76 33.28 -46.95
N THR B 471 3.55 32.76 -47.14
CA THR B 471 2.65 33.30 -48.17
C THR B 471 2.34 34.76 -47.91
N HIS B 472 2.09 35.10 -46.65
CA HIS B 472 1.79 36.49 -46.31
C HIS B 472 2.99 37.41 -46.53
N LEU B 473 4.20 36.89 -46.34
CA LEU B 473 5.40 37.67 -46.58
C LEU B 473 5.53 38.04 -48.06
N ASP B 474 5.12 37.13 -48.93
CA ASP B 474 5.11 37.37 -50.37
C ASP B 474 4.20 36.36 -51.08
N VAL B 475 2.95 36.74 -51.30
CA VAL B 475 1.98 35.88 -51.96
C VAL B 475 2.33 35.61 -53.43
N VAL B 476 2.90 36.62 -54.09
CA VAL B 476 3.21 36.52 -55.51
C VAL B 476 4.21 35.42 -55.85
N ASP B 477 5.38 35.44 -55.22
CA ASP B 477 6.41 34.47 -55.55
C ASP B 477 5.96 33.07 -55.15
N MET B 478 5.15 32.99 -54.10
CA MET B 478 4.59 31.72 -53.67
C MET B 478 3.69 31.14 -54.77
N GLU B 479 2.76 31.98 -55.22
CA GLU B 479 1.81 31.61 -56.26
C GLU B 479 2.57 31.17 -57.50
N GLN B 480 3.64 31.90 -57.81
CA GLN B 480 4.49 31.60 -58.96
C GLN B 480 5.15 30.23 -58.81
N ILE B 481 5.68 29.96 -57.62
CA ILE B 481 6.35 28.69 -57.37
C ILE B 481 5.41 27.51 -57.53
N MET B 482 4.25 27.60 -56.88
CA MET B 482 3.29 26.50 -56.92
C MET B 482 2.72 26.31 -58.33
N THR B 483 2.49 27.42 -59.02
CA THR B 483 1.96 27.37 -60.39
C THR B 483 3.00 26.71 -61.29
N GLU B 484 4.25 27.11 -61.12
CA GLU B 484 5.36 26.56 -61.88
C GLU B 484 5.45 25.06 -61.65
N LYS B 485 5.44 24.66 -60.40
CA LYS B 485 5.56 23.26 -60.03
C LYS B 485 4.40 22.41 -60.55
N LEU B 486 3.21 23.00 -60.59
CA LEU B 486 2.04 22.30 -61.14
C LEU B 486 2.21 22.11 -62.64
N ALA B 487 2.56 23.20 -63.31
CA ALA B 487 2.76 23.21 -64.76
C ALA B 487 3.81 22.18 -65.15
N ARG B 488 4.84 22.06 -64.31
CA ARG B 488 5.87 21.05 -64.52
C ARG B 488 5.37 19.64 -64.20
N GLN B 489 4.46 19.55 -63.23
CA GLN B 489 3.91 18.24 -62.87
C GLN B 489 3.12 17.67 -64.04
N VAL B 490 2.39 18.53 -64.74
CA VAL B 490 1.64 18.09 -65.91
C VAL B 490 2.51 17.98 -67.16
N ASP B 491 3.43 18.94 -67.35
CA ASP B 491 4.17 19.03 -68.60
C ASP B 491 5.67 18.81 -68.43
N GLY B 492 6.23 19.32 -67.33
CA GLY B 492 7.66 19.24 -67.10
C GLY B 492 8.13 17.80 -66.94
N SER B 493 7.17 16.91 -66.75
CA SER B 493 7.43 15.49 -66.52
C SER B 493 8.23 15.32 -65.24
N GLU B 494 7.98 16.22 -64.31
CA GLU B 494 8.52 16.14 -62.95
C GLU B 494 7.56 15.26 -62.16
N TRP B 495 6.58 14.70 -62.87
CA TRP B 495 5.50 13.95 -62.26
C TRP B 495 5.96 12.73 -61.47
N SER B 496 5.52 12.68 -60.21
CA SER B 496 5.62 11.49 -59.39
C SER B 496 4.56 11.63 -58.31
N TRP B 497 4.14 10.52 -57.72
CA TRP B 497 3.07 10.52 -56.74
C TRP B 497 3.42 11.41 -55.55
N HIS B 498 4.68 11.32 -55.11
CA HIS B 498 5.14 12.08 -53.96
C HIS B 498 5.04 13.58 -54.21
N ASN B 499 5.59 14.02 -55.33
CA ASN B 499 5.60 15.45 -55.68
C ASN B 499 4.20 16.02 -55.77
N CYS B 500 3.33 15.33 -56.50
CA CYS B 500 1.94 15.75 -56.66
C CYS B 500 1.25 15.84 -55.30
N ASN B 501 1.36 14.78 -54.52
CA ASN B 501 0.74 14.74 -53.20
C ASN B 501 1.18 15.92 -52.37
N VAL B 502 2.48 16.12 -52.30
CA VAL B 502 3.06 17.16 -51.47
C VAL B 502 2.62 18.56 -51.89
N LEU B 503 2.66 18.81 -53.19
CA LEU B 503 2.27 20.10 -53.75
C LEU B 503 0.81 20.40 -53.43
N CYS B 504 -0.05 19.44 -53.72
CA CYS B 504 -1.48 19.62 -53.53
C CYS B 504 -1.81 19.80 -52.05
N TRP B 505 -1.08 19.09 -51.19
CA TRP B 505 -1.26 19.24 -49.76
C TRP B 505 -0.94 20.66 -49.34
N ALA B 506 0.15 21.21 -49.88
CA ALA B 506 0.50 22.59 -49.57
C ALA B 506 -0.60 23.55 -50.00
N ILE B 507 -1.09 23.34 -51.22
CA ILE B 507 -2.12 24.20 -51.80
C ILE B 507 -3.39 24.20 -50.95
N GLY B 508 -3.85 23.00 -50.58
CA GLY B 508 -5.02 22.87 -49.73
C GLY B 508 -4.77 23.50 -48.38
N SER B 509 -3.56 23.34 -47.87
CA SER B 509 -3.25 23.80 -46.51
C SER B 509 -2.94 25.29 -46.40
N ILE B 510 -2.89 26.01 -47.51
CA ILE B 510 -2.70 27.46 -47.43
C ILE B 510 -4.00 28.23 -47.64
N SER B 511 -5.12 27.54 -47.45
CA SER B 511 -6.44 28.12 -47.68
C SER B 511 -6.67 29.35 -46.81
N MET B 512 -7.37 30.34 -47.37
CA MET B 512 -7.76 31.58 -46.69
C MET B 512 -6.61 32.57 -46.52
N ALA B 513 -5.42 32.17 -46.91
CA ALA B 513 -4.27 33.06 -46.88
C ALA B 513 -4.38 34.12 -47.97
N MET B 514 -4.88 33.71 -49.13
CA MET B 514 -5.02 34.63 -50.27
C MET B 514 -6.37 35.35 -50.22
N ASN B 515 -6.37 36.62 -50.65
CA ASN B 515 -7.60 37.38 -50.78
C ASN B 515 -8.48 36.78 -51.87
N GLU B 516 -9.77 37.12 -51.86
CA GLU B 516 -10.75 36.45 -52.72
C GLU B 516 -10.41 36.46 -54.20
N GLU B 517 -9.73 37.51 -54.65
CA GLU B 517 -9.41 37.70 -56.07
C GLU B 517 -8.25 36.83 -56.59
N THR B 518 -7.13 36.91 -55.89
CA THR B 518 -5.95 36.11 -56.24
C THR B 518 -6.32 34.64 -56.07
N GLU B 519 -7.07 34.36 -55.01
CA GLU B 519 -7.59 33.03 -54.73
C GLU B 519 -8.46 32.59 -55.90
N LYS B 520 -9.31 33.50 -56.38
CA LYS B 520 -10.20 33.23 -57.49
C LYS B 520 -9.41 32.75 -58.70
N ARG B 521 -8.53 33.61 -59.19
CA ARG B 521 -7.71 33.31 -60.36
C ARG B 521 -6.93 32.00 -60.21
N PHE B 522 -6.13 31.94 -59.14
CA PHE B 522 -5.27 30.79 -58.89
C PHE B 522 -6.05 29.48 -58.83
N LEU B 523 -7.12 29.49 -58.05
CA LEU B 523 -7.93 28.29 -57.87
C LEU B 523 -8.61 27.89 -59.17
N VAL B 524 -9.03 28.87 -59.98
CA VAL B 524 -9.60 28.56 -61.28
C VAL B 524 -8.60 27.75 -62.09
N THR B 525 -7.40 28.30 -62.24
CA THR B 525 -6.36 27.63 -63.03
C THR B 525 -6.05 26.21 -62.52
N VAL B 526 -5.79 26.12 -61.21
CA VAL B 526 -5.42 24.85 -60.60
C VAL B 526 -6.51 23.80 -60.76
N ILE B 527 -7.74 24.19 -60.45
CA ILE B 527 -8.88 23.28 -60.54
C ILE B 527 -9.08 22.77 -61.96
N LYS B 528 -9.08 23.67 -62.95
CA LYS B 528 -9.25 23.23 -64.33
C LYS B 528 -8.15 22.24 -64.75
N ASP B 529 -6.91 22.59 -64.44
CA ASP B 529 -5.78 21.74 -64.80
C ASP B 529 -5.89 20.35 -64.16
N LEU B 530 -6.30 20.30 -62.90
CA LEU B 530 -6.47 19.04 -62.20
C LEU B 530 -7.64 18.23 -62.78
N LEU B 531 -8.66 18.95 -63.26
CA LEU B 531 -9.79 18.32 -63.94
C LEU B 531 -9.29 17.59 -65.17
N GLY B 532 -8.42 18.24 -65.94
CA GLY B 532 -7.81 17.56 -67.08
C GLY B 532 -7.00 16.37 -66.63
N LEU B 533 -6.25 16.58 -65.55
CA LEU B 533 -5.32 15.59 -65.02
C LEU B 533 -5.96 14.28 -64.58
N THR B 534 -7.15 14.34 -63.99
CA THR B 534 -7.81 13.12 -63.52
C THR B 534 -8.08 12.10 -64.63
N GLU B 535 -8.58 12.56 -65.77
CA GLU B 535 -8.85 11.67 -66.89
C GLU B 535 -7.62 11.41 -67.74
N MET B 536 -6.67 12.35 -67.73
CA MET B 536 -5.49 12.21 -68.59
C MET B 536 -4.56 11.09 -68.13
N LYS B 537 -4.21 11.07 -66.86
CA LYS B 537 -3.34 10.02 -66.30
C LYS B 537 -4.05 8.67 -66.31
N ARG B 538 -3.30 7.60 -66.58
CA ARG B 538 -3.90 6.28 -66.67
C ARG B 538 -3.51 5.41 -65.49
N GLY B 539 -4.15 4.25 -65.37
CA GLY B 539 -3.92 3.36 -64.24
C GLY B 539 -4.85 3.71 -63.10
N LYS B 540 -5.22 2.70 -62.31
CA LYS B 540 -6.10 2.92 -61.16
C LYS B 540 -5.39 3.80 -60.13
N ASP B 541 -4.11 3.52 -59.94
CA ASP B 541 -3.27 4.18 -58.95
C ASP B 541 -3.20 5.69 -59.16
N ASN B 542 -2.75 6.10 -60.34
CA ASN B 542 -2.61 7.51 -60.69
C ASN B 542 -3.91 8.29 -60.47
N LYS B 543 -5.00 7.74 -61.00
CA LYS B 543 -6.31 8.39 -60.90
C LYS B 543 -6.76 8.48 -59.45
N ALA B 544 -6.44 7.45 -58.67
CA ALA B 544 -6.78 7.44 -57.25
C ALA B 544 -6.05 8.58 -56.52
N VAL B 545 -4.75 8.69 -56.78
CA VAL B 545 -3.93 9.74 -56.16
C VAL B 545 -4.43 11.13 -56.53
N VAL B 546 -4.59 11.35 -57.83
CA VAL B 546 -5.04 12.65 -58.33
C VAL B 546 -6.40 13.01 -57.73
N ALA B 547 -7.29 12.03 -57.68
CA ALA B 547 -8.63 12.25 -57.12
C ALA B 547 -8.52 12.66 -55.66
N SER B 548 -7.64 11.97 -54.93
CA SER B 548 -7.41 12.30 -53.52
C SER B 548 -7.01 13.75 -53.39
N ASN B 549 -6.02 14.13 -54.18
CA ASN B 549 -5.48 15.50 -54.12
C ASN B 549 -6.52 16.57 -54.44
N ILE B 550 -7.23 16.39 -55.56
CA ILE B 550 -8.22 17.37 -55.96
C ILE B 550 -9.35 17.47 -54.94
N MET B 551 -9.71 16.34 -54.34
CA MET B 551 -10.75 16.34 -53.31
C MET B 551 -10.31 17.09 -52.06
N TYR B 552 -9.09 16.87 -51.62
CA TYR B 552 -8.58 17.60 -50.45
C TYR B 552 -8.55 19.08 -50.74
N ILE B 553 -8.06 19.45 -51.92
CA ILE B 553 -7.96 20.86 -52.29
C ILE B 553 -9.33 21.54 -52.32
N VAL B 554 -10.28 20.94 -53.04
CA VAL B 554 -11.61 21.55 -53.16
C VAL B 554 -12.34 21.57 -51.82
N GLY B 555 -12.01 20.63 -50.94
CA GLY B 555 -12.56 20.63 -49.60
C GLY B 555 -12.13 21.85 -48.81
N GLN B 556 -10.87 22.23 -48.98
CA GLN B 556 -10.28 23.31 -48.19
C GLN B 556 -10.66 24.71 -48.65
N TYR B 557 -11.30 24.81 -49.81
CA TYR B 557 -11.68 26.12 -50.34
C TYR B 557 -13.19 26.27 -50.56
N PRO B 558 -13.93 26.62 -49.50
CA PRO B 558 -15.38 26.82 -49.59
C PRO B 558 -15.75 28.20 -50.13
N ARG B 559 -14.98 29.22 -49.75
CA ARG B 559 -15.30 30.61 -50.08
C ARG B 559 -15.28 30.85 -51.60
N PHE B 560 -14.38 30.16 -52.30
CA PHE B 560 -14.30 30.28 -53.75
C PHE B 560 -15.53 29.66 -54.39
N LEU B 561 -15.89 28.48 -53.91
CA LEU B 561 -17.04 27.75 -54.42
C LEU B 561 -18.31 28.57 -54.24
N LYS B 562 -18.40 29.27 -53.11
CA LYS B 562 -19.58 30.08 -52.79
C LYS B 562 -19.87 31.16 -53.84
N ALA B 563 -18.84 31.63 -54.53
CA ALA B 563 -19.02 32.70 -55.51
C ALA B 563 -18.98 32.17 -56.95
N HIS B 564 -18.76 30.87 -57.09
CA HIS B 564 -18.65 30.26 -58.42
C HIS B 564 -19.42 28.96 -58.49
N TRP B 565 -20.73 29.08 -58.71
CA TRP B 565 -21.64 27.95 -58.62
C TRP B 565 -21.38 26.83 -59.64
N LYS B 566 -20.98 27.21 -60.85
CA LYS B 566 -20.76 26.22 -61.91
C LYS B 566 -19.65 25.25 -61.54
N PHE B 567 -18.57 25.78 -60.98
CA PHE B 567 -17.46 24.97 -60.52
C PHE B 567 -17.91 24.04 -59.40
N LEU B 568 -18.76 24.56 -58.52
CA LEU B 568 -19.33 23.79 -57.41
C LEU B 568 -20.08 22.58 -57.96
N LYS B 569 -20.98 22.82 -58.91
CA LYS B 569 -21.73 21.74 -59.53
C LYS B 569 -20.78 20.72 -60.15
N THR B 570 -19.82 21.22 -60.93
CA THR B 570 -18.86 20.37 -61.61
C THR B 570 -18.16 19.43 -60.64
N VAL B 571 -17.60 19.99 -59.58
CA VAL B 571 -16.86 19.20 -58.61
C VAL B 571 -17.75 18.23 -57.83
N VAL B 572 -19.00 18.62 -57.58
CA VAL B 572 -19.95 17.71 -56.92
C VAL B 572 -20.20 16.46 -57.78
N ASN B 573 -20.57 16.69 -59.03
CA ASN B 573 -20.80 15.59 -59.96
C ASN B 573 -19.54 14.73 -60.11
N LYS B 574 -18.39 15.39 -60.10
CA LYS B 574 -17.11 14.69 -60.14
C LYS B 574 -16.91 13.79 -58.91
N LEU B 575 -17.37 14.27 -57.76
CA LEU B 575 -17.31 13.47 -56.53
C LEU B 575 -18.17 12.23 -56.71
N PHE B 576 -19.34 12.40 -57.29
CA PHE B 576 -20.22 11.27 -57.57
C PHE B 576 -19.55 10.28 -58.49
N GLU B 577 -18.82 10.79 -59.49
CA GLU B 577 -18.05 9.95 -60.39
C GLU B 577 -17.01 9.14 -59.61
N PHE B 578 -16.37 9.80 -58.65
CA PHE B 578 -15.35 9.15 -57.81
C PHE B 578 -15.94 8.04 -56.95
N MET B 579 -17.15 8.24 -56.44
CA MET B 579 -17.79 7.28 -55.55
C MET B 579 -17.91 5.88 -56.14
N HIS B 580 -18.13 5.81 -57.45
CA HIS B 580 -18.34 4.53 -58.13
C HIS B 580 -17.04 3.74 -58.35
N GLU B 581 -15.90 4.37 -58.11
CA GLU B 581 -14.63 3.71 -58.34
C GLU B 581 -14.40 2.52 -57.41
N SER B 582 -13.55 1.59 -57.85
CA SER B 582 -13.32 0.34 -57.15
C SER B 582 -12.74 0.53 -55.75
N HIS B 583 -11.70 1.36 -55.67
CA HIS B 583 -10.98 1.55 -54.42
C HIS B 583 -11.88 2.17 -53.36
N GLU B 584 -11.95 1.53 -52.20
CA GLU B 584 -12.83 1.95 -51.12
C GLU B 584 -12.38 3.28 -50.49
N GLY B 585 -11.08 3.45 -50.35
CA GLY B 585 -10.53 4.65 -49.73
C GLY B 585 -10.94 5.91 -50.46
N VAL B 586 -10.93 5.85 -51.78
CA VAL B 586 -11.28 6.99 -52.61
C VAL B 586 -12.75 7.34 -52.43
N GLN B 587 -13.57 6.30 -52.24
CA GLN B 587 -14.99 6.46 -51.97
C GLN B 587 -15.16 7.20 -50.66
N ASP B 588 -14.44 6.73 -49.64
CA ASP B 588 -14.48 7.34 -48.31
C ASP B 588 -14.13 8.82 -48.39
N MET B 589 -13.04 9.13 -49.07
CA MET B 589 -12.58 10.51 -49.19
C MET B 589 -13.58 11.36 -49.97
N ALA B 590 -14.26 10.75 -50.92
CA ALA B 590 -15.27 11.45 -51.70
C ALA B 590 -16.40 11.86 -50.77
N CYS B 591 -16.83 10.92 -49.93
CA CYS B 591 -17.91 11.19 -48.99
C CYS B 591 -17.52 12.25 -47.95
N ASP B 592 -16.30 12.18 -47.44
CA ASP B 592 -15.83 13.13 -46.43
C ASP B 592 -15.72 14.54 -47.02
N THR B 593 -15.15 14.62 -48.21
CA THR B 593 -15.01 15.89 -48.90
C THR B 593 -16.40 16.48 -49.14
N PHE B 594 -17.30 15.60 -49.58
CA PHE B 594 -18.67 16.00 -49.85
C PHE B 594 -19.37 16.56 -48.62
N ILE B 595 -19.22 15.90 -47.47
CA ILE B 595 -19.88 16.39 -46.27
C ILE B 595 -19.26 17.70 -45.77
N LYS B 596 -17.94 17.84 -45.93
CA LYS B 596 -17.29 19.10 -45.55
C LYS B 596 -17.87 20.24 -46.38
N ILE B 597 -17.90 20.05 -47.70
CA ILE B 597 -18.41 21.06 -48.61
C ILE B 597 -19.89 21.38 -48.32
N ALA B 598 -20.66 20.33 -48.05
CA ALA B 598 -22.08 20.49 -47.76
C ALA B 598 -22.28 21.32 -46.50
N LYS B 599 -21.51 21.00 -45.46
CA LYS B 599 -21.57 21.73 -44.21
C LYS B 599 -21.25 23.20 -44.43
N GLN B 600 -20.19 23.47 -45.17
CA GLN B 600 -19.75 24.85 -45.39
C GLN B 600 -20.61 25.66 -46.35
N CYS B 601 -21.03 25.04 -47.44
CA CYS B 601 -21.68 25.76 -48.54
C CYS B 601 -23.16 25.39 -48.68
N ARG B 602 -23.83 25.16 -47.56
CA ARG B 602 -25.20 24.65 -47.55
C ARG B 602 -26.22 25.50 -48.30
N ARG B 603 -26.12 26.82 -48.17
CA ARG B 603 -27.12 27.74 -48.70
C ARG B 603 -27.31 27.69 -50.22
N HIS B 604 -26.23 27.37 -50.92
CA HIS B 604 -26.24 27.41 -52.38
C HIS B 604 -27.13 26.35 -53.04
N PHE B 605 -27.22 25.18 -52.42
CA PHE B 605 -27.97 24.06 -53.00
C PHE B 605 -29.47 24.32 -53.08
N VAL B 606 -30.03 24.93 -52.05
CA VAL B 606 -31.47 25.22 -52.01
C VAL B 606 -31.90 26.40 -52.89
N ALA B 607 -31.06 27.42 -52.98
CA ALA B 607 -31.42 28.65 -53.69
C ALA B 607 -31.55 28.40 -55.20
N LEU B 608 -32.32 29.26 -55.87
CA LEU B 608 -32.49 29.14 -57.30
C LEU B 608 -31.34 29.80 -58.05
N GLN B 609 -30.61 29.00 -58.82
CA GLN B 609 -29.50 29.50 -59.60
C GLN B 609 -29.99 29.91 -60.98
N PRO B 610 -29.42 31.00 -61.52
CA PRO B 610 -29.82 31.52 -62.84
C PRO B 610 -29.62 30.48 -63.94
N SER B 611 -28.51 29.75 -63.85
CA SER B 611 -28.21 28.67 -64.78
C SER B 611 -29.25 27.56 -64.67
N GLU B 612 -29.49 27.10 -63.46
CA GLU B 612 -30.32 25.92 -63.25
C GLU B 612 -31.82 26.20 -63.12
N ASN B 613 -32.61 25.24 -63.58
CA ASN B 613 -34.06 25.30 -63.46
C ASN B 613 -34.53 25.09 -62.02
N GLU B 614 -33.91 24.15 -61.33
CA GLU B 614 -34.34 23.75 -59.99
C GLU B 614 -33.18 23.75 -59.01
N PRO B 615 -33.49 23.80 -57.70
CA PRO B 615 -32.45 23.61 -56.67
C PRO B 615 -31.77 22.25 -56.85
N PHE B 616 -30.46 22.23 -56.70
CA PHE B 616 -29.64 21.05 -56.99
C PHE B 616 -30.02 19.85 -56.10
N ILE B 617 -30.46 20.19 -54.90
CA ILE B 617 -30.81 19.19 -53.90
C ILE B 617 -31.85 18.19 -54.40
N GLU B 618 -32.86 18.69 -55.11
CA GLU B 618 -33.91 17.82 -55.67
C GLU B 618 -33.34 16.80 -56.65
N GLU B 619 -32.43 17.25 -57.50
CA GLU B 619 -31.78 16.37 -58.47
C GLU B 619 -31.00 15.29 -57.73
N ILE B 620 -30.30 15.71 -56.68
CA ILE B 620 -29.53 14.75 -55.89
C ILE B 620 -30.47 13.69 -55.32
N ILE B 621 -31.63 14.15 -54.83
CA ILE B 621 -32.65 13.28 -54.27
C ILE B 621 -33.14 12.27 -55.31
N ARG B 622 -33.32 12.73 -56.55
CA ARG B 622 -33.80 11.85 -57.61
C ARG B 622 -32.76 10.78 -57.99
N ASN B 623 -31.49 11.15 -58.02
CA ASN B 623 -30.45 10.19 -58.44
C ASN B 623 -29.71 9.50 -57.28
N ILE B 624 -30.26 9.64 -56.07
CA ILE B 624 -29.60 9.15 -54.86
C ILE B 624 -29.30 7.64 -54.85
N GLY B 625 -30.21 6.82 -55.36
CA GLY B 625 -30.01 5.38 -55.35
C GLY B 625 -28.88 4.98 -56.27
N LYS B 626 -28.90 5.56 -57.46
CA LYS B 626 -27.90 5.29 -58.48
C LYS B 626 -26.53 5.68 -57.93
N ILE B 627 -26.48 6.83 -57.26
CA ILE B 627 -25.24 7.28 -56.64
C ILE B 627 -24.79 6.28 -55.57
N THR B 628 -25.72 5.86 -54.74
CA THR B 628 -25.41 5.06 -53.55
C THR B 628 -25.34 3.55 -53.78
N CYS B 629 -25.39 3.11 -55.03
CA CYS B 629 -25.37 1.68 -55.32
C CYS B 629 -24.16 0.92 -54.75
N ASP B 630 -22.95 1.44 -54.97
CA ASP B 630 -21.72 0.77 -54.57
C ASP B 630 -21.24 1.05 -53.14
N LEU B 631 -21.88 2.00 -52.46
CA LEU B 631 -21.37 2.54 -51.20
C LEU B 631 -21.40 1.58 -50.00
N THR B 632 -20.45 1.76 -49.09
CA THR B 632 -20.44 1.09 -47.80
C THR B 632 -21.55 1.74 -46.97
N PRO B 633 -22.20 0.97 -46.09
CA PRO B 633 -23.27 1.55 -45.26
C PRO B 633 -22.85 2.79 -44.50
N GLN B 634 -21.61 2.82 -44.02
CA GLN B 634 -21.11 4.00 -43.31
C GLN B 634 -21.04 5.18 -44.26
N GLN B 635 -20.56 4.93 -45.48
CA GLN B 635 -20.49 5.95 -46.51
C GLN B 635 -21.89 6.50 -46.80
N VAL B 636 -22.87 5.59 -46.84
CA VAL B 636 -24.26 5.98 -47.05
C VAL B 636 -24.74 6.89 -45.94
N HIS B 637 -24.46 6.51 -44.70
CA HIS B 637 -24.86 7.31 -43.55
C HIS B 637 -24.28 8.71 -43.66
N THR B 638 -22.99 8.77 -43.98
CA THR B 638 -22.30 10.04 -44.15
C THR B 638 -22.98 10.88 -45.23
N PHE B 639 -23.31 10.21 -46.34
CA PHE B 639 -23.95 10.84 -47.47
C PHE B 639 -25.25 11.52 -47.02
N TYR B 640 -26.09 10.76 -46.33
CA TYR B 640 -27.35 11.28 -45.82
C TYR B 640 -27.15 12.40 -44.79
N GLU B 641 -26.05 12.36 -44.05
CA GLU B 641 -25.75 13.44 -43.11
C GLU B 641 -25.51 14.74 -43.88
N ALA B 642 -24.69 14.65 -44.93
CA ALA B 642 -24.41 15.81 -45.77
C ALA B 642 -25.71 16.36 -46.37
N CYS B 643 -26.53 15.45 -46.90
CA CYS B 643 -27.82 15.85 -47.46
C CYS B 643 -28.66 16.53 -46.38
N GLY B 644 -28.50 16.07 -45.15
CA GLY B 644 -29.19 16.67 -44.02
C GLY B 644 -28.73 18.09 -43.78
N TYR B 645 -27.43 18.32 -43.91
CA TYR B 645 -26.89 19.68 -43.81
C TYR B 645 -27.52 20.56 -44.87
N MET B 646 -27.63 20.05 -46.09
CA MET B 646 -28.24 20.82 -47.17
C MET B 646 -29.72 21.13 -46.91
N VAL B 647 -30.45 20.14 -46.40
CA VAL B 647 -31.88 20.27 -46.13
C VAL B 647 -32.14 21.24 -44.98
N SER B 648 -31.23 21.24 -44.01
CA SER B 648 -31.37 22.10 -42.84
C SER B 648 -31.34 23.58 -43.20
N ALA B 649 -30.69 23.90 -44.32
CA ALA B 649 -30.57 25.27 -44.78
C ALA B 649 -31.88 25.92 -45.19
N GLN B 650 -32.90 25.11 -45.45
CA GLN B 650 -34.16 25.63 -45.98
C GLN B 650 -34.95 26.41 -44.93
N GLY B 651 -35.30 27.64 -45.28
CA GLY B 651 -36.07 28.51 -44.40
C GLY B 651 -37.55 28.21 -44.40
N ASN B 652 -38.08 27.74 -45.52
CA ASN B 652 -39.50 27.44 -45.63
C ASN B 652 -39.80 26.11 -44.95
N ARG B 653 -40.57 26.18 -43.86
CA ARG B 653 -40.86 25.00 -43.05
C ARG B 653 -41.53 23.88 -43.83
N ASN B 654 -42.58 24.23 -44.57
CA ASN B 654 -43.32 23.24 -45.35
C ASN B 654 -42.45 22.63 -46.44
N GLN B 655 -41.67 23.49 -47.10
CA GLN B 655 -40.75 23.05 -48.14
C GLN B 655 -39.70 22.12 -47.52
N GLN B 656 -39.26 22.47 -46.32
CA GLN B 656 -38.29 21.65 -45.59
C GLN B 656 -38.87 20.28 -45.26
N GLU B 657 -40.14 20.26 -44.89
CA GLU B 657 -40.82 19.02 -44.55
C GLU B 657 -40.92 18.12 -45.79
N ARG B 658 -41.29 18.71 -46.92
CA ARG B 658 -41.39 17.96 -48.17
C ARG B 658 -40.02 17.38 -48.51
N LEU B 659 -39.00 18.21 -48.42
CA LEU B 659 -37.64 17.80 -48.76
C LEU B 659 -37.18 16.67 -47.84
N LEU B 660 -37.53 16.75 -46.57
CA LEU B 660 -37.22 15.72 -45.60
C LEU B 660 -37.89 14.40 -46.00
N ALA B 661 -39.14 14.49 -46.43
CA ALA B 661 -39.88 13.32 -46.87
C ALA B 661 -39.20 12.65 -48.06
N GLU B 662 -38.93 13.44 -49.10
CA GLU B 662 -38.36 12.91 -50.33
C GLU B 662 -36.95 12.38 -50.12
N LEU B 663 -36.24 13.00 -49.19
CA LEU B 663 -34.90 12.56 -48.82
C LEU B 663 -34.97 11.21 -48.14
N MET B 664 -35.88 11.10 -47.19
CA MET B 664 -36.01 9.88 -46.40
C MET B 664 -36.87 8.84 -47.11
N ALA B 665 -37.19 9.10 -48.38
CA ALA B 665 -38.04 8.20 -49.15
C ALA B 665 -37.53 6.76 -49.16
N ILE B 666 -36.25 6.58 -49.44
CA ILE B 666 -35.66 5.24 -49.47
C ILE B 666 -35.60 4.53 -48.10
N PRO B 667 -35.05 5.19 -47.06
CA PRO B 667 -35.00 4.51 -45.75
C PRO B 667 -36.38 4.22 -45.19
N ASN B 668 -37.34 5.12 -45.40
CA ASN B 668 -38.70 4.91 -44.90
C ASN B 668 -39.35 3.71 -45.56
N ALA B 669 -39.15 3.56 -46.87
CA ALA B 669 -39.74 2.46 -47.61
C ALA B 669 -39.19 1.14 -47.10
N ALA B 670 -37.87 1.08 -46.95
CA ALA B 670 -37.20 -0.11 -46.43
C ALA B 670 -37.73 -0.42 -45.05
N TRP B 671 -37.92 0.62 -44.25
CA TRP B 671 -38.43 0.48 -42.89
C TRP B 671 -39.80 -0.16 -42.89
N ASP B 672 -40.69 0.34 -43.73
CA ASP B 672 -42.05 -0.17 -43.81
C ASP B 672 -42.09 -1.61 -44.29
N GLU B 673 -41.27 -1.94 -45.28
CA GLU B 673 -41.18 -3.30 -45.79
C GLU B 673 -40.83 -4.26 -44.68
N ILE B 674 -39.83 -3.90 -43.89
CA ILE B 674 -39.40 -4.71 -42.76
C ILE B 674 -40.52 -4.79 -41.70
N ILE B 675 -41.20 -3.68 -41.48
CA ILE B 675 -42.29 -3.64 -40.50
C ILE B 675 -43.39 -4.63 -40.88
N LYS B 676 -43.73 -4.66 -42.15
CA LYS B 676 -44.75 -5.57 -42.65
C LYS B 676 -44.33 -7.02 -42.41
N ALA B 677 -43.10 -7.34 -42.77
CA ALA B 677 -42.59 -8.69 -42.66
C ALA B 677 -42.48 -9.17 -41.21
N ALA B 678 -41.91 -8.33 -40.35
CA ALA B 678 -41.72 -8.69 -38.95
C ALA B 678 -43.07 -8.82 -38.25
N THR B 679 -44.04 -8.06 -38.71
CA THR B 679 -45.39 -8.12 -38.17
C THR B 679 -45.97 -9.50 -38.43
N MET B 680 -45.68 -10.03 -39.60
CA MET B 680 -46.14 -11.37 -39.97
C MET B 680 -45.50 -12.46 -39.11
N ASN B 681 -44.18 -12.38 -38.94
CA ASN B 681 -43.49 -13.21 -37.95
C ASN B 681 -42.21 -12.51 -37.50
N PRO B 682 -41.99 -12.46 -36.19
CA PRO B 682 -40.84 -11.75 -35.61
C PRO B 682 -39.62 -12.65 -35.50
N GLY B 683 -39.72 -13.87 -36.01
CA GLY B 683 -38.58 -14.78 -36.03
C GLY B 683 -37.51 -14.25 -36.93
N ILE B 684 -37.94 -13.55 -37.98
CA ILE B 684 -37.03 -12.96 -38.96
C ILE B 684 -36.11 -11.91 -38.35
N LEU B 685 -36.55 -11.31 -37.25
CA LEU B 685 -35.78 -10.27 -36.59
C LEU B 685 -34.41 -10.77 -36.10
N HIS B 686 -34.38 -12.00 -35.60
CA HIS B 686 -33.11 -12.54 -35.10
C HIS B 686 -32.29 -13.23 -36.19
N GLU B 687 -32.02 -12.49 -37.25
CA GLU B 687 -31.17 -12.97 -38.33
C GLU B 687 -30.23 -11.85 -38.75
N PRO B 688 -28.95 -12.17 -38.92
CA PRO B 688 -27.86 -11.21 -39.16
C PRO B 688 -28.20 -10.20 -40.25
N ASP B 689 -28.80 -10.68 -41.33
CA ASP B 689 -29.16 -9.83 -42.45
C ASP B 689 -30.14 -8.75 -42.00
N THR B 690 -31.24 -9.18 -41.40
CA THR B 690 -32.31 -8.28 -40.98
C THR B 690 -31.78 -7.27 -39.98
N ILE B 691 -31.01 -7.76 -39.03
CA ILE B 691 -30.39 -6.92 -38.01
C ILE B 691 -29.53 -5.84 -38.63
N LYS B 692 -28.66 -6.23 -39.55
CA LYS B 692 -27.79 -5.28 -40.22
C LYS B 692 -28.58 -4.24 -41.02
N ILE B 693 -29.66 -4.69 -41.67
CA ILE B 693 -30.49 -3.78 -42.46
C ILE B 693 -31.12 -2.72 -41.55
N ILE B 694 -31.79 -3.18 -40.48
CA ILE B 694 -32.43 -2.28 -39.53
C ILE B 694 -31.43 -1.31 -38.93
N GLY B 695 -30.26 -1.82 -38.56
CA GLY B 695 -29.21 -1.00 -37.99
C GLY B 695 -28.80 0.07 -38.96
N ASN B 696 -28.68 -0.30 -40.24
CA ASN B 696 -28.31 0.65 -41.27
C ASN B 696 -29.36 1.75 -41.41
N ILE B 697 -30.64 1.37 -41.40
CA ILE B 697 -31.72 2.36 -41.49
C ILE B 697 -31.67 3.33 -40.32
N MET B 698 -31.49 2.76 -39.13
CA MET B 698 -31.41 3.56 -37.91
C MET B 698 -30.27 4.56 -37.97
N LYS B 699 -29.08 4.07 -38.31
CA LYS B 699 -27.91 4.91 -38.39
C LYS B 699 -28.07 5.99 -39.46
N THR B 700 -28.77 5.64 -40.54
CA THR B 700 -29.07 6.61 -41.58
C THR B 700 -29.90 7.74 -41.00
N ASN B 701 -30.94 7.37 -40.27
CA ASN B 701 -31.81 8.35 -39.60
C ASN B 701 -31.05 9.22 -38.61
N VAL B 702 -30.11 8.61 -37.90
CA VAL B 702 -29.29 9.31 -36.91
C VAL B 702 -28.42 10.35 -37.60
N SER B 703 -27.76 9.91 -38.66
CA SER B 703 -26.90 10.78 -39.44
C SER B 703 -27.68 11.98 -39.95
N ALA B 704 -28.83 11.71 -40.56
CA ALA B 704 -29.67 12.78 -41.09
C ALA B 704 -30.11 13.75 -40.01
N CYS B 705 -30.58 13.23 -38.89
CA CYS B 705 -31.09 14.06 -37.80
C CYS B 705 -30.00 14.93 -37.17
N SER B 706 -28.79 14.40 -37.10
CA SER B 706 -27.67 15.13 -36.51
C SER B 706 -27.44 16.43 -37.25
N SER B 707 -27.56 16.38 -38.58
CA SER B 707 -27.41 17.56 -39.41
C SER B 707 -28.68 18.43 -39.46
N ILE B 708 -29.83 17.79 -39.52
CA ILE B 708 -31.10 18.51 -39.66
C ILE B 708 -31.54 19.19 -38.36
N GLY B 709 -31.48 18.47 -37.25
CA GLY B 709 -31.78 19.05 -35.96
C GLY B 709 -33.25 19.16 -35.61
N PRO B 710 -33.63 20.27 -34.96
CA PRO B 710 -34.94 20.51 -34.34
C PRO B 710 -36.14 20.18 -35.23
N TYR B 711 -36.02 20.38 -36.54
CA TYR B 711 -37.14 20.17 -37.44
C TYR B 711 -37.12 18.78 -38.07
N PHE B 712 -36.52 17.83 -37.37
CA PHE B 712 -36.45 16.46 -37.85
C PHE B 712 -37.66 15.68 -37.34
N PHE B 713 -38.41 16.29 -36.44
CA PHE B 713 -39.53 15.63 -35.76
C PHE B 713 -40.60 14.94 -36.63
N PRO B 714 -40.88 15.47 -37.84
CA PRO B 714 -41.88 14.74 -38.63
C PRO B 714 -41.41 13.35 -39.02
N GLN B 715 -40.12 13.23 -39.34
CA GLN B 715 -39.56 11.95 -39.74
C GLN B 715 -39.63 10.97 -38.58
N ILE B 716 -39.24 11.42 -37.40
CA ILE B 716 -39.21 10.59 -36.21
C ILE B 716 -40.65 10.21 -35.81
N GLY B 717 -41.59 11.11 -36.06
CA GLY B 717 -42.98 10.89 -35.70
C GLY B 717 -43.57 9.71 -36.45
N ARG B 718 -43.22 9.60 -37.73
CA ARG B 718 -43.67 8.49 -38.55
C ARG B 718 -43.19 7.15 -38.00
N LEU B 719 -41.90 7.09 -37.69
CA LEU B 719 -41.26 5.86 -37.23
C LEU B 719 -41.56 5.52 -35.77
N TYR B 720 -41.87 6.54 -34.96
CA TYR B 720 -41.90 6.42 -33.51
C TYR B 720 -42.73 5.27 -32.97
N ASN B 721 -43.93 5.10 -33.50
CA ASN B 721 -44.84 4.07 -33.02
C ASN B 721 -44.28 2.68 -33.28
N ASP B 722 -43.83 2.45 -34.51
CA ASP B 722 -43.35 1.14 -34.92
C ASP B 722 -42.08 0.77 -34.16
N MET B 723 -41.30 1.78 -33.80
CA MET B 723 -40.08 1.56 -33.03
C MET B 723 -40.40 0.97 -31.66
N LEU B 724 -41.39 1.54 -31.00
CA LEU B 724 -41.79 1.08 -29.67
C LEU B 724 -42.32 -0.36 -29.74
N GLN B 725 -43.14 -0.63 -30.74
CA GLN B 725 -43.73 -1.95 -30.90
C GLN B 725 -42.65 -2.97 -31.21
N MET B 726 -41.68 -2.53 -32.00
CA MET B 726 -40.53 -3.36 -32.35
C MET B 726 -39.64 -3.60 -31.13
N TYR B 727 -39.46 -2.56 -30.32
CA TYR B 727 -38.64 -2.66 -29.13
C TYR B 727 -39.23 -3.70 -28.20
N ALA B 728 -40.55 -3.68 -28.08
CA ALA B 728 -41.27 -4.64 -27.25
C ALA B 728 -41.11 -6.06 -27.80
N ALA B 729 -41.07 -6.17 -29.12
CA ALA B 729 -40.95 -7.46 -29.78
C ALA B 729 -39.62 -8.13 -29.45
N THR B 730 -38.52 -7.42 -29.73
CA THR B 730 -37.19 -7.94 -29.47
C THR B 730 -37.05 -8.37 -28.02
N SER B 731 -37.54 -7.51 -27.12
CA SER B 731 -37.50 -7.79 -25.69
C SER B 731 -38.18 -9.12 -25.36
N GLN B 732 -39.36 -9.34 -25.91
CA GLN B 732 -40.08 -10.58 -25.67
C GLN B 732 -39.35 -11.78 -26.28
N LEU B 733 -38.74 -11.58 -27.45
CA LEU B 733 -38.01 -12.64 -28.11
C LEU B 733 -36.80 -13.08 -27.26
N ILE B 734 -36.20 -12.12 -26.56
CA ILE B 734 -35.11 -12.42 -25.66
C ILE B 734 -35.63 -13.22 -24.47
N SER B 735 -36.74 -12.74 -23.92
CA SER B 735 -37.36 -13.37 -22.75
C SER B 735 -37.76 -14.81 -23.02
N GLU B 736 -38.15 -15.08 -24.26
CA GLU B 736 -38.51 -16.43 -24.68
C GLU B 736 -37.27 -17.27 -24.91
N ALA B 737 -36.26 -16.66 -25.52
CA ALA B 737 -35.01 -17.35 -25.83
C ALA B 737 -34.30 -17.77 -24.56
N VAL B 738 -34.26 -16.89 -23.58
CA VAL B 738 -33.61 -17.17 -22.30
C VAL B 738 -34.28 -18.34 -21.58
N ALA B 739 -35.60 -18.28 -21.47
CA ALA B 739 -36.37 -19.31 -20.76
C ALA B 739 -36.11 -20.69 -21.35
N ARG B 740 -35.94 -20.75 -22.67
CA ARG B 740 -35.71 -22.00 -23.36
C ARG B 740 -34.31 -22.56 -23.10
N ASP B 741 -33.29 -21.70 -23.19
CA ASP B 741 -31.91 -22.18 -23.08
C ASP B 741 -31.11 -21.61 -21.91
N GLY B 742 -31.77 -20.95 -20.96
CA GLY B 742 -31.06 -20.40 -19.81
C GLY B 742 -30.30 -19.13 -20.16
N GLU B 743 -29.49 -18.65 -19.22
CA GLU B 743 -28.76 -17.40 -19.39
C GLU B 743 -27.63 -17.47 -20.41
N ILE B 744 -27.20 -18.69 -20.75
CA ILE B 744 -26.11 -18.87 -21.69
C ILE B 744 -26.47 -18.25 -23.03
N ALA B 745 -27.78 -18.14 -23.28
CA ALA B 745 -28.30 -17.55 -24.50
C ALA B 745 -27.83 -16.11 -24.67
N THR B 746 -27.63 -15.41 -23.56
CA THR B 746 -27.18 -14.02 -23.62
C THR B 746 -25.80 -13.93 -24.27
N LYS B 747 -25.01 -15.00 -24.12
CA LYS B 747 -23.70 -15.07 -24.77
C LYS B 747 -23.85 -15.40 -26.26
N MET B 748 -24.91 -16.13 -26.58
CA MET B 748 -25.17 -16.58 -27.95
C MET B 748 -25.52 -15.43 -28.90
N PRO B 749 -25.21 -15.59 -30.20
CA PRO B 749 -25.31 -14.54 -31.23
C PRO B 749 -26.69 -13.91 -31.46
N LYS B 750 -27.76 -14.72 -31.44
CA LYS B 750 -29.10 -14.23 -31.74
C LYS B 750 -29.51 -13.10 -30.79
N VAL B 751 -29.46 -13.41 -29.49
CA VAL B 751 -29.82 -12.46 -28.46
C VAL B 751 -28.96 -11.22 -28.56
N ARG B 752 -27.67 -11.42 -28.84
CA ARG B 752 -26.75 -10.31 -29.01
C ARG B 752 -27.22 -9.41 -30.15
N GLY B 753 -27.78 -10.01 -31.20
CA GLY B 753 -28.31 -9.26 -32.31
C GLY B 753 -29.51 -8.43 -31.91
N LEU B 754 -30.42 -9.05 -31.17
CA LEU B 754 -31.61 -8.35 -30.69
C LEU B 754 -31.20 -7.13 -29.85
N ARG B 755 -30.21 -7.35 -28.97
CA ARG B 755 -29.69 -6.28 -28.13
C ARG B 755 -29.10 -5.17 -29.01
N THR B 756 -28.40 -5.56 -30.07
CA THR B 756 -27.81 -4.59 -31.01
C THR B 756 -28.90 -3.68 -31.58
N ILE B 757 -29.98 -4.30 -32.02
CA ILE B 757 -31.13 -3.57 -32.55
C ILE B 757 -31.64 -2.54 -31.53
N LYS B 758 -31.92 -3.03 -30.33
CA LYS B 758 -32.44 -2.19 -29.26
C LYS B 758 -31.52 -0.98 -29.02
N LYS B 759 -30.22 -1.25 -28.99
CA LYS B 759 -29.22 -0.20 -28.77
C LYS B 759 -29.28 0.85 -29.86
N GLU B 760 -29.40 0.40 -31.12
CA GLU B 760 -29.45 1.35 -32.24
C GLU B 760 -30.68 2.26 -32.13
N ILE B 761 -31.84 1.65 -31.85
CA ILE B 761 -33.07 2.41 -31.67
C ILE B 761 -32.88 3.48 -30.60
N LEU B 762 -32.37 3.03 -29.46
CA LEU B 762 -32.15 3.93 -28.33
C LEU B 762 -31.26 5.09 -28.72
N LYS B 763 -30.16 4.80 -29.43
CA LYS B 763 -29.25 5.87 -29.83
C LYS B 763 -29.96 6.88 -30.74
N LEU B 764 -30.83 6.38 -31.63
CA LEU B 764 -31.60 7.30 -32.47
C LEU B 764 -32.47 8.25 -31.64
N VAL B 765 -33.27 7.68 -30.74
CA VAL B 765 -34.15 8.55 -29.94
C VAL B 765 -33.31 9.53 -29.10
N GLU B 766 -32.17 9.06 -28.60
CA GLU B 766 -31.26 9.91 -27.85
C GLU B 766 -30.86 11.11 -28.70
N THR B 767 -30.43 10.84 -29.93
CA THR B 767 -30.01 11.90 -30.85
C THR B 767 -31.12 12.93 -31.06
N PHE B 768 -32.32 12.46 -31.37
CA PHE B 768 -33.42 13.39 -31.62
C PHE B 768 -33.72 14.23 -30.39
N VAL B 769 -33.65 13.61 -29.21
CA VAL B 769 -33.88 14.33 -27.97
C VAL B 769 -32.79 15.40 -27.77
N GLU B 770 -31.57 15.07 -28.17
CA GLU B 770 -30.47 16.02 -28.11
C GLU B 770 -30.80 17.27 -28.93
N LYS B 771 -31.28 17.05 -30.14
CA LYS B 771 -31.54 18.18 -31.05
C LYS B 771 -32.81 19.00 -30.75
N ALA B 772 -33.75 18.41 -30.02
CA ALA B 772 -35.07 19.00 -29.83
C ALA B 772 -35.06 20.41 -29.23
N GLU B 773 -36.01 21.24 -29.67
CA GLU B 773 -36.18 22.59 -29.11
C GLU B 773 -37.49 22.74 -28.32
N ASP B 774 -38.58 22.18 -28.85
CA ASP B 774 -39.88 22.24 -28.20
C ASP B 774 -39.97 21.12 -27.17
N LEU B 775 -39.40 21.38 -25.98
CA LEU B 775 -39.28 20.36 -24.95
C LEU B 775 -40.60 19.82 -24.43
N GLN B 776 -41.58 20.71 -24.22
CA GLN B 776 -42.86 20.31 -23.66
C GLN B 776 -43.57 19.32 -24.58
N ALA B 777 -43.53 19.62 -25.88
CA ALA B 777 -44.15 18.76 -26.88
C ALA B 777 -43.47 17.40 -26.93
N VAL B 778 -42.14 17.41 -26.88
CA VAL B 778 -41.36 16.18 -26.87
C VAL B 778 -41.75 15.33 -25.67
N ARG B 779 -41.91 15.96 -24.52
CA ARG B 779 -42.32 15.26 -23.30
C ARG B 779 -43.68 14.61 -23.49
N SER B 780 -44.67 15.43 -23.84
CA SER B 780 -46.06 15.00 -23.91
C SER B 780 -46.26 13.91 -24.94
N GLN B 781 -45.68 14.08 -26.12
CA GLN B 781 -45.89 13.13 -27.21
C GLN B 781 -45.02 11.89 -27.08
N MET B 782 -43.74 12.09 -26.82
CA MET B 782 -42.78 11.00 -26.85
C MET B 782 -42.53 10.29 -25.52
N ILE B 783 -42.28 11.06 -24.45
CA ILE B 783 -41.72 10.49 -23.22
C ILE B 783 -42.47 9.35 -22.51
N PRO B 784 -43.76 9.53 -22.19
CA PRO B 784 -44.43 8.51 -21.37
C PRO B 784 -44.44 7.12 -22.01
N GLY B 785 -44.66 7.06 -23.32
CA GLY B 785 -44.65 5.80 -24.03
C GLY B 785 -43.27 5.16 -24.02
N LEU B 786 -42.25 6.00 -24.15
CA LEU B 786 -40.86 5.54 -24.19
C LEU B 786 -40.45 4.85 -22.89
N LEU B 787 -40.71 5.49 -21.76
CA LEU B 787 -40.36 4.94 -20.46
C LEU B 787 -41.12 3.64 -20.20
N ASP B 788 -42.37 3.60 -20.66
CA ASP B 788 -43.22 2.43 -20.52
C ASP B 788 -42.58 1.22 -21.19
N SER B 789 -41.92 1.48 -22.32
CA SER B 789 -41.31 0.41 -23.11
C SER B 789 -40.04 -0.14 -22.49
N VAL B 790 -39.21 0.75 -21.94
CA VAL B 790 -37.87 0.38 -21.50
C VAL B 790 -37.76 -0.05 -20.03
N LEU B 791 -38.48 0.62 -19.15
CA LEU B 791 -38.28 0.49 -17.71
C LEU B 791 -38.58 -0.90 -17.15
N VAL B 792 -39.84 -1.32 -17.27
CA VAL B 792 -40.29 -2.60 -16.72
C VAL B 792 -39.47 -3.74 -17.31
N ASP B 793 -39.15 -3.63 -18.59
CA ASP B 793 -38.33 -4.61 -19.29
C ASP B 793 -36.95 -4.75 -18.65
N TYR B 794 -36.29 -3.62 -18.46
CA TYR B 794 -34.96 -3.58 -17.85
C TYR B 794 -34.97 -4.26 -16.49
N ASN B 795 -36.03 -4.01 -15.72
CA ASN B 795 -36.21 -4.64 -14.42
C ASN B 795 -36.37 -6.16 -14.53
N ARG B 796 -37.33 -6.59 -15.36
CA ARG B 796 -37.67 -8.01 -15.48
C ARG B 796 -36.53 -8.85 -16.05
N ASN B 797 -35.76 -8.25 -16.95
CA ASN B 797 -34.66 -8.96 -17.60
C ASN B 797 -33.57 -9.41 -16.63
N VAL B 798 -32.88 -10.48 -17.01
CA VAL B 798 -31.73 -10.96 -16.25
C VAL B 798 -30.54 -10.05 -16.58
N PRO B 799 -29.50 -10.05 -15.74
CA PRO B 799 -28.35 -9.15 -15.93
C PRO B 799 -27.71 -9.25 -17.31
N GLY B 800 -27.62 -10.46 -17.87
CA GLY B 800 -27.05 -10.65 -19.18
C GLY B 800 -27.81 -9.93 -20.26
N ALA B 801 -29.14 -9.92 -20.14
CA ALA B 801 -30.01 -9.28 -21.13
C ALA B 801 -29.99 -7.75 -21.05
N ARG B 802 -29.87 -7.23 -19.84
CA ARG B 802 -29.96 -5.79 -19.58
C ARG B 802 -28.93 -4.96 -20.35
N ASP B 803 -29.35 -3.78 -20.82
CA ASP B 803 -28.50 -2.94 -21.64
C ASP B 803 -28.20 -1.61 -20.96
N ALA B 804 -26.93 -1.23 -20.97
CA ALA B 804 -26.48 0.02 -20.37
C ALA B 804 -26.92 1.23 -21.18
N GLU B 805 -27.11 1.02 -22.48
CA GLU B 805 -27.49 2.09 -23.38
C GLU B 805 -28.82 2.71 -22.94
N VAL B 806 -29.62 1.91 -22.25
CA VAL B 806 -30.86 2.40 -21.63
C VAL B 806 -30.51 3.49 -20.62
N LEU B 807 -29.54 3.20 -19.76
CA LEU B 807 -29.10 4.14 -18.75
C LEU B 807 -28.56 5.40 -19.42
N LYS B 808 -27.82 5.20 -20.51
CA LYS B 808 -27.29 6.34 -21.27
C LYS B 808 -28.43 7.22 -21.75
N ALA B 809 -29.48 6.56 -22.26
CA ALA B 809 -30.63 7.27 -22.80
C ALA B 809 -31.34 8.07 -21.72
N MET B 810 -31.51 7.45 -20.56
CA MET B 810 -32.17 8.12 -19.44
C MET B 810 -31.37 9.35 -19.07
N THR B 811 -30.05 9.17 -18.98
CA THR B 811 -29.14 10.27 -18.66
C THR B 811 -29.34 11.42 -19.63
N VAL B 812 -29.34 11.10 -20.92
CA VAL B 812 -29.44 12.12 -21.96
C VAL B 812 -30.78 12.85 -21.92
N ILE B 813 -31.88 12.10 -21.85
CA ILE B 813 -33.20 12.71 -21.89
C ILE B 813 -33.49 13.56 -20.65
N ILE B 814 -33.01 13.11 -19.49
CA ILE B 814 -33.17 13.88 -18.27
C ILE B 814 -32.32 15.13 -18.35
N THR B 815 -31.11 14.98 -18.90
CA THR B 815 -30.18 16.11 -19.06
C THR B 815 -30.80 17.19 -19.92
N ARG B 816 -31.36 16.79 -21.06
CA ARG B 816 -31.96 17.72 -21.99
C ARG B 816 -33.23 18.37 -21.44
N LEU B 817 -34.16 17.55 -20.97
CA LEU B 817 -35.45 18.05 -20.51
C LEU B 817 -35.36 18.84 -19.20
N GLN B 818 -34.39 18.48 -18.37
CA GLN B 818 -34.18 19.15 -17.07
C GLN B 818 -35.41 19.11 -16.16
N GLY B 819 -35.89 20.29 -15.77
CA GLY B 819 -36.91 20.40 -14.75
C GLY B 819 -38.34 20.01 -15.11
N LEU B 820 -38.50 19.07 -16.05
CA LEU B 820 -39.82 18.59 -16.40
C LEU B 820 -39.98 17.08 -16.17
N MET B 821 -38.86 16.39 -15.97
CA MET B 821 -38.87 14.95 -15.74
C MET B 821 -39.10 14.57 -14.28
N GLU B 822 -39.15 15.59 -13.41
CA GLU B 822 -39.21 15.36 -11.96
C GLU B 822 -40.35 14.45 -11.53
N ASP B 823 -41.49 14.56 -12.20
CA ASP B 823 -42.64 13.71 -11.91
C ASP B 823 -42.39 12.26 -12.28
N GLN B 824 -41.71 12.05 -13.40
CA GLN B 824 -41.46 10.70 -13.89
C GLN B 824 -40.24 10.06 -13.24
N VAL B 825 -39.38 10.88 -12.62
CA VAL B 825 -38.18 10.38 -11.97
C VAL B 825 -38.41 9.26 -10.93
N PRO B 826 -39.42 9.43 -10.04
CA PRO B 826 -39.69 8.34 -9.08
C PRO B 826 -40.02 7.02 -9.77
N ALA B 827 -40.77 7.07 -10.86
CA ALA B 827 -41.15 5.88 -11.60
C ALA B 827 -39.92 5.10 -12.06
N ILE B 828 -38.91 5.83 -12.53
CA ILE B 828 -37.67 5.24 -13.03
C ILE B 828 -36.91 4.50 -11.94
N MET B 829 -36.73 5.17 -10.80
CA MET B 829 -35.95 4.64 -9.69
C MET B 829 -36.54 3.33 -9.16
N GLU B 830 -37.87 3.25 -9.18
CA GLU B 830 -38.58 2.07 -8.71
C GLU B 830 -38.17 0.81 -9.48
N ASN B 831 -38.00 0.96 -10.79
CA ASN B 831 -37.72 -0.17 -11.66
C ASN B 831 -36.24 -0.45 -11.93
N VAL B 832 -35.38 0.55 -11.72
CA VAL B 832 -33.97 0.44 -12.11
C VAL B 832 -33.01 0.34 -10.93
N PHE B 833 -33.22 1.17 -9.92
CA PHE B 833 -32.28 1.35 -8.82
C PHE B 833 -31.91 0.08 -8.06
N GLU B 834 -32.93 -0.63 -7.60
CA GLU B 834 -32.74 -1.78 -6.72
C GLU B 834 -32.00 -2.93 -7.39
N CYS B 835 -32.31 -3.18 -8.66
CA CYS B 835 -31.69 -4.27 -9.40
C CYS B 835 -30.26 -3.99 -9.86
N THR B 836 -30.03 -2.77 -10.33
CA THR B 836 -28.75 -2.41 -10.95
C THR B 836 -27.56 -2.56 -10.02
N LEU B 837 -27.71 -2.14 -8.77
CA LEU B 837 -26.64 -2.22 -7.79
C LEU B 837 -26.11 -3.65 -7.64
N ASP B 838 -27.02 -4.61 -7.62
CA ASP B 838 -26.67 -6.01 -7.46
C ASP B 838 -25.75 -6.48 -8.59
N MET B 839 -25.77 -5.74 -9.70
CA MET B 839 -24.89 -6.01 -10.83
C MET B 839 -23.51 -5.37 -10.62
N ILE B 840 -23.44 -4.42 -9.70
CA ILE B 840 -22.23 -3.63 -9.49
C ILE B 840 -21.26 -4.14 -8.42
N ASN B 841 -21.80 -4.55 -7.27
CA ASN B 841 -20.98 -4.88 -6.11
C ASN B 841 -20.29 -6.24 -6.13
N LYS B 842 -21.05 -7.30 -6.34
CA LYS B 842 -20.54 -8.67 -6.29
C LYS B 842 -19.39 -8.91 -7.26
N ASP B 843 -19.55 -8.45 -8.50
CA ASP B 843 -18.48 -8.58 -9.48
C ASP B 843 -17.87 -7.20 -9.71
N PHE B 844 -16.66 -7.04 -9.16
CA PHE B 844 -15.98 -5.76 -9.11
C PHE B 844 -15.57 -5.28 -10.51
N ALA B 845 -15.10 -6.19 -11.35
CA ALA B 845 -14.62 -5.80 -12.68
C ALA B 845 -15.70 -5.96 -13.75
N GLU B 846 -16.71 -6.77 -13.46
CA GLU B 846 -17.77 -7.03 -14.44
C GLU B 846 -18.75 -5.86 -14.54
N TYR B 847 -19.43 -5.78 -15.68
CA TYR B 847 -20.44 -4.74 -15.94
C TYR B 847 -19.93 -3.30 -15.76
N PRO B 848 -18.84 -2.92 -16.45
CA PRO B 848 -18.29 -1.57 -16.24
C PRO B 848 -19.19 -0.47 -16.80
N GLU B 849 -19.73 -0.71 -18.00
CA GLU B 849 -20.60 0.23 -18.69
C GLU B 849 -21.80 0.58 -17.82
N HIS B 850 -22.41 -0.45 -17.25
CA HIS B 850 -23.55 -0.27 -16.37
C HIS B 850 -23.17 0.59 -15.17
N ARG B 851 -21.98 0.37 -14.63
CA ARG B 851 -21.50 1.13 -13.49
C ARG B 851 -21.35 2.62 -13.81
N VAL B 852 -20.50 2.91 -14.79
CA VAL B 852 -20.22 4.31 -15.14
C VAL B 852 -21.49 5.05 -15.58
N GLU B 853 -22.36 4.38 -16.31
CA GLU B 853 -23.59 5.02 -16.78
C GLU B 853 -24.61 5.18 -15.65
N PHE B 854 -24.54 4.28 -14.67
CA PHE B 854 -25.37 4.39 -13.48
C PHE B 854 -24.95 5.66 -12.76
N PHE B 855 -23.65 5.81 -12.57
CA PHE B 855 -23.12 7.01 -11.93
C PHE B 855 -23.52 8.27 -12.67
N ASN B 856 -23.30 8.29 -13.98
CA ASN B 856 -23.59 9.47 -14.78
C ASN B 856 -25.07 9.82 -14.72
N LEU B 857 -25.92 8.80 -14.68
CA LEU B 857 -27.36 9.03 -14.54
C LEU B 857 -27.67 9.69 -13.21
N LEU B 858 -27.10 9.15 -12.13
CA LEU B 858 -27.34 9.72 -10.81
C LEU B 858 -26.87 11.18 -10.74
N ARG B 859 -25.72 11.44 -11.36
CA ARG B 859 -25.14 12.77 -11.42
C ARG B 859 -26.08 13.73 -12.15
N ALA B 860 -26.62 13.27 -13.27
CA ALA B 860 -27.56 14.06 -14.05
C ALA B 860 -28.80 14.36 -13.24
N ILE B 861 -29.27 13.35 -12.50
CA ILE B 861 -30.44 13.50 -11.66
C ILE B 861 -30.20 14.59 -10.63
N ASN B 862 -29.11 14.47 -9.89
CA ASN B 862 -28.77 15.46 -8.87
C ASN B 862 -28.64 16.86 -9.47
N LEU B 863 -28.01 16.93 -10.63
CA LEU B 863 -27.77 18.20 -11.28
C LEU B 863 -29.04 18.91 -11.76
N TYR B 864 -29.97 18.14 -12.32
CA TYR B 864 -31.14 18.75 -12.95
C TYR B 864 -32.46 18.50 -12.24
N CYS B 865 -32.58 17.34 -11.60
CA CYS B 865 -33.82 16.95 -10.95
C CYS B 865 -33.57 16.68 -9.48
N PHE B 866 -33.13 17.72 -8.78
CA PHE B 866 -32.80 17.62 -7.36
C PHE B 866 -33.98 17.34 -6.42
N PRO B 867 -35.13 18.05 -6.57
CA PRO B 867 -36.23 17.86 -5.62
C PRO B 867 -36.81 16.44 -5.57
N ALA B 868 -36.55 15.62 -6.59
CA ALA B 868 -37.05 14.26 -6.61
C ALA B 868 -36.34 13.42 -5.54
N LEU B 869 -35.12 13.81 -5.21
CA LEU B 869 -34.31 13.10 -4.22
C LEU B 869 -34.94 13.19 -2.84
N LEU B 870 -35.68 14.27 -2.61
CA LEU B 870 -36.27 14.50 -1.30
C LEU B 870 -37.39 13.51 -0.99
N LYS B 871 -37.73 12.69 -1.98
CA LYS B 871 -38.79 11.71 -1.84
C LYS B 871 -38.16 10.36 -1.54
N LEU B 872 -36.86 10.26 -1.79
CA LEU B 872 -36.14 9.01 -1.63
C LEU B 872 -36.15 8.52 -0.18
N ASP B 873 -36.23 7.22 0.00
CA ASP B 873 -36.08 6.59 1.31
C ASP B 873 -34.61 6.61 1.72
N ASN B 874 -34.36 6.61 3.03
CA ASN B 874 -33.01 6.76 3.55
C ASN B 874 -32.03 5.68 3.10
N ARG B 875 -32.52 4.44 2.97
CA ARG B 875 -31.68 3.33 2.52
C ARG B 875 -31.16 3.60 1.11
N GLN B 876 -32.08 3.96 0.23
CA GLN B 876 -31.75 4.23 -1.17
C GLN B 876 -30.77 5.40 -1.25
N PHE B 877 -30.99 6.40 -0.41
CA PHE B 877 -30.13 7.58 -0.36
C PHE B 877 -28.70 7.18 0.02
N LYS B 878 -28.59 6.34 1.04
CA LYS B 878 -27.30 5.87 1.52
C LYS B 878 -26.62 5.12 0.39
N PHE B 879 -27.41 4.36 -0.37
CA PHE B 879 -26.88 3.65 -1.52
C PHE B 879 -26.37 4.62 -2.58
N VAL B 880 -27.09 5.73 -2.77
CA VAL B 880 -26.67 6.76 -3.73
C VAL B 880 -25.31 7.32 -3.36
N ILE B 881 -25.16 7.71 -2.10
CA ILE B 881 -23.90 8.29 -1.64
C ILE B 881 -22.77 7.27 -1.72
N ASP B 882 -23.08 6.03 -1.38
CA ASP B 882 -22.11 4.93 -1.44
C ASP B 882 -21.62 4.80 -2.88
N SER B 883 -22.57 4.92 -3.81
CA SER B 883 -22.27 4.87 -5.24
C SER B 883 -21.37 6.03 -5.65
N CYS B 884 -21.65 7.22 -5.14
CA CYS B 884 -20.83 8.40 -5.45
C CYS B 884 -19.39 8.21 -4.98
N MET B 885 -19.24 7.72 -3.75
CA MET B 885 -17.93 7.52 -3.16
C MET B 885 -17.17 6.42 -3.90
N TRP B 886 -17.88 5.39 -4.33
CA TRP B 886 -17.28 4.32 -5.10
C TRP B 886 -16.79 4.91 -6.43
N ALA B 887 -17.64 5.74 -7.02
CA ALA B 887 -17.36 6.40 -8.29
C ALA B 887 -16.10 7.25 -8.23
N SER B 888 -15.88 7.89 -7.08
CA SER B 888 -14.66 8.68 -6.90
C SER B 888 -13.46 7.76 -6.70
N LYS B 889 -13.65 6.66 -5.99
CA LYS B 889 -12.59 5.69 -5.74
C LYS B 889 -12.32 4.82 -6.97
N HIS B 890 -11.80 5.43 -8.02
CA HIS B 890 -11.49 4.71 -9.25
C HIS B 890 -10.20 5.23 -9.88
N ASP B 891 -9.56 4.40 -10.69
CA ASP B 891 -8.26 4.75 -11.28
C ASP B 891 -8.37 5.73 -12.45
N ASN B 892 -9.47 5.66 -13.18
CA ASN B 892 -9.68 6.51 -14.35
C ASN B 892 -9.88 7.96 -13.91
N ARG B 893 -9.15 8.86 -14.56
CA ARG B 893 -9.14 10.28 -14.20
C ARG B 893 -10.52 10.90 -14.36
N ASP B 894 -11.18 10.61 -15.47
CA ASP B 894 -12.47 11.22 -15.80
C ASP B 894 -13.57 10.84 -14.80
N VAL B 895 -13.71 9.55 -14.52
CA VAL B 895 -14.76 9.09 -13.60
C VAL B 895 -14.49 9.53 -12.15
N GLU B 896 -13.21 9.66 -11.79
CA GLU B 896 -12.82 10.12 -10.47
C GLU B 896 -13.21 11.59 -10.31
N THR B 897 -12.75 12.39 -11.26
CA THR B 897 -13.06 13.83 -11.30
C THR B 897 -14.57 14.03 -11.27
N ALA B 898 -15.27 13.31 -12.14
CA ALA B 898 -16.72 13.37 -12.22
C ALA B 898 -17.41 12.96 -10.93
N GLY B 899 -16.86 11.94 -10.26
CA GLY B 899 -17.43 11.43 -9.03
C GLY B 899 -17.39 12.47 -7.93
N LEU B 900 -16.19 13.01 -7.72
CA LEU B 900 -16.01 14.05 -6.71
C LEU B 900 -16.82 15.30 -7.09
N ASN B 901 -16.96 15.55 -8.38
CA ASN B 901 -17.84 16.59 -8.88
C ASN B 901 -19.28 16.36 -8.41
N MET B 902 -19.74 15.12 -8.55
CA MET B 902 -21.10 14.76 -8.17
C MET B 902 -21.30 14.97 -6.68
N CYS B 903 -20.29 14.61 -5.90
CA CYS B 903 -20.32 14.81 -4.46
C CYS B 903 -20.46 16.31 -4.15
N LEU B 904 -19.67 17.10 -4.86
CA LEU B 904 -19.65 18.55 -4.70
C LEU B 904 -21.00 19.19 -5.01
N GLU B 905 -21.54 18.86 -6.17
CA GLU B 905 -22.84 19.38 -6.61
C GLU B 905 -23.91 18.95 -5.62
N LEU B 906 -23.79 17.72 -5.13
CA LEU B 906 -24.72 17.21 -4.14
C LEU B 906 -24.75 18.09 -2.89
N ILE B 907 -23.59 18.22 -2.24
CA ILE B 907 -23.55 18.97 -0.98
C ILE B 907 -23.93 20.45 -1.17
N ASN B 908 -23.52 21.03 -2.30
CA ASN B 908 -23.89 22.41 -2.59
C ASN B 908 -25.39 22.59 -2.77
N ASN B 909 -26.01 21.68 -3.52
CA ASN B 909 -27.45 21.73 -3.75
C ASN B 909 -28.20 21.55 -2.43
N ILE B 910 -27.71 20.64 -1.59
CA ILE B 910 -28.33 20.40 -0.29
C ILE B 910 -28.19 21.63 0.59
N ALA B 911 -27.06 22.32 0.47
CA ALA B 911 -26.81 23.49 1.30
C ALA B 911 -27.70 24.66 0.90
N GLU B 912 -27.76 24.94 -0.40
CA GLU B 912 -28.42 26.13 -0.91
C GLU B 912 -29.93 25.99 -1.20
N LYS B 913 -30.39 24.76 -1.44
CA LYS B 913 -31.75 24.57 -1.95
C LYS B 913 -32.71 23.73 -1.10
N THR B 914 -32.36 23.45 0.15
CA THR B 914 -33.18 22.52 0.94
C THR B 914 -33.69 23.09 2.26
N ASP B 915 -34.76 22.48 2.77
CA ASP B 915 -35.29 22.82 4.08
C ASP B 915 -34.27 22.49 5.17
N VAL B 916 -34.27 23.29 6.23
CA VAL B 916 -33.24 23.19 7.26
C VAL B 916 -33.20 21.86 8.02
N GLN B 917 -34.37 21.33 8.38
CA GLN B 917 -34.44 20.09 9.14
C GLN B 917 -33.99 18.90 8.32
N THR B 918 -34.44 18.85 7.06
CA THR B 918 -34.09 17.76 6.15
C THR B 918 -32.60 17.75 5.85
N CYS B 919 -32.07 18.94 5.54
CA CYS B 919 -30.64 19.09 5.26
C CYS B 919 -29.84 18.67 6.48
N ASN B 920 -30.28 19.13 7.64
CA ASN B 920 -29.59 18.82 8.88
C ASN B 920 -29.64 17.33 9.21
N ALA B 921 -30.70 16.67 8.76
CA ALA B 921 -30.77 15.22 8.87
C ALA B 921 -29.70 14.61 7.97
N PHE B 922 -29.61 15.14 6.75
CA PHE B 922 -28.63 14.64 5.79
C PHE B 922 -27.21 14.72 6.34
N PHE B 923 -26.84 15.86 6.90
CA PHE B 923 -25.50 16.00 7.45
C PHE B 923 -25.34 15.18 8.73
N ASN B 924 -26.42 15.11 9.51
CA ASN B 924 -26.44 14.33 10.75
C ASN B 924 -26.09 12.87 10.48
N GLN B 925 -26.46 12.38 9.30
CA GLN B 925 -26.16 11.00 8.94
C GLN B 925 -24.84 10.87 8.21
N PHE B 926 -24.64 11.74 7.22
CA PHE B 926 -23.58 11.55 6.24
C PHE B 926 -22.31 12.38 6.35
N PHE B 927 -22.35 13.51 7.05
CA PHE B 927 -21.20 14.42 7.09
C PHE B 927 -19.91 13.70 7.48
N ILE B 928 -19.98 12.94 8.56
CA ILE B 928 -18.84 12.18 9.04
C ILE B 928 -18.35 11.15 8.01
N ARG B 929 -19.30 10.40 7.45
CA ARG B 929 -19.02 9.36 6.46
C ARG B 929 -18.24 9.94 5.29
N ILE B 930 -18.81 10.98 4.70
CA ILE B 930 -18.23 11.68 3.57
C ILE B 930 -16.84 12.20 3.90
N LEU B 931 -16.72 12.96 4.99
CA LEU B 931 -15.44 13.53 5.37
C LEU B 931 -14.37 12.46 5.52
N GLN B 932 -14.69 11.39 6.24
CA GLN B 932 -13.74 10.30 6.47
C GLN B 932 -13.28 9.71 5.14
N ASP B 933 -14.24 9.33 4.28
CA ASP B 933 -13.89 8.75 2.99
C ASP B 933 -13.03 9.67 2.12
N VAL B 934 -13.45 10.93 2.05
CA VAL B 934 -12.74 11.95 1.28
C VAL B 934 -11.31 12.04 1.77
N PHE B 935 -11.14 11.98 3.08
CA PHE B 935 -9.81 12.01 3.67
C PHE B 935 -9.02 10.76 3.31
N PHE B 936 -9.67 9.60 3.37
CA PHE B 936 -9.03 8.33 3.02
C PHE B 936 -8.45 8.40 1.62
N VAL B 937 -9.24 8.91 0.68
CA VAL B 937 -8.78 9.03 -0.71
C VAL B 937 -7.68 10.08 -0.83
N LEU B 938 -7.90 11.22 -0.18
CA LEU B 938 -6.97 12.34 -0.22
C LEU B 938 -5.60 12.00 0.34
N THR B 939 -5.59 11.24 1.43
CA THR B 939 -4.34 10.96 2.14
C THR B 939 -3.48 9.93 1.42
N ASP B 940 -4.05 9.24 0.45
CA ASP B 940 -3.27 8.24 -0.28
C ASP B 940 -2.47 8.95 -1.37
N THR B 941 -1.25 8.47 -1.59
CA THR B 941 -0.35 9.06 -2.57
C THR B 941 -0.77 8.96 -4.04
N ASP B 942 -1.37 7.85 -4.44
CA ASP B 942 -1.70 7.61 -5.84
C ASP B 942 -2.88 8.38 -6.44
N HIS B 943 -3.83 8.79 -5.60
CA HIS B 943 -5.08 9.36 -6.10
C HIS B 943 -5.09 10.88 -6.31
N LYS B 944 -3.91 11.47 -6.46
CA LYS B 944 -3.78 12.93 -6.61
C LYS B 944 -4.58 13.48 -7.77
N ALA B 945 -4.89 12.63 -8.75
CA ALA B 945 -5.65 13.06 -9.90
C ALA B 945 -6.98 13.68 -9.45
N GLY B 946 -7.59 13.10 -8.41
CA GLY B 946 -8.84 13.62 -7.91
C GLY B 946 -8.69 14.86 -7.04
N PHE B 947 -7.46 15.09 -6.59
CA PHE B 947 -7.17 16.12 -5.59
C PHE B 947 -7.81 17.47 -5.88
N LYS B 948 -7.82 17.85 -7.16
CA LYS B 948 -8.33 19.14 -7.60
C LYS B 948 -9.73 19.37 -7.03
N THR B 949 -10.57 18.35 -7.12
CA THR B 949 -11.92 18.44 -6.60
C THR B 949 -11.92 18.22 -5.09
N GLN B 950 -11.06 17.31 -4.63
CA GLN B 950 -10.98 16.94 -3.22
C GLN B 950 -10.82 18.19 -2.35
N SER B 951 -9.85 19.03 -2.70
CA SER B 951 -9.65 20.30 -2.01
C SER B 951 -10.96 21.06 -1.98
N MET B 952 -11.53 21.25 -3.16
CA MET B 952 -12.79 21.97 -3.31
C MET B 952 -13.86 21.28 -2.48
N LEU B 953 -13.81 19.95 -2.48
CA LEU B 953 -14.78 19.17 -1.73
C LEU B 953 -14.67 19.52 -0.25
N LEU B 954 -13.44 19.54 0.26
CA LEU B 954 -13.20 19.80 1.68
C LEU B 954 -13.67 21.18 2.15
N MET B 955 -13.29 22.21 1.40
CA MET B 955 -13.57 23.59 1.79
C MET B 955 -15.04 23.83 2.12
N ARG B 956 -15.93 23.33 1.25
CA ARG B 956 -17.36 23.53 1.45
C ARG B 956 -17.79 22.91 2.76
N LEU B 957 -17.25 21.74 3.07
CA LEU B 957 -17.55 21.06 4.32
C LEU B 957 -17.23 22.00 5.48
N PHE B 958 -16.06 22.64 5.40
CA PHE B 958 -15.67 23.61 6.41
C PHE B 958 -16.53 24.86 6.30
N TYR B 959 -16.86 25.23 5.06
CA TYR B 959 -17.64 26.43 4.81
C TYR B 959 -19.02 26.27 5.43
N PHE B 960 -19.53 25.04 5.37
CA PHE B 960 -20.86 24.73 5.90
C PHE B 960 -20.86 24.60 7.42
N VAL B 961 -19.70 24.36 8.01
CA VAL B 961 -19.60 24.22 9.46
C VAL B 961 -19.34 25.58 10.12
N HIS B 962 -18.28 26.25 9.66
CA HIS B 962 -17.95 27.58 10.15
C HIS B 962 -17.24 28.37 9.05
N PRO B 963 -17.97 29.30 8.42
CA PRO B 963 -17.38 30.08 7.32
C PRO B 963 -16.52 31.22 7.81
N ALA B 964 -15.91 31.94 6.88
CA ALA B 964 -15.14 33.14 7.18
C ALA B 964 -16.06 34.31 6.87
N ASP B 965 -17.35 34.02 6.93
CA ASP B 965 -18.41 34.97 6.64
C ASP B 965 -19.09 35.36 7.94
N GLY B 966 -20.41 35.33 7.93
CA GLY B 966 -21.16 35.69 9.11
C GLY B 966 -21.56 37.15 9.05
N SER B 967 -21.90 37.59 7.84
CA SER B 967 -22.48 38.92 7.65
C SER B 967 -23.75 38.95 8.46
N ALA B 968 -24.59 37.95 8.25
CA ALA B 968 -25.68 37.67 9.16
C ALA B 968 -25.35 36.29 9.68
N PRO B 969 -24.69 36.23 10.86
CA PRO B 969 -23.99 35.07 11.43
C PRO B 969 -24.64 33.73 11.09
N LYS B 970 -24.43 33.29 9.85
CA LYS B 970 -25.11 32.13 9.31
C LYS B 970 -24.29 30.84 9.29
N ILE B 971 -24.75 29.86 10.07
CA ILE B 971 -24.19 28.52 10.08
C ILE B 971 -25.05 27.68 9.14
N GLN B 972 -24.43 27.09 8.12
CA GLN B 972 -25.16 26.33 7.11
C GLN B 972 -25.88 25.13 7.73
N GLY B 973 -25.24 24.49 8.70
CA GLY B 973 -25.86 23.36 9.38
C GLY B 973 -25.65 23.34 10.88
N PRO B 974 -26.72 23.56 11.65
CA PRO B 974 -26.70 23.53 13.11
C PRO B 974 -26.62 22.12 13.70
N ILE B 975 -27.45 21.20 13.21
CA ILE B 975 -27.54 19.87 13.84
C ILE B 975 -26.39 18.97 13.38
N TYR B 976 -25.93 18.11 14.29
CA TYR B 976 -24.82 17.21 13.98
C TYR B 976 -25.12 15.75 14.29
N GLN B 977 -24.08 14.94 14.32
CA GLN B 977 -24.16 13.48 14.42
C GLN B 977 -24.96 13.02 15.64
N PRO B 978 -25.47 11.76 15.61
CA PRO B 978 -26.27 11.27 16.73
C PRO B 978 -25.54 11.36 18.08
N ASP B 979 -26.32 11.49 19.15
CA ASP B 979 -25.78 11.76 20.47
C ASP B 979 -24.89 10.63 21.00
N GLN B 980 -25.17 9.41 20.55
CA GLN B 980 -24.45 8.22 21.02
C GLN B 980 -22.96 8.35 20.76
N ALA B 981 -22.60 9.03 19.68
CA ALA B 981 -21.22 9.30 19.36
C ALA B 981 -20.61 10.31 20.33
N GLN B 982 -21.15 11.52 20.35
CA GLN B 982 -20.61 12.60 21.18
C GLN B 982 -21.67 13.58 21.67
N PRO B 983 -21.78 13.73 23.01
CA PRO B 983 -22.65 14.71 23.66
C PRO B 983 -22.03 16.10 23.67
N GLY B 984 -20.76 16.20 23.31
CA GLY B 984 -20.05 17.45 23.35
C GLY B 984 -20.61 18.43 22.34
N THR B 985 -21.30 19.44 22.85
CA THR B 985 -21.96 20.43 22.01
C THR B 985 -20.95 21.30 21.29
N GLY B 986 -21.26 21.69 20.07
CA GLY B 986 -20.37 22.49 19.26
C GLY B 986 -19.94 21.68 18.06
N ASN B 987 -20.13 22.25 16.87
CA ASN B 987 -19.79 21.55 15.63
C ASN B 987 -18.33 21.75 15.27
N ARG B 988 -17.89 23.01 15.25
CA ARG B 988 -16.53 23.37 14.89
C ARG B 988 -15.49 22.66 15.75
N GLU B 989 -15.75 22.63 17.06
CA GLU B 989 -14.84 22.02 18.02
C GLU B 989 -14.65 20.55 17.69
N PHE B 990 -15.77 19.84 17.64
CA PHE B 990 -15.79 18.41 17.35
C PHE B 990 -15.12 18.13 16.01
N LEU B 991 -15.36 19.02 15.05
CA LEU B 991 -14.80 18.89 13.71
C LEU B 991 -13.28 18.95 13.79
N ALA B 992 -12.77 19.95 14.49
CA ALA B 992 -11.34 20.14 14.65
C ALA B 992 -10.72 18.92 15.32
N ASN B 993 -11.36 18.44 16.39
CA ASN B 993 -10.87 17.28 17.12
C ASN B 993 -10.82 16.05 16.22
N PHE B 994 -11.90 15.81 15.47
CA PHE B 994 -12.02 14.65 14.60
C PHE B 994 -10.93 14.68 13.52
N VAL B 995 -10.75 15.84 12.90
CA VAL B 995 -9.72 16.02 11.88
C VAL B 995 -8.35 15.75 12.47
N GLY B 996 -8.15 16.21 13.70
CA GLY B 996 -6.90 15.97 14.41
C GLY B 996 -6.68 14.48 14.60
N THR B 997 -7.73 13.78 15.01
CA THR B 997 -7.66 12.34 15.24
C THR B 997 -7.29 11.60 13.96
N LEU B 998 -7.91 11.99 12.84
CA LEU B 998 -7.61 11.34 11.56
C LEU B 998 -6.17 11.61 11.14
N LEU B 999 -5.71 12.84 11.34
CA LEU B 999 -4.35 13.20 10.96
C LEU B 999 -3.36 12.40 11.81
N GLN B 1000 -3.72 12.18 13.08
CA GLN B 1000 -2.92 11.37 13.98
C GLN B 1000 -2.91 9.90 13.58
N ASN B 1001 -4.04 9.41 13.06
CA ASN B 1001 -4.11 8.05 12.55
C ASN B 1001 -3.17 7.89 11.37
N ALA B 1002 -3.16 8.90 10.49
CA ALA B 1002 -2.30 8.86 9.33
C ALA B 1002 -0.83 8.83 9.74
N PHE B 1003 -0.42 9.84 10.51
CA PHE B 1003 0.97 9.97 10.94
C PHE B 1003 1.09 10.79 12.23
N ALA B 1004 1.82 10.24 13.20
CA ALA B 1004 2.07 10.94 14.45
C ALA B 1004 3.38 11.70 14.34
N ASN B 1005 4.05 11.52 13.20
CA ASN B 1005 5.36 12.12 12.94
C ASN B 1005 5.32 13.64 12.87
N LEU B 1006 4.12 14.21 12.81
CA LEU B 1006 3.95 15.65 12.75
C LEU B 1006 3.85 16.23 14.15
N THR B 1007 4.42 17.41 14.35
CA THR B 1007 4.27 18.08 15.63
C THR B 1007 2.82 18.53 15.73
N PRO B 1008 2.22 18.38 16.93
CA PRO B 1008 0.83 18.73 17.17
C PRO B 1008 0.49 20.18 16.87
N LEU B 1009 1.41 21.09 17.17
CA LEU B 1009 1.17 22.51 16.94
C LEU B 1009 1.02 22.79 15.43
N GLN B 1010 1.79 22.07 14.62
CA GLN B 1010 1.70 22.19 13.18
C GLN B 1010 0.30 21.80 12.69
N ILE B 1011 -0.20 20.69 13.24
CA ILE B 1011 -1.53 20.18 12.90
C ILE B 1011 -2.61 21.17 13.29
N THR B 1012 -2.52 21.65 14.53
CA THR B 1012 -3.49 22.62 15.06
C THR B 1012 -3.53 23.86 14.16
N THR B 1013 -2.36 24.39 13.83
CA THR B 1013 -2.25 25.56 12.99
C THR B 1013 -2.80 25.29 11.58
N PHE B 1014 -2.58 24.08 11.09
CA PHE B 1014 -3.10 23.68 9.79
C PHE B 1014 -4.63 23.74 9.79
N VAL B 1015 -5.22 23.15 10.82
CA VAL B 1015 -6.67 23.15 10.98
C VAL B 1015 -7.19 24.58 11.02
N LYS B 1016 -6.48 25.43 11.78
CA LYS B 1016 -6.87 26.83 11.90
C LYS B 1016 -6.82 27.52 10.55
N ASP B 1017 -5.80 27.22 9.75
CA ASP B 1017 -5.68 27.76 8.40
C ASP B 1017 -6.85 27.33 7.53
N CYS B 1018 -7.25 26.07 7.67
CA CYS B 1018 -8.38 25.52 6.94
C CYS B 1018 -9.65 26.29 7.29
N PHE B 1019 -9.78 26.64 8.56
CA PHE B 1019 -10.92 27.43 9.03
C PHE B 1019 -10.88 28.87 8.52
N GLU B 1020 -9.69 29.44 8.45
CA GLU B 1020 -9.52 30.84 8.05
C GLU B 1020 -9.72 31.05 6.56
N LEU B 1021 -9.38 30.05 5.77
CA LEU B 1021 -9.31 30.22 4.33
C LEU B 1021 -10.49 29.63 3.54
N ASN B 1022 -11.58 29.31 4.24
CA ASN B 1022 -12.74 28.72 3.59
C ASN B 1022 -13.44 29.62 2.56
N THR B 1023 -13.31 30.94 2.73
CA THR B 1023 -13.90 31.87 1.76
C THR B 1023 -13.12 31.93 0.45
N GLN B 1024 -11.80 31.95 0.54
CA GLN B 1024 -10.95 32.05 -0.64
C GLN B 1024 -10.36 30.69 -1.01
N TYR B 1025 -10.69 30.21 -2.21
CA TYR B 1025 -10.25 28.90 -2.66
C TYR B 1025 -8.75 28.80 -2.91
N ASP B 1026 -8.19 29.79 -3.58
CA ASP B 1026 -6.81 29.74 -4.06
C ASP B 1026 -5.79 29.54 -2.93
N LYS B 1027 -5.86 30.40 -1.92
CA LYS B 1027 -4.92 30.36 -0.80
C LYS B 1027 -5.08 29.03 -0.08
N PHE B 1028 -6.32 28.62 0.10
CA PHE B 1028 -6.67 27.37 0.77
C PHE B 1028 -5.96 26.22 0.07
N ARG B 1029 -6.08 26.19 -1.25
CA ARG B 1029 -5.49 25.14 -2.06
C ARG B 1029 -3.96 25.19 -1.98
N VAL B 1030 -3.40 26.39 -1.85
CA VAL B 1030 -1.95 26.54 -1.73
C VAL B 1030 -1.41 25.96 -0.43
N VAL B 1031 -1.96 26.42 0.70
CA VAL B 1031 -1.50 25.93 2.01
C VAL B 1031 -1.73 24.43 2.14
N LEU B 1032 -2.90 23.99 1.68
CA LEU B 1032 -3.22 22.57 1.70
C LEU B 1032 -2.17 21.80 0.92
N ARG B 1033 -1.82 22.34 -0.26
CA ARG B 1033 -0.86 21.70 -1.13
C ARG B 1033 0.49 21.55 -0.45
N ASP B 1034 1.00 22.64 0.12
CA ASP B 1034 2.30 22.60 0.78
C ASP B 1034 2.32 21.62 1.95
N PHE B 1035 1.26 21.68 2.76
CA PHE B 1035 1.12 20.79 3.90
C PHE B 1035 1.18 19.33 3.45
N LEU B 1036 0.55 19.05 2.32
CA LEU B 1036 0.60 17.70 1.75
C LEU B 1036 2.01 17.39 1.23
N ILE B 1037 2.68 18.39 0.66
CA ILE B 1037 4.02 18.24 0.12
C ILE B 1037 5.03 17.79 1.18
N SER B 1038 4.88 18.33 2.38
CA SER B 1038 5.82 18.05 3.46
C SER B 1038 5.99 16.57 3.81
N LEU B 1039 4.91 15.80 3.73
CA LEU B 1039 4.88 14.40 4.16
C LEU B 1039 5.76 13.44 3.36
N ARG B 1040 6.40 12.51 4.06
CA ARG B 1040 7.35 11.58 3.46
C ARG B 1040 6.73 10.58 2.49
N GLU B 1041 5.63 9.95 2.91
CA GLU B 1041 4.95 8.97 2.05
C GLU B 1041 4.45 9.69 0.80
N PHE B 1042 4.09 10.95 0.96
CA PHE B 1042 3.72 11.80 -0.17
C PHE B 1042 4.92 12.16 -1.05
N ALA B 1043 6.12 12.18 -0.47
CA ALA B 1043 7.33 12.40 -1.26
C ALA B 1043 7.51 11.24 -2.24
N GLY B 1044 7.87 11.56 -3.48
CA GLY B 1044 8.03 10.54 -4.50
C GLY B 1044 6.83 10.49 -5.42
N ASP B 1045 5.75 11.14 -4.99
CA ASP B 1045 4.49 11.14 -5.73
C ASP B 1045 4.56 11.90 -7.06
N ASN B 1046 5.56 12.76 -7.21
CA ASN B 1046 5.66 13.69 -8.35
C ASN B 1046 4.61 14.79 -8.21
N ALA B 1047 4.40 15.56 -9.27
CA ALA B 1047 3.52 16.73 -9.17
C ALA B 1047 2.31 16.65 -10.10
N GLU B 1048 1.22 16.09 -9.58
CA GLU B 1048 -0.07 16.14 -10.26
C GLU B 1048 -0.88 17.27 -9.63
N LEU B 1049 -0.43 17.67 -8.45
CA LEU B 1049 -1.12 18.63 -7.60
C LEU B 1049 -1.27 20.00 -8.23
N TYR B 1050 -0.58 20.22 -9.34
CA TYR B 1050 -0.63 21.51 -10.00
C TYR B 1050 -1.65 21.54 -11.13
N GLN B 1051 -2.49 20.51 -11.21
CA GLN B 1051 -3.44 20.38 -12.33
C GLN B 1051 -4.19 21.66 -12.66
N VAL B 1052 -4.80 22.26 -11.64
CA VAL B 1052 -5.59 23.46 -11.83
C VAL B 1052 -4.73 24.52 -12.50
N GLU B 1053 -3.57 24.78 -11.91
CA GLU B 1053 -2.66 25.80 -12.40
C GLU B 1053 -2.22 25.48 -13.82
N LYS B 1054 -2.13 24.20 -14.12
CA LYS B 1054 -1.78 23.78 -15.47
C LYS B 1054 -2.91 24.12 -16.43
N GLU B 1055 -4.14 23.76 -16.06
CA GLU B 1055 -5.26 23.91 -16.99
C GLU B 1055 -5.39 25.36 -17.42
N GLN B 1056 -5.42 26.25 -16.42
CA GLN B 1056 -5.60 27.66 -16.69
C GLN B 1056 -4.49 28.19 -17.60
N GLN B 1057 -3.25 27.73 -17.41
CA GLN B 1057 -2.18 28.30 -18.20
C GLN B 1057 -2.43 27.92 -19.66
N GLU B 1058 -2.89 26.68 -19.85
CA GLU B 1058 -3.15 26.19 -21.19
C GLU B 1058 -4.28 27.02 -21.75
N ARG B 1059 -5.25 27.33 -20.88
CA ARG B 1059 -6.38 28.15 -21.26
C ARG B 1059 -5.83 29.46 -21.82
N GLU B 1060 -4.98 30.11 -21.05
CA GLU B 1060 -4.45 31.40 -21.48
C GLU B 1060 -3.69 31.20 -22.77
N ALA B 1061 -2.97 30.07 -22.85
CA ALA B 1061 -2.18 29.79 -24.03
C ALA B 1061 -3.12 29.76 -25.22
N ARG B 1062 -4.21 29.01 -25.08
CA ARG B 1062 -5.16 28.89 -26.16
C ARG B 1062 -5.75 30.26 -26.45
N ALA B 1063 -6.04 30.99 -25.37
CA ALA B 1063 -6.64 32.31 -25.50
C ALA B 1063 -5.72 33.19 -26.33
N ALA B 1064 -4.42 33.01 -26.14
CA ALA B 1064 -3.45 33.75 -26.93
C ALA B 1064 -3.43 33.23 -28.36
N ASP B 1065 -3.30 31.91 -28.50
CA ASP B 1065 -3.09 31.31 -29.80
C ASP B 1065 -4.17 31.69 -30.80
N LEU B 1066 -5.43 31.47 -30.41
CA LEU B 1066 -6.55 31.75 -31.29
C LEU B 1066 -6.53 33.21 -31.69
N GLU B 1067 -6.15 34.08 -30.77
CA GLU B 1067 -6.12 35.50 -31.06
C GLU B 1067 -5.13 35.74 -32.17
N ARG B 1068 -3.94 35.14 -32.02
CA ARG B 1068 -2.91 35.25 -33.03
C ARG B 1068 -3.45 34.62 -34.31
N ARG B 1069 -4.16 33.51 -34.17
CA ARG B 1069 -4.73 32.84 -35.33
C ARG B 1069 -5.76 33.77 -35.97
N SER B 1070 -6.48 34.50 -35.13
CA SER B 1070 -7.48 35.43 -35.62
C SER B 1070 -6.83 36.63 -36.29
N LYS B 1071 -5.59 36.95 -35.91
CA LYS B 1071 -4.94 38.14 -36.44
C LYS B 1071 -4.45 37.96 -37.86
N VAL B 1072 -4.37 36.71 -38.31
CA VAL B 1072 -3.91 36.40 -39.66
C VAL B 1072 -4.73 35.29 -40.30
N GLY B 1073 -5.32 35.58 -41.45
CA GLY B 1073 -6.14 34.62 -42.16
C GLY B 1073 -5.34 33.46 -42.73
N GLY B 1074 -5.90 32.26 -42.67
CA GLY B 1074 -5.25 31.09 -43.22
C GLY B 1074 -4.76 30.12 -42.16
N LEU B 1075 -4.41 30.63 -40.99
CA LEU B 1075 -3.95 29.79 -39.90
C LEU B 1075 -5.09 28.96 -39.31
N LEU B 1076 -6.31 29.44 -39.51
CA LEU B 1076 -7.47 28.75 -39.01
C LEU B 1076 -8.11 27.89 -40.08
N LYS B 1077 -8.27 26.61 -39.78
CA LYS B 1077 -9.00 25.70 -40.64
C LYS B 1077 -10.47 26.13 -40.68
N PRO B 1078 -11.11 26.00 -41.85
CA PRO B 1078 -12.49 26.44 -42.09
C PRO B 1078 -13.50 25.90 -41.08
N SER B 1079 -13.38 24.62 -40.75
CA SER B 1079 -14.31 23.97 -39.83
C SER B 1079 -14.28 24.60 -38.44
N GLU B 1080 -13.17 25.25 -38.11
CA GLU B 1080 -13.00 25.88 -36.80
C GLU B 1080 -13.65 27.27 -36.75
N LEU B 1081 -14.23 27.70 -37.87
CA LEU B 1081 -14.93 28.97 -37.94
C LEU B 1081 -16.42 28.80 -37.65
#